data_7PZF
#
_entry.id   7PZF
#
_cell.length_a   55.106
_cell.length_b   73.428
_cell.length_c   158.837
_cell.angle_alpha   91.12
_cell.angle_beta   97.17
_cell.angle_gamma   103.09
#
_symmetry.space_group_name_H-M   'P 1'
#
loop_
_entity.id
_entity.type
_entity.pdbx_description
1 polymer OmpK36
2 non-polymer 'LITHIUM ION'
3 non-polymer TETRADECANE
4 water water
#
_entity_poly.entity_id   1
_entity_poly.type   'polypeptide(L)'
_entity_poly.pdbx_seq_one_letter_code
;GAEIYNKDGNKLDLYGKIDGLHYFSDDKSVDGDQTYMRVGVKGETQINDQLTGYGQWEYNVQANNTESSSDQAWTRLAFA
GLKFGDAGSFDYGRNYGVVYDVTSWTDVLPEFGGDTDTYGSDNFLQSRANGVATYRNSDFFGLVDGLNFALQYQGKNGSV
SGEGATNNGRGWSKQNGDGFGTSLTYDIWDGISAGFAYSHSKRTDEQNSVPALGRGDNAETYTGGLKYDANNIYLASQYT
QTYNATRAGSLGFANKAQNFEVVAQYQFDFGLRPSVAYLQSKGKDLERGYGDQDILKYVDVGATYYFNKNMSTYVDYKIN
LLDDNSFTRNAGISTDDVVALGLVYQF
;
_entity_poly.pdbx_strand_id   A,B,C,D,E,F
#
# COMPACT_ATOMS: atom_id res chain seq x y z
N GLY A 1 -24.93 -29.41 1.49
CA GLY A 1 -25.25 -29.45 0.07
C GLY A 1 -26.21 -28.35 -0.33
N ALA A 2 -26.33 -28.13 -1.65
CA ALA A 2 -27.18 -27.14 -2.24
C ALA A 2 -28.24 -27.85 -3.09
N GLU A 3 -29.51 -27.82 -2.67
CA GLU A 3 -30.54 -28.50 -3.45
C GLU A 3 -30.82 -27.66 -4.70
N ILE A 4 -30.42 -28.16 -5.87
CA ILE A 4 -30.59 -27.44 -7.14
C ILE A 4 -31.80 -27.90 -7.97
N TYR A 5 -32.44 -28.98 -7.56
CA TYR A 5 -33.58 -29.49 -8.30
C TYR A 5 -34.46 -30.28 -7.36
N ASN A 6 -35.78 -30.09 -7.48
CA ASN A 6 -36.72 -30.87 -6.69
C ASN A 6 -38.07 -30.82 -7.38
N LYS A 7 -38.32 -31.76 -8.31
CA LYS A 7 -39.55 -31.77 -9.09
C LYS A 7 -39.94 -33.20 -9.43
N ASP A 8 -41.25 -33.46 -9.59
CA ASP A 8 -41.81 -34.76 -10.00
C ASP A 8 -41.16 -35.95 -9.26
N GLY A 9 -41.07 -35.85 -7.95
CA GLY A 9 -40.52 -36.88 -7.09
C GLY A 9 -39.03 -37.14 -7.20
N ASN A 10 -38.25 -36.20 -7.75
CA ASN A 10 -36.80 -36.38 -7.81
C ASN A 10 -36.11 -35.14 -7.30
N LYS A 11 -35.07 -35.32 -6.47
CA LYS A 11 -34.31 -34.18 -5.98
C LYS A 11 -32.84 -34.38 -6.15
N LEU A 12 -32.13 -33.29 -6.40
CA LEU A 12 -30.68 -33.35 -6.62
C LEU A 12 -30.02 -32.29 -5.75
N ASP A 13 -29.02 -32.71 -4.98
CA ASP A 13 -28.20 -31.80 -4.21
C ASP A 13 -26.83 -31.77 -4.85
N LEU A 14 -26.31 -30.58 -5.09
CA LEU A 14 -24.95 -30.39 -5.57
C LEU A 14 -24.17 -30.06 -4.28
N TYR A 15 -23.05 -30.71 -4.04
CA TYR A 15 -22.28 -30.43 -2.83
C TYR A 15 -20.81 -30.45 -3.12
N GLY A 16 -20.04 -29.89 -2.20
CA GLY A 16 -18.60 -29.92 -2.37
C GLY A 16 -17.92 -28.85 -1.55
N LYS A 17 -16.65 -28.68 -1.85
CA LYS A 17 -15.86 -27.68 -1.15
C LYS A 17 -14.65 -27.32 -1.95
N ILE A 18 -14.10 -26.13 -1.70
CA ILE A 18 -12.89 -25.68 -2.35
C ILE A 18 -11.97 -25.33 -1.19
N ASP A 19 -10.88 -26.08 -1.06
CA ASP A 19 -9.99 -25.92 0.08
C ASP A 19 -8.64 -25.35 -0.36
N GLY A 20 -8.42 -24.06 -0.05
CA GLY A 20 -7.14 -23.42 -0.30
C GLY A 20 -6.26 -23.85 0.84
N LEU A 21 -5.33 -24.78 0.58
CA LEU A 21 -4.60 -25.47 1.62
C LEU A 21 -3.12 -25.49 1.38
N HIS A 22 -2.36 -25.24 2.43
CA HIS A 22 -0.89 -25.27 2.34
C HIS A 22 -0.32 -26.08 3.49
N TYR A 23 0.65 -26.95 3.21
CA TYR A 23 1.34 -27.73 4.23
C TYR A 23 2.76 -27.16 4.39
N PHE A 24 3.28 -27.17 5.62
CA PHE A 24 4.66 -26.76 5.90
C PHE A 24 5.31 -27.97 6.55
N SER A 25 6.36 -28.52 5.93
CA SER A 25 7.01 -29.70 6.49
C SER A 25 8.42 -29.82 5.99
N ASP A 26 9.30 -30.45 6.79
CA ASP A 26 10.64 -30.78 6.30
C ASP A 26 10.60 -31.94 5.29
N ASP A 27 9.48 -32.70 5.25
CA ASP A 27 9.33 -33.80 4.31
C ASP A 27 8.90 -33.17 3.01
N LYS A 28 9.82 -33.14 2.04
CA LYS A 28 9.56 -32.52 0.74
C LYS A 28 8.47 -33.21 -0.08
N SER A 29 8.10 -34.46 0.26
CA SER A 29 7.00 -35.13 -0.45
C SER A 29 5.61 -34.67 0.06
N VAL A 30 5.57 -33.92 1.19
CA VAL A 30 4.37 -33.45 1.87
C VAL A 30 4.28 -31.88 1.81
N ASP A 31 5.44 -31.24 1.96
CA ASP A 31 5.54 -29.78 1.98
C ASP A 31 4.96 -29.10 0.74
N GLY A 32 4.33 -27.94 0.96
CA GLY A 32 3.89 -27.12 -0.15
C GLY A 32 2.40 -26.95 -0.33
N ASP A 33 2.04 -26.44 -1.51
CA ASP A 33 0.64 -26.22 -1.82
C ASP A 33 -0.09 -27.56 -1.93
N GLN A 34 -1.27 -27.62 -1.30
CA GLN A 34 -2.11 -28.82 -1.31
C GLN A 34 -3.57 -28.50 -1.70
N THR A 35 -3.81 -27.36 -2.37
CA THR A 35 -5.14 -26.94 -2.74
C THR A 35 -5.88 -28.01 -3.55
N TYR A 36 -7.14 -28.22 -3.20
CA TYR A 36 -7.96 -29.20 -3.92
C TYR A 36 -9.41 -28.81 -3.77
N MET A 37 -10.27 -29.49 -4.52
CA MET A 37 -11.70 -29.29 -4.36
C MET A 37 -12.41 -30.62 -4.48
N ARG A 38 -13.62 -30.67 -3.93
CA ARG A 38 -14.47 -31.83 -4.08
C ARG A 38 -15.78 -31.35 -4.65
N VAL A 39 -16.40 -32.19 -5.47
CA VAL A 39 -17.72 -31.84 -6.01
C VAL A 39 -18.49 -33.15 -6.13
N GLY A 40 -19.76 -33.10 -5.83
CA GLY A 40 -20.57 -34.30 -5.93
C GLY A 40 -22.04 -34.00 -6.05
N VAL A 41 -22.79 -35.05 -6.33
CA VAL A 41 -24.24 -34.95 -6.47
C VAL A 41 -24.86 -36.04 -5.59
N LYS A 42 -25.95 -35.72 -4.90
CA LYS A 42 -26.70 -36.69 -4.13
C LYS A 42 -28.11 -36.59 -4.68
N GLY A 43 -28.62 -37.67 -5.25
CA GLY A 43 -29.96 -37.67 -5.81
C GLY A 43 -30.87 -38.65 -5.11
N GLU A 44 -32.17 -38.34 -5.04
CA GLU A 44 -33.11 -39.20 -4.38
C GLU A 44 -34.45 -39.09 -5.07
N THR A 45 -35.07 -40.23 -5.39
CA THR A 45 -36.38 -40.25 -6.02
C THR A 45 -37.39 -41.00 -5.18
N GLN A 46 -38.57 -40.42 -4.99
CA GLN A 46 -39.62 -41.10 -4.23
C GLN A 46 -40.34 -42.00 -5.21
N ILE A 47 -40.16 -43.32 -5.11
CA ILE A 47 -40.82 -44.24 -6.03
C ILE A 47 -42.28 -44.43 -5.63
N ASN A 48 -42.49 -44.74 -4.35
CA ASN A 48 -43.83 -44.84 -3.80
C ASN A 48 -43.75 -44.43 -2.32
N ASP A 49 -44.86 -44.56 -1.57
CA ASP A 49 -44.86 -44.14 -0.17
C ASP A 49 -43.83 -44.83 0.71
N GLN A 50 -43.42 -46.05 0.34
CA GLN A 50 -42.46 -46.78 1.15
C GLN A 50 -41.07 -46.92 0.50
N LEU A 51 -40.97 -46.75 -0.80
CA LEU A 51 -39.73 -47.02 -1.52
C LEU A 51 -39.09 -45.77 -2.11
N THR A 52 -37.80 -45.55 -1.82
CA THR A 52 -37.07 -44.45 -2.42
CA THR A 52 -37.05 -44.44 -2.33
C THR A 52 -35.82 -44.99 -3.10
N GLY A 53 -35.50 -44.41 -4.23
CA GLY A 53 -34.27 -44.77 -4.94
C GLY A 53 -33.28 -43.64 -4.72
N TYR A 54 -31.98 -43.92 -4.79
CA TYR A 54 -30.98 -42.88 -4.57
C TYR A 54 -29.70 -43.16 -5.31
N GLY A 55 -28.88 -42.12 -5.43
CA GLY A 55 -27.58 -42.24 -6.06
C GLY A 55 -26.68 -41.16 -5.52
N GLN A 56 -25.38 -41.44 -5.49
CA GLN A 56 -24.45 -40.42 -5.02
C GLN A 56 -23.14 -40.59 -5.74
N TRP A 57 -22.55 -39.47 -6.16
CA TRP A 57 -21.23 -39.47 -6.79
C TRP A 57 -20.43 -38.37 -6.10
N GLU A 58 -19.17 -38.64 -5.77
CA GLU A 58 -18.29 -37.66 -5.15
C GLU A 58 -16.96 -37.70 -5.86
N TYR A 59 -16.51 -36.55 -6.34
CA TYR A 59 -15.28 -36.46 -7.14
C TYR A 59 -14.26 -35.58 -6.42
N ASN A 60 -12.98 -35.98 -6.47
CA ASN A 60 -11.91 -35.19 -5.87
C ASN A 60 -11.10 -34.63 -7.02
N VAL A 61 -10.84 -33.30 -7.00
CA VAL A 61 -10.10 -32.66 -8.08
C VAL A 61 -8.94 -31.88 -7.45
N GLN A 62 -7.71 -32.36 -7.64
CA GLN A 62 -6.56 -31.64 -7.10
C GLN A 62 -6.38 -30.36 -7.91
N ALA A 63 -5.91 -29.31 -7.25
CA ALA A 63 -5.62 -28.04 -7.93
C ALA A 63 -4.27 -27.48 -7.48
N ASN A 64 -3.35 -28.38 -7.01
CA ASN A 64 -2.03 -28.00 -6.55
C ASN A 64 -0.94 -28.29 -7.55
N ASN A 65 -1.28 -28.87 -8.73
CA ASN A 65 -0.27 -29.07 -9.74
C ASN A 65 -0.66 -28.35 -11.04
N THR A 66 0.20 -28.45 -12.05
CA THR A 66 0.04 -27.73 -13.29
C THR A 66 -1.08 -28.25 -14.18
N GLU A 67 -1.39 -27.49 -15.26
CA GLU A 67 -2.41 -27.95 -16.19
C GLU A 67 -1.92 -29.12 -17.07
N SER A 68 -0.60 -29.40 -17.09
CA SER A 68 -0.08 -30.54 -17.84
C SER A 68 0.20 -31.74 -16.95
N SER A 69 -0.12 -31.68 -15.63
CA SER A 69 0.10 -32.79 -14.74
C SER A 69 -0.93 -33.89 -14.96
N SER A 70 -0.55 -35.13 -14.65
CA SER A 70 -1.44 -36.27 -14.86
C SER A 70 -2.10 -36.71 -13.55
N ASP A 71 -3.22 -37.44 -13.69
CA ASP A 71 -3.88 -38.13 -12.59
C ASP A 71 -4.29 -37.18 -11.46
N GLN A 72 -4.89 -36.04 -11.82
CA GLN A 72 -5.24 -35.05 -10.81
C GLN A 72 -6.67 -35.12 -10.30
N ALA A 73 -7.51 -35.98 -10.87
CA ALA A 73 -8.90 -36.09 -10.41
C ALA A 73 -9.29 -37.55 -10.32
N TRP A 74 -10.17 -37.86 -9.36
CA TRP A 74 -10.60 -39.25 -9.20
C TRP A 74 -11.93 -39.33 -8.48
N THR A 75 -12.64 -40.46 -8.67
CA THR A 75 -13.91 -40.63 -8.01
C THR A 75 -13.71 -41.27 -6.64
N ARG A 76 -14.27 -40.62 -5.63
CA ARG A 76 -14.26 -41.13 -4.28
C ARG A 76 -15.45 -42.07 -4.05
N LEU A 77 -16.65 -41.65 -4.48
CA LEU A 77 -17.87 -42.44 -4.31
C LEU A 77 -18.68 -42.47 -5.59
N ALA A 78 -19.37 -43.58 -5.85
CA ALA A 78 -20.35 -43.64 -6.94
C ALA A 78 -21.20 -44.87 -6.67
N PHE A 79 -22.42 -44.68 -6.19
CA PHE A 79 -23.28 -45.82 -5.89
C PHE A 79 -24.74 -45.49 -6.11
N ALA A 80 -25.53 -46.54 -6.31
CA ALA A 80 -26.97 -46.39 -6.48
C ALA A 80 -27.63 -47.34 -5.49
N GLY A 81 -28.81 -46.96 -5.01
CA GLY A 81 -29.48 -47.82 -4.05
C GLY A 81 -30.98 -47.67 -3.94
N LEU A 82 -31.57 -48.52 -3.08
CA LEU A 82 -32.99 -48.48 -2.81
C LEU A 82 -33.17 -48.51 -1.30
N LYS A 83 -34.16 -47.79 -0.78
CA LYS A 83 -34.47 -47.84 0.65
C LYS A 83 -35.95 -48.19 0.78
N PHE A 84 -36.30 -49.22 1.56
CA PHE A 84 -37.72 -49.59 1.68
C PHE A 84 -38.24 -49.47 3.10
N GLY A 85 -38.90 -48.36 3.41
CA GLY A 85 -39.53 -48.13 4.71
C GLY A 85 -38.58 -48.39 5.86
N ASP A 86 -38.96 -49.30 6.76
CA ASP A 86 -38.13 -49.75 7.88
C ASP A 86 -37.37 -51.05 7.56
N ALA A 87 -37.58 -51.65 6.37
CA ALA A 87 -36.93 -52.90 6.02
C ALA A 87 -35.43 -52.71 5.69
N GLY A 88 -34.97 -51.48 5.56
CA GLY A 88 -33.54 -51.23 5.30
C GLY A 88 -33.25 -50.66 3.93
N SER A 89 -31.97 -50.51 3.64
CA SER A 89 -31.54 -50.01 2.35
C SER A 89 -30.49 -50.95 1.74
N PHE A 90 -30.34 -50.89 0.40
CA PHE A 90 -29.32 -51.67 -0.27
C PHE A 90 -28.70 -50.76 -1.32
N ASP A 91 -27.37 -50.68 -1.35
CA ASP A 91 -26.71 -49.93 -2.43
C ASP A 91 -25.50 -50.68 -2.94
N TYR A 92 -25.10 -50.36 -4.17
CA TYR A 92 -23.93 -51.01 -4.76
C TYR A 92 -23.14 -49.98 -5.56
N GLY A 93 -21.82 -50.11 -5.50
CA GLY A 93 -20.92 -49.29 -6.30
C GLY A 93 -19.64 -49.04 -5.55
N ARG A 94 -19.05 -47.85 -5.73
CA ARG A 94 -17.87 -47.46 -4.98
C ARG A 94 -18.39 -46.72 -3.76
N ASN A 95 -18.15 -47.27 -2.58
CA ASN A 95 -18.71 -46.71 -1.37
C ASN A 95 -17.79 -47.05 -0.19
N TYR A 96 -18.08 -46.53 1.00
CA TYR A 96 -17.28 -46.84 2.17
C TYR A 96 -17.49 -48.28 2.63
N GLY A 97 -16.38 -48.89 3.02
CA GLY A 97 -16.42 -50.17 3.71
C GLY A 97 -17.05 -49.95 5.09
N VAL A 98 -17.80 -50.93 5.60
CA VAL A 98 -18.53 -50.77 6.85
C VAL A 98 -17.64 -50.59 8.07
N VAL A 99 -16.33 -50.90 7.98
CA VAL A 99 -15.44 -50.64 9.12
C VAL A 99 -15.43 -49.12 9.45
N TYR A 100 -15.54 -48.28 8.42
CA TYR A 100 -15.60 -46.81 8.55
C TYR A 100 -16.85 -46.35 9.27
N ASP A 101 -17.90 -47.21 9.39
CA ASP A 101 -19.10 -46.82 10.19
C ASP A 101 -18.68 -46.50 11.64
N VAL A 102 -17.60 -47.16 12.12
CA VAL A 102 -17.11 -46.90 13.48
C VAL A 102 -15.82 -46.07 13.46
N THR A 103 -14.84 -46.40 12.57
CA THR A 103 -13.58 -45.62 12.57
C THR A 103 -13.80 -44.16 12.17
N SER A 104 -14.91 -43.85 11.46
CA SER A 104 -15.19 -42.45 11.10
C SER A 104 -15.36 -41.55 12.34
N TRP A 105 -15.68 -42.14 13.50
CA TRP A 105 -15.88 -41.34 14.71
C TRP A 105 -14.64 -40.55 15.13
N THR A 106 -13.46 -41.05 14.79
CA THR A 106 -12.23 -40.29 15.09
C THR A 106 -11.69 -39.54 13.86
N ASP A 107 -12.39 -39.61 12.71
CA ASP A 107 -11.93 -38.93 11.49
C ASP A 107 -12.56 -37.54 11.50
N VAL A 108 -12.14 -36.72 12.48
CA VAL A 108 -12.70 -35.39 12.69
C VAL A 108 -11.63 -34.33 12.94
N LEU A 109 -10.35 -34.63 12.62
CA LEU A 109 -9.30 -33.66 12.87
C LEU A 109 -9.47 -32.47 11.90
N PRO A 110 -8.88 -31.32 12.23
CA PRO A 110 -9.03 -30.16 11.34
C PRO A 110 -8.56 -30.43 9.91
N GLU A 111 -7.47 -31.21 9.76
CA GLU A 111 -6.93 -31.57 8.45
C GLU A 111 -6.45 -33.02 8.38
N PHE A 112 -5.66 -33.47 9.37
CA PHE A 112 -5.02 -34.78 9.30
C PHE A 112 -5.98 -35.93 9.70
N GLY A 113 -5.44 -37.12 9.96
CA GLY A 113 -6.27 -38.26 10.35
C GLY A 113 -6.96 -38.92 9.18
N GLY A 114 -7.91 -39.79 9.49
CA GLY A 114 -8.70 -40.48 8.48
C GLY A 114 -7.97 -41.50 7.65
N ASP A 115 -8.39 -41.61 6.37
CA ASP A 115 -7.83 -42.63 5.48
C ASP A 115 -6.47 -42.27 4.90
N THR A 116 -5.76 -41.34 5.53
CA THR A 116 -4.37 -41.08 5.19
C THR A 116 -3.46 -41.63 6.34
N ASP A 117 -4.04 -42.20 7.43
CA ASP A 117 -3.24 -42.63 8.55
C ASP A 117 -3.36 -44.14 8.92
N THR A 118 -4.19 -44.58 9.94
CA THR A 118 -4.15 -45.99 10.35
C THR A 118 -4.71 -46.96 9.30
N TYR A 119 -5.48 -46.44 8.35
CA TYR A 119 -6.03 -47.21 7.25
C TYR A 119 -6.04 -46.29 6.02
N GLY A 120 -6.32 -46.86 4.85
CA GLY A 120 -6.39 -46.05 3.65
C GLY A 120 -7.61 -46.36 2.80
N SER A 121 -7.67 -45.77 1.60
CA SER A 121 -8.71 -46.07 0.62
C SER A 121 -8.26 -47.27 -0.24
N ASP A 122 -9.26 -48.00 -0.74
CA ASP A 122 -9.05 -49.25 -1.46
C ASP A 122 -8.21 -50.23 -0.64
N ASN A 123 -8.49 -50.26 0.68
CA ASN A 123 -7.74 -51.04 1.65
C ASN A 123 -8.73 -51.99 2.28
N PHE A 124 -9.12 -53.02 1.50
CA PHE A 124 -10.17 -53.95 1.92
C PHE A 124 -11.47 -53.15 2.26
N LEU A 125 -12.11 -53.40 3.41
CA LEU A 125 -13.34 -52.68 3.72
C LEU A 125 -13.11 -51.61 4.77
N GLN A 126 -11.88 -51.03 4.81
CA GLN A 126 -11.57 -50.03 5.84
C GLN A 126 -11.92 -48.61 5.45
N SER A 127 -12.00 -48.33 4.14
CA SER A 127 -12.40 -46.98 3.71
C SER A 127 -13.14 -47.12 2.38
N ARG A 128 -13.04 -46.14 1.46
CA ARG A 128 -13.73 -46.24 0.16
C ARG A 128 -13.22 -47.47 -0.60
N ALA A 129 -14.14 -48.15 -1.29
CA ALA A 129 -13.84 -49.43 -1.88
C ALA A 129 -14.66 -49.65 -3.16
N ASN A 130 -14.08 -50.37 -4.13
CA ASN A 130 -14.84 -50.67 -5.33
C ASN A 130 -15.69 -51.92 -5.14
N GLY A 131 -16.88 -51.90 -5.73
CA GLY A 131 -17.71 -53.09 -5.82
C GLY A 131 -18.31 -53.60 -4.55
N VAL A 132 -18.69 -52.66 -3.65
CA VAL A 132 -19.32 -53.07 -2.41
C VAL A 132 -20.83 -53.06 -2.52
N ALA A 133 -21.47 -54.15 -2.08
CA ALA A 133 -22.92 -54.28 -1.97
C ALA A 133 -23.19 -54.14 -0.48
N THR A 134 -24.00 -53.16 -0.11
CA THR A 134 -24.17 -52.87 1.31
C THR A 134 -25.62 -52.82 1.69
N TYR A 135 -25.99 -53.61 2.70
CA TYR A 135 -27.33 -53.58 3.27
C TYR A 135 -27.21 -52.82 4.60
N ARG A 136 -28.12 -51.86 4.85
CA ARG A 136 -28.10 -51.12 6.10
C ARG A 136 -29.47 -51.08 6.72
N ASN A 137 -29.50 -51.00 8.05
CA ASN A 137 -30.78 -50.94 8.75
C ASN A 137 -30.66 -49.98 9.88
N SER A 138 -31.53 -48.97 9.92
CA SER A 138 -31.48 -48.00 11.01
CA SER A 138 -31.47 -48.01 11.02
C SER A 138 -32.60 -48.25 12.02
N ASP A 139 -32.28 -48.07 13.30
CA ASP A 139 -33.22 -48.24 14.39
C ASP A 139 -33.84 -49.63 14.46
N PHE A 140 -33.09 -50.67 14.05
CA PHE A 140 -33.54 -52.07 14.06
C PHE A 140 -34.98 -52.26 13.56
N PHE A 141 -35.18 -52.04 12.24
CA PHE A 141 -36.50 -52.16 11.63
C PHE A 141 -37.53 -51.19 12.23
N GLY A 142 -37.06 -50.07 12.76
CA GLY A 142 -37.88 -49.06 13.42
C GLY A 142 -38.31 -49.45 14.82
N LEU A 143 -37.78 -50.58 15.36
CA LEU A 143 -38.18 -51.11 16.67
C LEU A 143 -37.30 -50.73 17.83
N VAL A 144 -36.02 -50.38 17.56
CA VAL A 144 -35.08 -50.01 18.62
C VAL A 144 -34.38 -48.74 18.24
N ASP A 145 -34.82 -47.60 18.80
CA ASP A 145 -34.21 -46.31 18.45
C ASP A 145 -32.71 -46.29 18.74
N GLY A 146 -31.94 -45.88 17.76
CA GLY A 146 -30.50 -45.72 17.87
C GLY A 146 -29.67 -46.94 17.54
N LEU A 147 -30.32 -48.10 17.33
CA LEU A 147 -29.57 -49.32 17.03
C LEU A 147 -29.49 -49.54 15.52
N ASN A 148 -28.31 -49.42 14.93
CA ASN A 148 -28.12 -49.58 13.49
C ASN A 148 -27.17 -50.73 13.21
N PHE A 149 -27.34 -51.37 12.04
CA PHE A 149 -26.39 -52.40 11.64
C PHE A 149 -26.22 -52.41 10.13
N ALA A 150 -25.15 -53.01 9.66
CA ALA A 150 -24.90 -53.12 8.23
C ALA A 150 -24.26 -54.45 7.92
N LEU A 151 -24.53 -54.95 6.70
CA LEU A 151 -23.95 -56.19 6.21
C LEU A 151 -23.42 -55.84 4.82
N GLN A 152 -22.18 -56.19 4.53
CA GLN A 152 -21.59 -55.78 3.27
C GLN A 152 -20.82 -56.88 2.61
N TYR A 153 -20.88 -56.95 1.28
CA TYR A 153 -20.12 -57.95 0.52
C TYR A 153 -19.30 -57.22 -0.54
N GLN A 154 -18.09 -57.70 -0.83
CA GLN A 154 -17.27 -57.10 -1.88
C GLN A 154 -16.70 -58.22 -2.74
N GLY A 155 -16.89 -58.12 -4.04
CA GLY A 155 -16.30 -59.08 -4.97
C GLY A 155 -14.82 -58.79 -5.15
N LYS A 156 -14.06 -59.81 -5.58
CA LYS A 156 -12.64 -59.66 -5.87
C LYS A 156 -12.36 -58.49 -6.82
N ASN A 157 -11.32 -57.70 -6.50
CA ASN A 157 -10.78 -56.66 -7.37
C ASN A 157 -9.32 -57.10 -7.47
N GLY A 158 -8.97 -57.74 -8.58
CA GLY A 158 -7.72 -58.45 -8.72
C GLY A 158 -6.58 -57.74 -9.39
N SER A 159 -5.70 -58.52 -9.96
CA SER A 159 -4.51 -58.01 -10.61
C SER A 159 -4.82 -57.42 -11.99
N VAL A 160 -3.86 -56.70 -12.56
CA VAL A 160 -4.03 -56.09 -13.87
C VAL A 160 -4.08 -57.15 -14.96
N SER A 161 -3.23 -58.19 -14.85
CA SER A 161 -3.24 -59.26 -15.83
C SER A 161 -2.99 -60.63 -15.17
N GLY A 162 -3.04 -61.71 -15.95
CA GLY A 162 -2.81 -63.04 -15.42
C GLY A 162 -4.02 -63.71 -14.79
N GLU A 163 -3.79 -64.85 -14.14
CA GLU A 163 -4.83 -65.67 -13.51
C GLU A 163 -5.64 -64.95 -12.44
N GLY A 164 -5.02 -64.01 -11.76
CA GLY A 164 -5.72 -63.30 -10.68
C GLY A 164 -6.46 -62.06 -11.13
N ALA A 165 -6.53 -61.81 -12.44
CA ALA A 165 -7.12 -60.58 -12.95
C ALA A 165 -8.61 -60.46 -12.85
N THR A 166 -9.08 -59.21 -12.73
CA THR A 166 -10.44 -58.79 -12.95
C THR A 166 -10.37 -57.65 -13.98
N ASN A 167 -11.52 -57.20 -14.52
CA ASN A 167 -11.49 -56.12 -15.54
C ASN A 167 -10.81 -54.86 -15.02
N ASN A 168 -10.99 -54.60 -13.70
CA ASN A 168 -10.60 -53.38 -13.02
C ASN A 168 -9.39 -53.63 -12.12
N GLY A 169 -8.39 -54.26 -12.70
CA GLY A 169 -7.19 -54.64 -11.96
C GLY A 169 -6.40 -53.48 -11.41
N ARG A 170 -5.64 -53.75 -10.35
CA ARG A 170 -4.80 -52.75 -9.71
C ARG A 170 -3.63 -53.44 -9.01
N GLY A 171 -2.74 -52.66 -8.39
CA GLY A 171 -1.59 -53.23 -7.71
C GLY A 171 -1.94 -53.87 -6.39
N TRP A 172 -1.02 -54.71 -5.85
CA TRP A 172 -1.28 -55.48 -4.63
C TRP A 172 -1.79 -54.69 -3.45
N SER A 173 -1.33 -53.43 -3.28
CA SER A 173 -1.72 -52.65 -2.12
C SER A 173 -3.21 -52.29 -2.11
N LYS A 174 -3.86 -52.39 -3.27
CA LYS A 174 -5.26 -52.02 -3.42
C LYS A 174 -6.12 -53.17 -3.95
N GLN A 175 -5.60 -54.40 -3.96
CA GLN A 175 -6.35 -55.57 -4.40
C GLN A 175 -7.17 -56.13 -3.21
N ASN A 176 -8.12 -57.00 -3.53
CA ASN A 176 -8.84 -57.75 -2.53
C ASN A 176 -9.46 -58.96 -3.19
N GLY A 177 -9.61 -60.02 -2.41
CA GLY A 177 -10.40 -61.14 -2.87
C GLY A 177 -11.85 -60.90 -2.44
N ASP A 178 -12.72 -61.91 -2.60
CA ASP A 178 -14.11 -61.80 -2.13
C ASP A 178 -14.08 -61.60 -0.61
N GLY A 179 -14.96 -60.75 -0.11
CA GLY A 179 -14.97 -60.51 1.34
C GLY A 179 -16.28 -59.97 1.83
N PHE A 180 -16.37 -59.85 3.13
CA PHE A 180 -17.60 -59.32 3.73
C PHE A 180 -17.27 -58.58 5.00
N GLY A 181 -18.22 -57.76 5.42
CA GLY A 181 -18.06 -57.01 6.66
C GLY A 181 -19.40 -56.74 7.30
N THR A 182 -19.35 -56.46 8.60
CA THR A 182 -20.54 -56.09 9.34
C THR A 182 -20.21 -54.94 10.29
N SER A 183 -21.24 -54.17 10.64
CA SER A 183 -21.07 -53.14 11.66
C SER A 183 -22.32 -53.06 12.49
N LEU A 184 -22.17 -52.55 13.70
CA LEU A 184 -23.29 -52.35 14.60
C LEU A 184 -22.97 -51.11 15.40
N THR A 185 -23.85 -50.10 15.32
CA THR A 185 -23.64 -48.90 16.15
C THR A 185 -24.88 -48.69 16.98
N TYR A 186 -24.69 -48.25 18.22
CA TYR A 186 -25.83 -48.03 19.10
C TYR A 186 -25.69 -46.64 19.70
N ASP A 187 -26.55 -45.71 19.26
CA ASP A 187 -26.64 -44.37 19.84
C ASP A 187 -27.61 -44.64 21.00
N ILE A 188 -27.09 -45.01 22.15
CA ILE A 188 -27.86 -45.43 23.32
C ILE A 188 -28.77 -44.30 23.84
N TRP A 189 -28.26 -43.10 23.77
CA TRP A 189 -29.00 -41.90 24.15
C TRP A 189 -28.42 -40.78 23.30
N ASP A 190 -29.12 -39.65 23.20
CA ASP A 190 -28.61 -38.51 22.42
C ASP A 190 -27.21 -38.11 22.91
N GLY A 191 -26.24 -38.36 22.08
CA GLY A 191 -24.87 -38.01 22.39
C GLY A 191 -23.92 -39.11 22.80
N ILE A 192 -24.39 -40.30 23.20
CA ILE A 192 -23.46 -41.35 23.62
C ILE A 192 -23.65 -42.58 22.74
N SER A 193 -22.56 -43.01 22.12
CA SER A 193 -22.63 -44.12 21.18
C SER A 193 -21.50 -45.13 21.40
N ALA A 194 -21.79 -46.40 21.08
CA ALA A 194 -20.77 -47.47 21.08
C ALA A 194 -20.91 -48.19 19.74
N GLY A 195 -19.80 -48.65 19.19
CA GLY A 195 -19.85 -49.30 17.89
C GLY A 195 -18.85 -50.44 17.75
N PHE A 196 -19.20 -51.38 16.89
CA PHE A 196 -18.33 -52.52 16.59
CA PHE A 196 -18.35 -52.54 16.59
C PHE A 196 -18.36 -52.77 15.09
N ALA A 197 -17.23 -53.22 14.53
CA ALA A 197 -17.22 -53.57 13.11
C ALA A 197 -16.25 -54.73 12.89
N TYR A 198 -16.57 -55.55 11.92
CA TYR A 198 -15.74 -56.70 11.59
C TYR A 198 -15.62 -56.81 10.08
N SER A 199 -14.48 -57.25 9.58
CA SER A 199 -14.35 -57.54 8.15
C SER A 199 -13.46 -58.75 7.94
N HIS A 200 -13.73 -59.48 6.86
CA HIS A 200 -12.99 -60.69 6.52
C HIS A 200 -12.96 -60.78 5.02
N SER A 201 -11.77 -60.73 4.44
CA SER A 201 -11.67 -60.84 2.99
C SER A 201 -10.61 -61.83 2.63
N LYS A 202 -10.77 -62.49 1.48
CA LYS A 202 -9.68 -63.31 0.97
C LYS A 202 -8.60 -62.35 0.46
N ARG A 203 -7.33 -62.74 0.60
CA ARG A 203 -6.25 -61.99 0.03
C ARG A 203 -5.95 -62.56 -1.36
N THR A 204 -5.18 -61.84 -2.15
CA THR A 204 -4.86 -62.31 -3.51
C THR A 204 -3.45 -62.91 -3.58
N ASP A 205 -3.17 -63.65 -4.67
CA ASP A 205 -1.83 -64.22 -4.85
C ASP A 205 -0.76 -63.13 -4.93
N GLU A 206 -1.05 -61.98 -5.58
CA GLU A 206 -0.02 -60.92 -5.62
C GLU A 206 0.23 -60.33 -4.25
N GLN A 207 -0.81 -60.27 -3.37
CA GLN A 207 -0.56 -59.79 -2.01
C GLN A 207 0.38 -60.73 -1.23
N ASN A 208 0.40 -62.02 -1.60
CA ASN A 208 1.26 -63.00 -0.95
C ASN A 208 2.57 -63.25 -1.71
N SER A 209 2.97 -62.32 -2.57
CA SER A 209 4.21 -62.50 -3.31
C SER A 209 4.95 -61.21 -3.58
N VAL A 210 4.26 -60.21 -4.15
CA VAL A 210 4.95 -59.00 -4.55
C VAL A 210 5.51 -58.21 -3.36
N PRO A 211 4.69 -57.85 -2.36
CA PRO A 211 5.24 -57.09 -1.23
C PRO A 211 6.24 -57.89 -0.41
N ALA A 212 7.19 -57.19 0.21
CA ALA A 212 8.20 -57.84 1.03
C ALA A 212 7.60 -58.43 2.31
N LEU A 213 6.57 -57.78 2.87
CA LEU A 213 6.03 -58.21 4.15
C LEU A 213 4.57 -58.64 4.08
N GLY A 214 4.18 -59.49 5.01
CA GLY A 214 2.79 -59.92 5.21
C GLY A 214 2.40 -61.09 4.34
N ARG A 215 1.98 -62.19 4.98
CA ARG A 215 1.59 -63.39 4.23
C ARG A 215 0.38 -63.98 4.95
N GLY A 216 -0.62 -64.37 4.19
CA GLY A 216 -1.79 -64.99 4.78
C GLY A 216 -2.93 -65.09 3.80
N ASP A 217 -3.80 -66.08 4.01
CA ASP A 217 -4.91 -66.29 3.11
C ASP A 217 -5.99 -65.25 3.24
N ASN A 218 -6.17 -64.71 4.45
CA ASN A 218 -7.27 -63.77 4.67
C ASN A 218 -6.83 -62.51 5.41
N ALA A 219 -7.55 -61.41 5.13
CA ALA A 219 -7.37 -60.14 5.81
C ALA A 219 -8.57 -59.97 6.73
N GLU A 220 -8.33 -59.57 7.98
CA GLU A 220 -9.44 -59.41 8.94
C GLU A 220 -9.23 -58.19 9.77
N THR A 221 -10.34 -57.55 10.17
CA THR A 221 -10.28 -56.39 11.06
C THR A 221 -11.35 -56.52 12.12
N TYR A 222 -11.03 -56.06 13.33
CA TYR A 222 -11.97 -56.08 14.47
C TYR A 222 -11.89 -54.69 15.07
N THR A 223 -13.03 -53.96 15.13
CA THR A 223 -13.01 -52.58 15.60
C THR A 223 -14.02 -52.36 16.71
N GLY A 224 -13.62 -51.60 17.73
CA GLY A 224 -14.54 -51.13 18.77
C GLY A 224 -14.39 -49.62 18.85
N GLY A 225 -15.49 -48.90 18.99
CA GLY A 225 -15.43 -47.45 19.06
C GLY A 225 -16.40 -46.88 20.07
N LEU A 226 -16.09 -45.69 20.58
CA LEU A 226 -16.93 -44.99 21.55
C LEU A 226 -17.00 -43.51 21.13
N LYS A 227 -18.14 -42.87 21.34
CA LYS A 227 -18.28 -41.47 20.95
C LYS A 227 -19.19 -40.76 21.95
N TYR A 228 -18.75 -39.57 22.38
CA TYR A 228 -19.52 -38.69 23.23
C TYR A 228 -19.63 -37.37 22.45
N ASP A 229 -20.84 -36.89 22.19
CA ASP A 229 -21.05 -35.67 21.42
C ASP A 229 -22.20 -34.93 22.04
N ALA A 230 -21.91 -34.11 23.05
CA ALA A 230 -22.93 -33.37 23.80
C ALA A 230 -22.25 -32.30 24.65
N ASN A 231 -23.02 -31.30 25.13
CA ASN A 231 -22.47 -30.25 25.99
C ASN A 231 -21.26 -29.53 25.40
N ASN A 232 -21.29 -29.31 24.07
CA ASN A 232 -20.24 -28.63 23.31
C ASN A 232 -18.94 -29.42 23.24
N ILE A 233 -18.93 -30.67 23.71
CA ILE A 233 -17.72 -31.49 23.73
C ILE A 233 -17.85 -32.66 22.78
N TYR A 234 -16.73 -33.03 22.13
CA TYR A 234 -16.73 -34.20 21.26
C TYR A 234 -15.56 -35.05 21.72
N LEU A 235 -15.82 -36.29 22.15
CA LEU A 235 -14.76 -37.21 22.53
C LEU A 235 -15.00 -38.47 21.74
N ALA A 236 -13.96 -39.05 21.13
CA ALA A 236 -14.15 -40.31 20.44
C ALA A 236 -12.89 -41.12 20.49
N SER A 237 -13.05 -42.43 20.43
CA SER A 237 -11.92 -43.33 20.34
C SER A 237 -12.29 -44.51 19.48
N GLN A 238 -11.27 -45.10 18.83
CA GLN A 238 -11.51 -46.31 18.08
C GLN A 238 -10.27 -47.16 18.23
N TYR A 239 -10.49 -48.45 18.48
CA TYR A 239 -9.38 -49.41 18.52
C TYR A 239 -9.67 -50.46 17.48
N THR A 240 -8.70 -50.71 16.57
CA THR A 240 -8.87 -51.72 15.54
C THR A 240 -7.71 -52.68 15.56
N GLN A 241 -7.98 -53.99 15.60
CA GLN A 241 -6.91 -54.99 15.54
C GLN A 241 -7.06 -55.65 14.17
N THR A 242 -5.96 -55.70 13.39
CA THR A 242 -6.03 -56.24 12.06
C THR A 242 -5.06 -57.40 11.87
N TYR A 243 -5.35 -58.24 10.86
CA TYR A 243 -4.51 -59.35 10.46
C TYR A 243 -4.38 -59.28 8.94
N ASN A 244 -3.13 -59.12 8.45
CA ASN A 244 -2.83 -59.08 7.01
C ASN A 244 -3.64 -58.00 6.27
N ALA A 245 -3.98 -56.90 6.94
CA ALA A 245 -4.85 -55.87 6.35
C ALA A 245 -4.36 -54.46 6.48
N THR A 246 -3.40 -54.19 7.37
CA THR A 246 -2.84 -52.86 7.54
C THR A 246 -1.59 -52.73 6.74
N ARG A 247 -1.51 -51.70 5.89
CA ARG A 247 -0.32 -51.51 5.08
C ARG A 247 0.87 -51.09 5.94
N ALA A 248 2.05 -51.60 5.62
CA ALA A 248 3.27 -51.20 6.33
C ALA A 248 4.02 -50.36 5.28
N GLY A 249 3.42 -49.21 4.90
CA GLY A 249 3.97 -48.39 3.83
C GLY A 249 4.09 -49.20 2.54
N SER A 250 5.18 -49.01 1.81
CA SER A 250 5.40 -49.75 0.58
C SER A 250 5.99 -51.16 0.84
N LEU A 251 6.32 -51.50 2.10
CA LEU A 251 6.91 -52.80 2.40
C LEU A 251 5.95 -53.97 2.29
N GLY A 252 4.64 -53.70 2.45
CA GLY A 252 3.65 -54.75 2.33
C GLY A 252 2.55 -54.55 3.34
N PHE A 253 2.12 -55.64 3.97
CA PHE A 253 1.10 -55.59 5.02
C PHE A 253 1.69 -56.13 6.31
N ALA A 254 1.17 -55.63 7.43
CA ALA A 254 1.58 -56.14 8.73
C ALA A 254 0.82 -57.42 9.01
N ASN A 255 1.52 -58.52 9.40
CA ASN A 255 0.81 -59.77 9.75
C ASN A 255 -0.24 -59.50 10.84
N LYS A 256 0.10 -58.62 11.78
CA LYS A 256 -0.86 -58.16 12.77
C LYS A 256 -0.60 -56.67 13.00
N ALA A 257 -1.67 -55.90 13.24
CA ALA A 257 -1.48 -54.52 13.64
C ALA A 257 -2.51 -54.12 14.68
N GLN A 258 -2.12 -53.18 15.55
CA GLN A 258 -2.99 -52.67 16.58
C GLN A 258 -3.06 -51.16 16.30
N ASN A 259 -4.27 -50.65 15.97
CA ASN A 259 -4.46 -49.24 15.62
C ASN A 259 -5.33 -48.57 16.65
N PHE A 260 -4.94 -47.38 17.09
CA PHE A 260 -5.70 -46.68 18.10
C PHE A 260 -5.75 -45.21 17.77
N GLU A 261 -6.94 -44.62 17.84
CA GLU A 261 -7.11 -43.19 17.62
C GLU A 261 -8.01 -42.65 18.73
N VAL A 262 -7.67 -41.47 19.24
CA VAL A 262 -8.50 -40.84 20.26
C VAL A 262 -8.47 -39.34 19.98
N VAL A 263 -9.62 -38.66 20.16
CA VAL A 263 -9.71 -37.24 19.88
C VAL A 263 -10.63 -36.56 20.89
N ALA A 264 -10.29 -35.34 21.27
CA ALA A 264 -11.11 -34.51 22.13
C ALA A 264 -11.21 -33.12 21.49
N GLN A 265 -12.42 -32.59 21.40
CA GLN A 265 -12.64 -31.27 20.82
C GLN A 265 -13.68 -30.51 21.65
N TYR A 266 -13.68 -29.21 21.51
CA TYR A 266 -14.65 -28.36 22.18
C TYR A 266 -15.17 -27.37 21.17
N GLN A 267 -16.48 -27.14 21.14
CA GLN A 267 -17.06 -26.20 20.22
C GLN A 267 -17.51 -24.94 20.95
N PHE A 268 -16.78 -23.83 20.74
CA PHE A 268 -17.22 -22.55 21.29
C PHE A 268 -18.38 -22.03 20.45
N ASP A 269 -19.33 -21.34 21.09
CA ASP A 269 -20.48 -20.79 20.41
C ASP A 269 -20.09 -19.77 19.32
N PHE A 270 -18.98 -19.05 19.52
CA PHE A 270 -18.58 -18.04 18.54
C PHE A 270 -17.96 -18.66 17.25
N GLY A 271 -17.73 -19.98 17.23
CA GLY A 271 -17.26 -20.64 16.01
C GLY A 271 -15.95 -21.41 16.11
N LEU A 272 -15.14 -21.15 17.15
CA LEU A 272 -13.84 -21.82 17.28
C LEU A 272 -13.97 -23.24 17.82
N ARG A 273 -13.25 -24.18 17.21
CA ARG A 273 -13.33 -25.58 17.62
C ARG A 273 -11.91 -26.15 17.75
N PRO A 274 -11.28 -25.97 18.91
CA PRO A 274 -9.95 -26.59 19.13
C PRO A 274 -10.06 -28.12 19.17
N SER A 275 -8.96 -28.79 18.86
CA SER A 275 -8.94 -30.23 18.78
C SER A 275 -7.58 -30.78 19.19
N VAL A 276 -7.58 -31.87 19.95
CA VAL A 276 -6.34 -32.57 20.31
C VAL A 276 -6.60 -34.05 20.05
N ALA A 277 -5.62 -34.74 19.46
CA ALA A 277 -5.81 -36.15 19.14
C ALA A 277 -4.49 -36.92 19.22
N TYR A 278 -4.59 -38.25 19.32
CA TYR A 278 -3.42 -39.11 19.33
C TYR A 278 -3.75 -40.30 18.43
N LEU A 279 -2.84 -40.63 17.51
CA LEU A 279 -3.08 -41.74 16.60
C LEU A 279 -1.84 -42.62 16.56
N GLN A 280 -2.04 -43.92 16.54
CA GLN A 280 -0.92 -44.85 16.41
C GLN A 280 -1.33 -46.11 15.69
N SER A 281 -0.37 -46.71 14.98
CA SER A 281 -0.60 -47.99 14.32
C SER A 281 0.67 -48.77 14.62
N LYS A 282 0.55 -49.89 15.33
CA LYS A 282 1.69 -50.71 15.75
C LYS A 282 1.67 -52.01 14.96
N GLY A 283 2.70 -52.24 14.14
CA GLY A 283 2.79 -53.49 13.39
C GLY A 283 3.49 -54.54 14.23
N LYS A 284 3.00 -55.78 14.16
CA LYS A 284 3.53 -56.89 14.93
C LYS A 284 3.82 -58.07 14.04
N ASP A 285 4.83 -58.87 14.42
CA ASP A 285 5.19 -60.09 13.70
C ASP A 285 5.59 -59.86 12.25
N LEU A 286 6.25 -58.72 12.01
CA LEU A 286 6.71 -58.40 10.65
C LEU A 286 7.92 -59.30 10.33
N GLU A 287 7.99 -59.75 9.10
CA GLU A 287 9.09 -60.60 8.62
C GLU A 287 10.38 -59.79 8.41
N ARG A 288 11.43 -60.47 7.89
CA ARG A 288 12.68 -59.82 7.50
C ARG A 288 13.40 -59.10 8.61
N GLY A 289 13.23 -59.60 9.82
CA GLY A 289 13.90 -59.06 11.01
C GLY A 289 13.28 -57.82 11.63
N TYR A 290 12.13 -57.38 11.10
CA TYR A 290 11.49 -56.17 11.63
C TYR A 290 10.80 -56.39 12.98
N GLY A 291 10.17 -57.55 13.18
CA GLY A 291 9.49 -57.83 14.44
C GLY A 291 8.34 -56.87 14.68
N ASP A 292 8.43 -56.05 15.73
CA ASP A 292 7.39 -55.07 16.03
C ASP A 292 7.90 -53.71 15.64
N GLN A 293 7.10 -52.94 14.88
CA GLN A 293 7.50 -51.60 14.45
C GLN A 293 6.33 -50.68 14.44
N ASP A 294 6.56 -49.40 14.78
CA ASP A 294 5.51 -48.40 14.66
C ASP A 294 5.36 -48.02 13.19
N ILE A 295 4.13 -48.11 12.68
CA ILE A 295 3.80 -47.72 11.31
C ILE A 295 3.36 -46.25 11.29
N LEU A 296 2.69 -45.78 12.36
CA LEU A 296 2.20 -44.42 12.46
CA LEU A 296 2.19 -44.44 12.48
C LEU A 296 2.18 -44.06 13.95
N LYS A 297 2.55 -42.83 14.31
CA LYS A 297 2.52 -42.42 15.72
C LYS A 297 2.64 -40.91 15.81
N TYR A 298 1.54 -40.23 16.15
CA TYR A 298 1.62 -38.79 16.27
C TYR A 298 0.56 -38.21 17.18
N VAL A 299 0.84 -37.02 17.71
CA VAL A 299 -0.09 -36.21 18.47
C VAL A 299 -0.50 -35.10 17.53
N ASP A 300 -1.80 -34.77 17.52
CA ASP A 300 -2.28 -33.72 16.64
C ASP A 300 -2.92 -32.63 17.47
N VAL A 301 -2.57 -31.37 17.18
CA VAL A 301 -3.21 -30.23 17.86
CA VAL A 301 -3.16 -30.22 17.87
C VAL A 301 -3.60 -29.22 16.80
N GLY A 302 -4.84 -28.75 16.85
CA GLY A 302 -5.30 -27.81 15.85
C GLY A 302 -6.59 -27.14 16.21
N ALA A 303 -7.12 -26.35 15.30
CA ALA A 303 -8.40 -25.68 15.53
C ALA A 303 -9.02 -25.30 14.21
N THR A 304 -10.33 -25.33 14.16
CA THR A 304 -11.09 -24.87 13.01
C THR A 304 -11.96 -23.72 13.48
N TYR A 305 -12.07 -22.67 12.70
CA TYR A 305 -12.97 -21.58 12.99
C TYR A 305 -14.07 -21.62 11.92
N TYR A 306 -15.32 -21.81 12.34
CA TYR A 306 -16.45 -21.86 11.42
C TYR A 306 -17.08 -20.48 11.33
N PHE A 307 -16.97 -19.81 10.16
CA PHE A 307 -17.60 -18.51 9.95
C PHE A 307 -19.11 -18.70 9.91
N ASN A 308 -19.54 -19.75 9.20
CA ASN A 308 -20.93 -20.13 9.08
C ASN A 308 -20.94 -21.55 8.47
N LYS A 309 -22.12 -22.02 8.00
CA LYS A 309 -22.19 -23.37 7.42
C LYS A 309 -21.49 -23.50 6.06
N ASN A 310 -21.07 -22.35 5.45
CA ASN A 310 -20.45 -22.39 4.12
C ASN A 310 -18.99 -21.94 4.10
N MET A 311 -18.43 -21.53 5.23
CA MET A 311 -17.03 -21.07 5.19
C MET A 311 -16.33 -21.38 6.49
N SER A 312 -15.09 -21.88 6.39
CA SER A 312 -14.31 -22.16 7.58
C SER A 312 -12.82 -21.98 7.30
N THR A 313 -12.02 -21.88 8.35
CA THR A 313 -10.56 -21.79 8.21
C THR A 313 -9.95 -22.63 9.32
N TYR A 314 -8.74 -23.16 9.10
CA TYR A 314 -8.15 -24.00 10.12
C TYR A 314 -6.65 -24.02 10.11
N VAL A 315 -6.10 -24.44 11.24
CA VAL A 315 -4.69 -24.75 11.41
C VAL A 315 -4.63 -26.15 12.04
N ASP A 316 -3.71 -26.98 11.56
CA ASP A 316 -3.53 -28.31 12.15
C ASP A 316 -2.07 -28.58 12.27
N TYR A 317 -1.65 -29.19 13.36
CA TYR A 317 -0.25 -29.46 13.61
C TYR A 317 -0.06 -30.94 13.98
N LYS A 318 0.59 -31.67 13.09
CA LYS A 318 0.92 -33.07 13.26
C LYS A 318 2.31 -33.10 13.89
N ILE A 319 2.40 -33.56 15.14
CA ILE A 319 3.65 -33.69 15.88
C ILE A 319 4.00 -35.17 15.76
N ASN A 320 4.85 -35.46 14.81
CA ASN A 320 5.21 -36.81 14.43
C ASN A 320 6.18 -37.45 15.38
N LEU A 321 5.74 -38.50 16.08
CA LEU A 321 6.57 -39.15 17.09
C LEU A 321 7.39 -40.32 16.55
N LEU A 322 7.29 -40.61 15.24
CA LEU A 322 8.10 -41.70 14.68
C LEU A 322 9.54 -41.26 14.59
N ASP A 323 10.44 -42.22 14.74
CA ASP A 323 11.87 -42.01 14.58
C ASP A 323 12.25 -42.56 13.19
N ASP A 324 13.29 -41.97 12.59
CA ASP A 324 13.81 -42.42 11.32
C ASP A 324 14.58 -43.71 11.58
N ASN A 325 14.19 -44.81 10.93
CA ASN A 325 14.90 -46.08 11.07
C ASN A 325 14.80 -46.84 9.74
N SER A 326 15.43 -48.02 9.62
CA SER A 326 15.40 -48.73 8.32
C SER A 326 13.97 -49.09 7.91
N PHE A 327 13.06 -49.29 8.87
CA PHE A 327 11.67 -49.63 8.57
C PHE A 327 10.96 -48.44 7.94
N THR A 328 10.99 -47.26 8.60
CA THR A 328 10.30 -46.09 8.03
C THR A 328 10.93 -45.68 6.70
N ARG A 329 12.26 -45.78 6.59
CA ARG A 329 12.94 -45.43 5.34
C ARG A 329 12.52 -46.39 4.21
N ASN A 330 12.66 -47.70 4.44
CA ASN A 330 12.35 -48.69 3.40
C ASN A 330 10.87 -48.75 3.07
N ALA A 331 10.00 -48.34 4.00
CA ALA A 331 8.55 -48.33 3.77
C ALA A 331 8.04 -47.00 3.20
N GLY A 332 8.90 -45.97 3.15
CA GLY A 332 8.48 -44.67 2.66
C GLY A 332 7.50 -43.99 3.60
N ILE A 333 7.67 -44.21 4.91
CA ILE A 333 6.77 -43.61 5.90
C ILE A 333 7.37 -42.28 6.39
N SER A 334 6.56 -41.22 6.36
CA SER A 334 6.99 -39.89 6.78
C SER A 334 7.14 -39.82 8.29
N THR A 335 8.29 -39.33 8.75
CA THR A 335 8.53 -39.18 10.18
C THR A 335 8.57 -37.70 10.60
N ASP A 336 8.29 -36.76 9.68
CA ASP A 336 8.40 -35.35 9.99
C ASP A 336 7.11 -34.73 10.47
N ASP A 337 7.22 -33.61 11.19
CA ASP A 337 6.03 -32.88 11.62
C ASP A 337 5.45 -32.15 10.41
N VAL A 338 4.17 -31.74 10.50
CA VAL A 338 3.53 -31.01 9.42
C VAL A 338 2.61 -29.97 10.06
N VAL A 339 2.57 -28.77 9.48
CA VAL A 339 1.59 -27.76 9.85
C VAL A 339 0.73 -27.51 8.61
N ALA A 340 -0.60 -27.55 8.73
CA ALA A 340 -1.49 -27.25 7.62
C ALA A 340 -2.26 -25.98 7.93
N LEU A 341 -2.46 -25.15 6.92
CA LEU A 341 -3.30 -23.94 7.00
C LEU A 341 -4.31 -24.05 5.89
N GLY A 342 -5.59 -23.94 6.21
CA GLY A 342 -6.62 -24.08 5.19
C GLY A 342 -7.70 -23.04 5.28
N LEU A 343 -8.27 -22.68 4.11
CA LEU A 343 -9.38 -21.73 4.04
C LEU A 343 -10.37 -22.43 3.12
N VAL A 344 -11.58 -22.75 3.62
CA VAL A 344 -12.51 -23.62 2.89
C VAL A 344 -13.84 -22.97 2.62
N TYR A 345 -14.26 -22.98 1.34
CA TYR A 345 -15.60 -22.55 0.97
C TYR A 345 -16.36 -23.87 0.72
N GLN A 346 -17.54 -24.03 1.33
CA GLN A 346 -18.32 -25.25 1.20
C GLN A 346 -19.69 -24.96 0.64
N PHE A 347 -20.23 -25.92 -0.12
CA PHE A 347 -21.58 -25.76 -0.63
C PHE A 347 -22.39 -27.05 -0.55
N GLY B 1 -33.48 -35.69 -18.03
CA GLY B 1 -32.76 -34.46 -17.70
C GLY B 1 -33.50 -33.67 -16.64
N ALA B 2 -32.76 -32.84 -15.90
CA ALA B 2 -33.28 -32.01 -14.84
C ALA B 2 -33.02 -30.55 -15.22
N GLU B 3 -34.09 -29.78 -15.47
CA GLU B 3 -33.92 -28.38 -15.81
C GLU B 3 -33.51 -27.59 -14.57
N ILE B 4 -32.26 -27.12 -14.53
CA ILE B 4 -31.75 -26.37 -13.38
C ILE B 4 -31.67 -24.86 -13.58
N TYR B 5 -31.99 -24.39 -14.79
CA TYR B 5 -31.96 -22.97 -15.08
C TYR B 5 -32.82 -22.68 -16.27
N ASN B 6 -33.61 -21.60 -16.19
CA ASN B 6 -34.43 -21.18 -17.30
C ASN B 6 -34.77 -19.71 -17.10
N LYS B 7 -33.91 -18.81 -17.60
CA LYS B 7 -34.10 -17.37 -17.41
C LYS B 7 -33.52 -16.63 -18.60
N ASP B 8 -34.09 -15.46 -18.94
CA ASP B 8 -33.62 -14.57 -20.00
C ASP B 8 -33.18 -15.29 -21.29
N GLY B 9 -34.05 -16.13 -21.79
CA GLY B 9 -33.81 -16.87 -23.02
C GLY B 9 -32.73 -17.94 -22.98
N ASN B 10 -32.34 -18.41 -21.80
CA ASN B 10 -31.34 -19.49 -21.73
C ASN B 10 -31.85 -20.57 -20.81
N LYS B 11 -31.73 -21.83 -21.22
CA LYS B 11 -32.10 -22.93 -20.35
C LYS B 11 -31.01 -23.96 -20.27
N LEU B 12 -30.86 -24.57 -19.09
CA LEU B 12 -29.83 -25.57 -18.88
C LEU B 12 -30.44 -26.78 -18.23
N ASP B 13 -30.17 -27.95 -18.78
CA ASP B 13 -30.58 -29.21 -18.23
C ASP B 13 -29.35 -29.95 -17.78
N LEU B 14 -29.37 -30.45 -16.55
CA LEU B 14 -28.30 -31.30 -16.05
C LEU B 14 -28.85 -32.72 -16.20
N TYR B 15 -28.05 -33.66 -16.73
CA TYR B 15 -28.53 -35.05 -16.89
C TYR B 15 -27.42 -36.02 -16.56
N GLY B 16 -27.79 -37.27 -16.36
CA GLY B 16 -26.78 -38.28 -16.09
C GLY B 16 -27.34 -39.46 -15.35
N LYS B 17 -26.44 -40.33 -14.94
CA LYS B 17 -26.83 -41.54 -14.24
C LYS B 17 -25.68 -42.09 -13.45
N ILE B 18 -26.00 -42.85 -12.41
CA ILE B 18 -24.99 -43.54 -11.62
C ILE B 18 -25.39 -45.01 -11.70
N ASP B 19 -24.52 -45.82 -12.29
CA ASP B 19 -24.85 -47.22 -12.53
C ASP B 19 -23.98 -48.15 -11.71
N GLY B 20 -24.55 -48.72 -10.65
CA GLY B 20 -23.89 -49.70 -9.80
C GLY B 20 -23.99 -50.98 -10.60
N LEU B 21 -22.89 -51.41 -11.20
CA LEU B 21 -22.92 -52.48 -12.19
C LEU B 21 -21.86 -53.51 -11.94
N HIS B 22 -22.24 -54.78 -12.06
CA HIS B 22 -21.28 -55.87 -11.89
C HIS B 22 -21.43 -56.86 -13.02
N TYR B 23 -20.30 -57.30 -13.59
CA TYR B 23 -20.33 -58.32 -14.64
C TYR B 23 -19.82 -59.64 -14.06
N PHE B 24 -20.37 -60.76 -14.54
CA PHE B 24 -19.89 -62.08 -14.12
C PHE B 24 -19.51 -62.79 -15.42
N SER B 25 -18.25 -63.18 -15.55
CA SER B 25 -17.80 -63.83 -16.77
C SER B 25 -16.55 -64.63 -16.52
N ASP B 26 -16.32 -65.68 -17.30
CA ASP B 26 -15.04 -66.40 -17.26
C ASP B 26 -13.93 -65.55 -17.91
N ASP B 27 -14.28 -64.52 -18.69
CA ASP B 27 -13.30 -63.67 -19.34
C ASP B 27 -12.86 -62.67 -18.28
N LYS B 28 -11.63 -62.83 -17.78
CA LYS B 28 -11.11 -61.97 -16.72
C LYS B 28 -10.93 -60.52 -17.11
N SER B 29 -10.93 -60.19 -18.42
CA SER B 29 -10.82 -58.79 -18.84
C SER B 29 -12.16 -58.06 -18.73
N VAL B 30 -13.28 -58.79 -18.52
CA VAL B 30 -14.58 -58.14 -18.42
C VAL B 30 -15.24 -58.45 -17.06
N ASP B 31 -14.92 -59.61 -16.45
CA ASP B 31 -15.47 -60.00 -15.14
C ASP B 31 -15.20 -58.93 -14.06
N GLY B 32 -16.17 -58.76 -13.17
CA GLY B 32 -15.98 -57.92 -11.99
C GLY B 32 -16.78 -56.64 -11.93
N ASP B 33 -16.39 -55.78 -11.00
CA ASP B 33 -17.09 -54.50 -10.82
C ASP B 33 -16.92 -53.63 -12.07
N GLN B 34 -18.05 -53.05 -12.54
CA GLN B 34 -18.06 -52.18 -13.72
C GLN B 34 -18.79 -50.86 -13.43
N THR B 35 -18.92 -50.49 -12.15
CA THR B 35 -19.62 -49.27 -11.77
C THR B 35 -19.08 -48.03 -12.47
N TYR B 36 -19.98 -47.18 -12.95
CA TYR B 36 -19.58 -45.94 -13.61
C TYR B 36 -20.71 -44.95 -13.49
N MET B 37 -20.43 -43.70 -13.87
CA MET B 37 -21.46 -42.70 -13.93
C MET B 37 -21.29 -41.85 -15.16
N ARG B 38 -22.36 -41.19 -15.57
CA ARG B 38 -22.33 -40.22 -16.65
C ARG B 38 -22.93 -38.93 -16.13
N VAL B 39 -22.40 -37.83 -16.63
CA VAL B 39 -22.95 -36.52 -16.26
C VAL B 39 -22.82 -35.65 -17.48
N GLY B 40 -23.85 -34.86 -17.74
CA GLY B 40 -23.84 -33.98 -18.90
C GLY B 40 -24.70 -32.76 -18.71
N VAL B 41 -24.53 -31.83 -19.63
CA VAL B 41 -25.32 -30.60 -19.63
C VAL B 41 -25.82 -30.36 -21.03
N LYS B 42 -27.09 -29.96 -21.16
CA LYS B 42 -27.65 -29.61 -22.45
C LYS B 42 -28.15 -28.18 -22.25
N GLY B 43 -27.63 -27.26 -23.04
CA GLY B 43 -28.03 -25.86 -22.95
C GLY B 43 -28.63 -25.36 -24.25
N GLU B 44 -29.55 -24.39 -24.14
CA GLU B 44 -30.19 -23.86 -25.33
C GLU B 44 -30.53 -22.40 -25.07
N THR B 45 -30.16 -21.51 -26.00
CA THR B 45 -30.45 -20.09 -25.88
C THR B 45 -31.31 -19.63 -27.05
N GLN B 46 -32.39 -18.91 -26.77
CA GLN B 46 -33.25 -18.39 -27.82
C GLN B 46 -32.60 -17.08 -28.26
N ILE B 47 -31.99 -17.04 -29.44
CA ILE B 47 -31.33 -15.83 -29.93
C ILE B 47 -32.39 -14.86 -30.44
N ASN B 48 -33.30 -15.36 -31.26
CA ASN B 48 -34.44 -14.58 -31.72
C ASN B 48 -35.61 -15.55 -31.96
N ASP B 49 -36.74 -15.08 -32.47
CA ASP B 49 -37.94 -15.88 -32.64
C ASP B 49 -37.76 -17.15 -33.41
N GLN B 50 -36.78 -17.20 -34.30
CA GLN B 50 -36.57 -18.41 -35.08
C GLN B 50 -35.20 -19.04 -34.92
N LEU B 51 -34.21 -18.31 -34.36
CA LEU B 51 -32.84 -18.83 -34.23
C LEU B 51 -32.53 -19.22 -32.79
N THR B 52 -32.03 -20.45 -32.58
CA THR B 52 -31.68 -20.94 -31.27
C THR B 52 -30.22 -21.42 -31.32
N GLY B 53 -29.47 -21.12 -30.28
CA GLY B 53 -28.11 -21.64 -30.15
C GLY B 53 -28.11 -22.73 -29.10
N TYR B 54 -27.22 -23.71 -29.21
CA TYR B 54 -27.24 -24.81 -28.25
C TYR B 54 -25.87 -25.40 -28.05
N GLY B 55 -25.74 -26.11 -26.95
CA GLY B 55 -24.51 -26.83 -26.64
C GLY B 55 -24.81 -28.06 -25.82
N GLN B 56 -23.95 -29.08 -25.93
CA GLN B 56 -24.15 -30.27 -25.14
C GLN B 56 -22.81 -30.88 -24.82
N TRP B 57 -22.65 -31.34 -23.57
CA TRP B 57 -21.42 -32.02 -23.15
C TRP B 57 -21.86 -33.25 -22.38
N GLU B 58 -21.21 -34.37 -22.62
CA GLU B 58 -21.52 -35.62 -21.90
C GLU B 58 -20.20 -36.25 -21.48
N TYR B 59 -20.06 -36.52 -20.21
CA TYR B 59 -18.82 -37.03 -19.64
C TYR B 59 -19.06 -38.40 -19.04
N ASN B 60 -18.10 -39.31 -19.21
CA ASN B 60 -18.18 -40.66 -18.64
C ASN B 60 -17.12 -40.72 -17.56
N VAL B 61 -17.52 -41.15 -16.35
CA VAL B 61 -16.60 -41.23 -15.24
C VAL B 61 -16.65 -42.63 -14.68
N GLN B 62 -15.57 -43.42 -14.87
CA GLN B 62 -15.54 -44.77 -14.32
C GLN B 62 -15.39 -44.67 -12.81
N ALA B 63 -16.00 -45.60 -12.09
CA ALA B 63 -15.88 -45.64 -10.63
C ALA B 63 -15.59 -47.08 -10.16
N ASN B 64 -15.03 -47.92 -11.06
CA ASN B 64 -14.72 -49.30 -10.76
C ASN B 64 -13.24 -49.53 -10.46
N ASN B 65 -12.41 -48.49 -10.53
CA ASN B 65 -11.01 -48.63 -10.17
C ASN B 65 -10.65 -47.67 -9.03
N THR B 66 -9.40 -47.71 -8.61
CA THR B 66 -8.94 -46.99 -7.44
C THR B 66 -8.79 -45.50 -7.68
N GLU B 67 -8.56 -44.75 -6.60
CA GLU B 67 -8.34 -43.32 -6.72
C GLU B 67 -6.97 -42.99 -7.34
N SER B 68 -6.02 -43.96 -7.37
CA SER B 68 -4.73 -43.72 -8.00
C SER B 68 -4.68 -44.27 -9.45
N SER B 69 -5.77 -44.85 -9.96
CA SER B 69 -5.80 -45.35 -11.34
C SER B 69 -5.84 -44.18 -12.34
N SER B 70 -5.34 -44.42 -13.54
CA SER B 70 -5.27 -43.41 -14.57
C SER B 70 -6.35 -43.58 -15.60
N ASP B 71 -6.65 -42.47 -16.30
CA ASP B 71 -7.51 -42.44 -17.48
C ASP B 71 -8.90 -42.98 -17.17
N GLN B 72 -9.50 -42.52 -16.07
CA GLN B 72 -10.81 -43.04 -15.65
C GLN B 72 -11.98 -42.18 -16.09
N ALA B 73 -11.75 -41.04 -16.72
CA ALA B 73 -12.85 -40.21 -17.18
C ALA B 73 -12.58 -39.70 -18.56
N TRP B 74 -13.63 -39.52 -19.36
CA TRP B 74 -13.46 -39.05 -20.71
C TRP B 74 -14.72 -38.41 -21.24
N THR B 75 -14.57 -37.55 -22.26
CA THR B 75 -15.71 -36.89 -22.86
C THR B 75 -16.27 -37.75 -23.98
N ARG B 76 -17.57 -38.00 -23.89
CA ARG B 76 -18.30 -38.74 -24.94
C ARG B 76 -18.79 -37.75 -26.00
N LEU B 77 -19.37 -36.62 -25.56
CA LEU B 77 -19.90 -35.63 -26.49
C LEU B 77 -19.50 -34.23 -26.07
N ALA B 78 -19.29 -33.34 -27.05
CA ALA B 78 -19.08 -31.91 -26.74
C ALA B 78 -19.23 -31.17 -28.02
N PHE B 79 -20.38 -30.50 -28.19
CA PHE B 79 -20.60 -29.78 -29.45
C PHE B 79 -21.44 -28.53 -29.21
N ALA B 80 -21.30 -27.58 -30.13
CA ALA B 80 -22.08 -26.34 -30.10
C ALA B 80 -22.78 -26.23 -31.46
N GLY B 81 -23.95 -25.59 -31.48
CA GLY B 81 -24.69 -25.50 -32.73
C GLY B 81 -25.68 -24.38 -32.81
N LEU B 82 -26.25 -24.24 -34.00
CA LEU B 82 -27.30 -23.26 -34.26
C LEU B 82 -28.45 -23.98 -34.98
N LYS B 83 -29.68 -23.64 -34.62
CA LYS B 83 -30.85 -24.22 -35.29
C LYS B 83 -31.70 -23.06 -35.77
N PHE B 84 -32.12 -23.08 -37.05
CA PHE B 84 -32.91 -21.95 -37.57
C PHE B 84 -34.19 -22.37 -38.28
N GLY B 85 -35.35 -22.19 -37.65
CA GLY B 85 -36.64 -22.53 -38.26
C GLY B 85 -36.66 -23.89 -38.95
N ASP B 86 -37.08 -23.91 -40.24
CA ASP B 86 -37.12 -25.10 -41.12
C ASP B 86 -35.83 -25.27 -41.94
N ALA B 87 -34.90 -24.29 -41.87
CA ALA B 87 -33.66 -24.38 -42.60
C ALA B 87 -32.74 -25.46 -42.09
N GLY B 88 -32.94 -25.90 -40.84
CA GLY B 88 -32.14 -26.99 -40.27
C GLY B 88 -31.27 -26.55 -39.11
N SER B 89 -30.37 -27.44 -38.72
CA SER B 89 -29.42 -27.15 -37.64
C SER B 89 -28.02 -27.49 -38.10
N PHE B 90 -27.03 -26.86 -37.48
CA PHE B 90 -25.63 -27.17 -37.76
C PHE B 90 -24.92 -27.21 -36.41
N ASP B 91 -24.15 -28.26 -36.16
CA ASP B 91 -23.32 -28.28 -34.97
C ASP B 91 -21.94 -28.85 -35.29
N TYR B 92 -20.96 -28.52 -34.45
CA TYR B 92 -19.60 -29.01 -34.64
C TYR B 92 -19.02 -29.38 -33.29
N GLY B 93 -18.25 -30.47 -33.28
CA GLY B 93 -17.49 -30.86 -32.10
C GLY B 93 -17.31 -32.36 -32.06
N ARG B 94 -17.36 -32.93 -30.86
CA ARG B 94 -17.32 -34.37 -30.69
C ARG B 94 -18.80 -34.78 -30.61
N ASN B 95 -19.23 -35.56 -31.60
CA ASN B 95 -20.65 -35.93 -31.69
C ASN B 95 -20.77 -37.27 -32.38
N TYR B 96 -22.00 -37.84 -32.44
CA TYR B 96 -22.17 -39.10 -33.14
C TYR B 96 -22.03 -38.94 -34.64
N GLY B 97 -21.40 -39.95 -35.26
CA GLY B 97 -21.42 -40.06 -36.72
C GLY B 97 -22.84 -40.41 -37.14
N VAL B 98 -23.27 -39.92 -38.33
CA VAL B 98 -24.66 -40.06 -38.76
C VAL B 98 -25.06 -41.49 -39.05
N VAL B 99 -24.10 -42.44 -39.14
CA VAL B 99 -24.49 -43.86 -39.29
C VAL B 99 -25.33 -44.30 -38.08
N TYR B 100 -24.99 -43.77 -36.89
CA TYR B 100 -25.70 -44.07 -35.65
C TYR B 100 -27.14 -43.55 -35.66
N ASP B 101 -27.50 -42.60 -36.57
CA ASP B 101 -28.91 -42.17 -36.68
C ASP B 101 -29.82 -43.37 -36.98
N VAL B 102 -29.26 -44.41 -37.65
CA VAL B 102 -30.04 -45.62 -37.95
C VAL B 102 -29.60 -46.80 -37.06
N THR B 103 -28.27 -47.02 -36.88
CA THR B 103 -27.86 -48.17 -36.04
C THR B 103 -28.25 -48.00 -34.57
N SER B 104 -28.54 -46.77 -34.12
CA SER B 104 -28.99 -46.56 -32.72
C SER B 104 -30.33 -47.27 -32.45
N TRP B 105 -31.09 -47.60 -33.50
CA TRP B 105 -32.39 -48.24 -33.31
C TRP B 105 -32.28 -49.60 -32.63
N THR B 106 -31.14 -50.27 -32.77
CA THR B 106 -30.94 -51.55 -32.08
C THR B 106 -30.09 -51.39 -30.81
N ASP B 107 -29.64 -50.18 -30.48
CA ASP B 107 -28.81 -49.95 -29.32
C ASP B 107 -29.71 -49.67 -28.12
N VAL B 108 -30.49 -50.68 -27.75
CA VAL B 108 -31.48 -50.55 -26.69
C VAL B 108 -31.42 -51.72 -25.69
N LEU B 109 -30.33 -52.52 -25.71
CA LEU B 109 -30.28 -53.66 -24.78
C LEU B 109 -30.19 -53.19 -23.32
N PRO B 110 -30.53 -54.06 -22.35
CA PRO B 110 -30.45 -53.62 -20.94
C PRO B 110 -29.04 -53.13 -20.56
N GLU B 111 -27.99 -53.81 -21.09
CA GLU B 111 -26.60 -53.44 -20.80
C GLU B 111 -25.69 -53.55 -22.02
N PHE B 112 -25.79 -54.67 -22.77
CA PHE B 112 -24.84 -54.91 -23.86
C PHE B 112 -25.24 -54.19 -25.16
N GLY B 113 -24.67 -54.59 -26.30
CA GLY B 113 -24.97 -53.95 -27.57
C GLY B 113 -24.27 -52.62 -27.76
N GLY B 114 -24.67 -51.90 -28.80
CA GLY B 114 -24.13 -50.58 -29.10
C GLY B 114 -22.70 -50.53 -29.58
N ASP B 115 -21.99 -49.44 -29.19
CA ASP B 115 -20.64 -49.26 -29.67
C ASP B 115 -19.57 -50.09 -28.96
N THR B 116 -19.99 -51.16 -28.29
CA THR B 116 -19.06 -52.15 -27.77
C THR B 116 -19.15 -53.44 -28.65
N ASP B 117 -20.01 -53.48 -29.70
CA ASP B 117 -20.20 -54.68 -30.48
C ASP B 117 -19.91 -54.53 -32.00
N THR B 118 -20.92 -54.39 -32.92
CA THR B 118 -20.63 -54.41 -34.36
C THR B 118 -19.83 -53.20 -34.85
N TYR B 119 -19.80 -52.13 -34.06
CA TYR B 119 -19.02 -50.94 -34.35
C TYR B 119 -18.51 -50.39 -33.00
N GLY B 120 -17.64 -49.41 -33.05
CA GLY B 120 -17.14 -48.80 -31.83
C GLY B 120 -17.11 -47.30 -31.91
N SER B 121 -16.51 -46.67 -30.88
CA SER B 121 -16.30 -45.23 -30.82
CA SER B 121 -16.32 -45.23 -30.87
C SER B 121 -14.99 -44.86 -31.55
N ASP B 122 -14.94 -43.67 -32.11
CA ASP B 122 -13.81 -43.17 -32.91
C ASP B 122 -13.50 -44.17 -34.04
N ASN B 123 -14.59 -44.72 -34.63
CA ASN B 123 -14.52 -45.76 -35.66
C ASN B 123 -15.17 -45.15 -36.89
N PHE B 124 -14.42 -44.22 -37.52
CA PHE B 124 -14.95 -43.44 -38.65
C PHE B 124 -16.28 -42.73 -38.21
N LEU B 125 -17.35 -42.82 -39.00
CA LEU B 125 -18.60 -42.13 -38.63
C LEU B 125 -19.63 -43.10 -38.08
N GLN B 126 -19.18 -44.22 -37.47
CA GLN B 126 -20.13 -45.21 -36.96
C GLN B 126 -20.62 -44.96 -35.55
N SER B 127 -19.85 -44.20 -34.76
CA SER B 127 -20.27 -43.90 -33.39
C SER B 127 -19.74 -42.49 -33.02
N ARG B 128 -19.44 -42.22 -31.73
CA ARG B 128 -18.92 -40.90 -31.35
C ARG B 128 -17.59 -40.64 -32.06
N ALA B 129 -17.39 -39.39 -32.46
CA ALA B 129 -16.27 -39.05 -33.33
C ALA B 129 -15.80 -37.63 -33.05
N ASN B 130 -14.50 -37.39 -33.23
CA ASN B 130 -13.97 -36.03 -33.07
C ASN B 130 -14.10 -35.26 -34.37
N GLY B 131 -14.37 -33.96 -34.24
CA GLY B 131 -14.31 -33.04 -35.35
C GLY B 131 -15.36 -33.22 -36.42
N VAL B 132 -16.59 -33.58 -36.02
CA VAL B 132 -17.67 -33.74 -36.99
C VAL B 132 -18.49 -32.45 -37.07
N ALA B 133 -18.75 -32.02 -38.31
CA ALA B 133 -19.61 -30.88 -38.63
C ALA B 133 -20.88 -31.55 -39.17
N THR B 134 -22.02 -31.31 -38.52
CA THR B 134 -23.24 -32.05 -38.88
C THR B 134 -24.40 -31.11 -39.14
N TYR B 135 -25.00 -31.26 -40.32
CA TYR B 135 -26.18 -30.51 -40.71
C TYR B 135 -27.36 -31.47 -40.57
N ARG B 136 -28.44 -31.04 -39.95
CA ARG B 136 -29.63 -31.87 -39.80
C ARG B 136 -30.86 -31.12 -40.25
N ASN B 137 -31.84 -31.87 -40.79
CA ASN B 137 -33.07 -31.27 -41.25
C ASN B 137 -34.25 -32.12 -40.79
N SER B 138 -35.25 -31.48 -40.19
CA SER B 138 -36.44 -32.19 -39.71
C SER B 138 -37.63 -32.00 -40.64
N ASP B 139 -38.35 -33.10 -40.99
CA ASP B 139 -39.56 -33.02 -41.80
C ASP B 139 -39.33 -32.39 -43.17
N PHE B 140 -38.14 -32.58 -43.74
CA PHE B 140 -37.77 -32.04 -45.06
C PHE B 140 -38.16 -30.57 -45.25
N PHE B 141 -37.53 -29.66 -44.49
CA PHE B 141 -37.84 -28.23 -44.54
C PHE B 141 -39.29 -27.93 -44.15
N GLY B 142 -39.91 -28.82 -43.35
CA GLY B 142 -41.31 -28.70 -42.97
C GLY B 142 -42.29 -29.19 -44.03
N LEU B 143 -41.78 -29.69 -45.17
CA LEU B 143 -42.62 -30.09 -46.30
C LEU B 143 -43.10 -31.53 -46.28
N VAL B 144 -42.34 -32.42 -45.62
CA VAL B 144 -42.69 -33.83 -45.59
C VAL B 144 -42.63 -34.32 -44.15
N ASP B 145 -43.77 -34.45 -43.51
CA ASP B 145 -43.83 -34.90 -42.12
C ASP B 145 -43.20 -36.28 -41.94
N GLY B 146 -42.28 -36.37 -40.99
CA GLY B 146 -41.64 -37.64 -40.67
C GLY B 146 -40.39 -37.96 -41.46
N LEU B 147 -40.03 -37.10 -42.44
CA LEU B 147 -38.83 -37.36 -43.26
C LEU B 147 -37.67 -36.52 -42.76
N ASN B 148 -36.67 -37.14 -42.13
CA ASN B 148 -35.53 -36.38 -41.61
C ASN B 148 -34.28 -36.75 -42.40
N PHE B 149 -33.29 -35.85 -42.45
CA PHE B 149 -32.02 -36.22 -43.09
C PHE B 149 -30.88 -35.49 -42.42
N ALA B 150 -29.66 -35.99 -42.65
CA ALA B 150 -28.48 -35.34 -42.11
C ALA B 150 -27.34 -35.47 -43.12
N LEU B 151 -26.42 -34.50 -43.06
CA LEU B 151 -25.23 -34.46 -43.92
C LEU B 151 -24.10 -34.14 -42.96
N GLN B 152 -22.99 -34.87 -43.05
CA GLN B 152 -21.92 -34.70 -42.08
C GLN B 152 -20.55 -34.75 -42.72
N TYR B 153 -19.62 -33.95 -42.21
CA TYR B 153 -18.24 -33.95 -42.68
C TYR B 153 -17.33 -34.12 -41.47
N GLN B 154 -16.21 -34.85 -41.66
CA GLN B 154 -15.24 -35.02 -40.58
C GLN B 154 -13.85 -34.77 -41.13
N GLY B 155 -13.09 -33.85 -40.53
CA GLY B 155 -11.73 -33.62 -40.98
C GLY B 155 -10.81 -34.74 -40.46
N LYS B 156 -9.63 -34.87 -41.05
CA LYS B 156 -8.65 -35.87 -40.63
C LYS B 156 -8.32 -35.79 -39.13
N ASN B 157 -8.19 -36.94 -38.47
CA ASN B 157 -7.71 -37.09 -37.09
C ASN B 157 -6.59 -38.11 -37.30
N GLY B 158 -5.35 -37.62 -37.33
CA GLY B 158 -4.23 -38.43 -37.80
C GLY B 158 -3.37 -39.11 -36.77
N SER B 159 -2.13 -39.38 -37.14
CA SER B 159 -1.18 -40.05 -36.27
C SER B 159 -0.65 -39.13 -35.17
N VAL B 160 0.03 -39.71 -34.17
CA VAL B 160 0.60 -38.94 -33.08
C VAL B 160 1.78 -38.09 -33.57
N SER B 161 2.61 -38.66 -34.45
CA SER B 161 3.79 -37.97 -34.97
CA SER B 161 3.77 -37.94 -34.98
C SER B 161 3.98 -38.25 -36.47
N GLY B 162 4.95 -37.59 -37.10
CA GLY B 162 5.22 -37.82 -38.52
C GLY B 162 4.37 -37.03 -39.48
N GLU B 163 4.48 -37.38 -40.76
CA GLU B 163 3.78 -36.72 -41.86
C GLU B 163 2.27 -36.76 -41.76
N GLY B 164 1.74 -37.83 -41.19
CA GLY B 164 0.30 -37.98 -41.08
C GLY B 164 -0.31 -37.38 -39.82
N ALA B 165 0.49 -36.64 -39.04
CA ALA B 165 0.01 -36.14 -37.76
C ALA B 165 -1.00 -35.00 -37.83
N THR B 166 -1.84 -34.93 -36.79
CA THR B 166 -2.67 -33.78 -36.48
C THR B 166 -2.42 -33.50 -34.98
N ASN B 167 -2.89 -32.35 -34.47
CA ASN B 167 -2.64 -31.99 -33.07
C ASN B 167 -3.13 -33.07 -32.09
N ASN B 168 -4.27 -33.69 -32.46
CA ASN B 168 -5.02 -34.63 -31.63
C ASN B 168 -4.81 -36.05 -32.14
N GLY B 169 -3.57 -36.41 -32.36
CA GLY B 169 -3.22 -37.71 -32.93
C GLY B 169 -3.58 -38.87 -32.05
N ARG B 170 -3.75 -40.03 -32.71
CA ARG B 170 -4.12 -41.27 -32.01
C ARG B 170 -3.63 -42.47 -32.83
N GLY B 171 -3.80 -43.68 -32.30
CA GLY B 171 -3.36 -44.89 -33.00
C GLY B 171 -4.24 -45.23 -34.18
N TRP B 172 -3.74 -46.10 -35.08
CA TRP B 172 -4.42 -46.46 -36.33
C TRP B 172 -5.88 -46.87 -36.16
N SER B 173 -6.20 -47.56 -35.05
CA SER B 173 -7.57 -48.07 -34.87
C SER B 173 -8.61 -46.96 -34.71
N LYS B 174 -8.15 -45.75 -34.34
CA LYS B 174 -9.05 -44.61 -34.13
C LYS B 174 -8.73 -43.42 -35.02
N GLN B 175 -7.90 -43.60 -36.06
CA GLN B 175 -7.59 -42.53 -37.01
C GLN B 175 -8.67 -42.45 -38.09
N ASN B 176 -8.65 -41.34 -38.83
CA ASN B 176 -9.51 -41.20 -40.01
C ASN B 176 -8.94 -40.08 -40.87
N GLY B 177 -9.16 -40.18 -42.17
CA GLY B 177 -8.90 -39.07 -43.07
C GLY B 177 -10.22 -38.32 -43.25
N ASP B 178 -10.32 -37.43 -44.26
CA ASP B 178 -11.58 -36.71 -44.55
C ASP B 178 -12.74 -37.70 -44.70
N GLY B 179 -13.90 -37.37 -44.15
CA GLY B 179 -15.03 -38.28 -44.26
C GLY B 179 -16.32 -37.56 -44.47
N PHE B 180 -17.27 -38.28 -45.05
CA PHE B 180 -18.59 -37.74 -45.35
C PHE B 180 -19.60 -38.79 -44.93
N GLY B 181 -20.73 -38.34 -44.42
CA GLY B 181 -21.80 -39.27 -44.12
C GLY B 181 -23.15 -38.63 -44.34
N THR B 182 -24.15 -39.46 -44.60
CA THR B 182 -25.50 -38.99 -44.73
C THR B 182 -26.46 -39.99 -44.12
N SER B 183 -27.60 -39.51 -43.66
CA SER B 183 -28.64 -40.40 -43.15
C SER B 183 -30.00 -39.87 -43.58
N LEU B 184 -30.97 -40.78 -43.62
CA LEU B 184 -32.33 -40.40 -44.01
C LEU B 184 -33.24 -41.35 -43.28
N THR B 185 -34.24 -40.83 -42.58
CA THR B 185 -35.19 -41.69 -41.88
C THR B 185 -36.58 -41.22 -42.20
N TYR B 186 -37.54 -42.17 -42.23
CA TYR B 186 -38.89 -41.81 -42.58
C TYR B 186 -39.85 -42.55 -41.71
N ASP B 187 -40.74 -41.83 -41.03
CA ASP B 187 -41.79 -42.47 -40.24
C ASP B 187 -42.92 -42.77 -41.23
N ILE B 188 -42.97 -44.02 -41.76
CA ILE B 188 -43.95 -44.48 -42.77
C ILE B 188 -45.39 -44.36 -42.28
N TRP B 189 -45.66 -44.94 -41.10
CA TRP B 189 -46.94 -44.87 -40.42
C TRP B 189 -46.63 -44.37 -38.98
N ASP B 190 -47.65 -44.30 -38.10
CA ASP B 190 -47.40 -43.92 -36.71
C ASP B 190 -46.70 -45.14 -36.08
N GLY B 191 -45.52 -44.93 -35.52
CA GLY B 191 -44.78 -46.00 -34.88
C GLY B 191 -43.92 -46.88 -35.78
N ILE B 192 -44.02 -46.77 -37.12
CA ILE B 192 -43.20 -47.58 -38.01
C ILE B 192 -42.22 -46.71 -38.78
N SER B 193 -40.91 -46.99 -38.69
CA SER B 193 -39.91 -46.16 -39.37
C SER B 193 -38.93 -47.00 -40.17
N ALA B 194 -38.42 -46.43 -41.25
CA ALA B 194 -37.36 -47.02 -42.08
C ALA B 194 -36.22 -45.99 -42.15
N GLY B 195 -35.00 -46.48 -42.22
CA GLY B 195 -33.85 -45.59 -42.28
C GLY B 195 -32.73 -46.12 -43.12
N PHE B 196 -31.95 -45.19 -43.65
CA PHE B 196 -30.78 -45.51 -44.45
CA PHE B 196 -30.79 -45.50 -44.47
C PHE B 196 -29.65 -44.58 -44.04
N ALA B 197 -28.41 -45.08 -44.07
CA ALA B 197 -27.27 -44.22 -43.79
C ALA B 197 -26.10 -44.68 -44.65
N TYR B 198 -25.25 -43.75 -45.00
CA TYR B 198 -24.09 -44.03 -45.82
C TYR B 198 -22.91 -43.23 -45.26
N SER B 199 -21.70 -43.82 -45.30
CA SER B 199 -20.52 -43.04 -44.95
C SER B 199 -19.34 -43.43 -45.82
N HIS B 200 -18.45 -42.48 -46.05
CA HIS B 200 -17.28 -42.74 -46.91
C HIS B 200 -16.15 -41.90 -46.33
N SER B 201 -15.08 -42.56 -45.86
CA SER B 201 -13.96 -41.83 -45.22
C SER B 201 -12.66 -42.27 -45.82
N LYS B 202 -11.71 -41.34 -45.96
CA LYS B 202 -10.37 -41.73 -46.40
C LYS B 202 -9.70 -42.47 -45.26
N ARG B 203 -8.94 -43.52 -45.56
CA ARG B 203 -8.14 -44.23 -44.58
C ARG B 203 -6.73 -43.62 -44.57
N THR B 204 -6.02 -43.76 -43.46
CA THR B 204 -4.71 -43.17 -43.31
C THR B 204 -3.60 -44.13 -43.71
N ASP B 205 -2.37 -43.60 -43.93
CA ASP B 205 -1.25 -44.46 -44.28
C ASP B 205 -0.95 -45.46 -43.17
N GLU B 206 -1.09 -45.08 -41.88
CA GLU B 206 -0.86 -46.05 -40.81
C GLU B 206 -1.91 -47.16 -40.83
N GLN B 207 -3.16 -46.85 -41.19
CA GLN B 207 -4.18 -47.91 -41.28
C GLN B 207 -3.84 -48.91 -42.40
N ASN B 208 -3.18 -48.42 -43.49
CA ASN B 208 -2.81 -49.24 -44.62
C ASN B 208 -1.38 -49.79 -44.54
N SER B 209 -0.75 -49.76 -43.34
CA SER B 209 0.61 -50.31 -43.23
C SER B 209 0.88 -51.01 -41.90
N VAL B 210 0.32 -50.51 -40.80
CA VAL B 210 0.60 -51.09 -39.48
C VAL B 210 -0.18 -52.40 -39.17
N PRO B 211 -1.53 -52.40 -39.26
CA PRO B 211 -2.26 -53.63 -38.88
C PRO B 211 -2.10 -54.83 -39.78
N ALA B 212 -2.34 -56.01 -39.21
CA ALA B 212 -2.23 -57.25 -39.95
C ALA B 212 -3.28 -57.39 -41.08
N LEU B 213 -4.50 -56.89 -40.85
CA LEU B 213 -5.61 -57.07 -41.77
C LEU B 213 -6.22 -55.77 -42.28
N GLY B 214 -6.74 -55.84 -43.51
CA GLY B 214 -7.47 -54.74 -44.13
C GLY B 214 -6.59 -53.74 -44.84
N ARG B 215 -6.85 -53.55 -46.13
CA ARG B 215 -6.11 -52.58 -46.94
C ARG B 215 -7.09 -51.95 -47.89
N GLY B 216 -7.04 -50.63 -48.03
CA GLY B 216 -7.92 -49.93 -48.96
C GLY B 216 -7.83 -48.45 -48.75
N ASP B 217 -8.01 -47.68 -49.81
CA ASP B 217 -7.92 -46.23 -49.73
C ASP B 217 -9.04 -45.63 -48.86
N ASN B 218 -10.23 -46.24 -48.89
CA ASN B 218 -11.38 -45.69 -48.19
C ASN B 218 -12.16 -46.69 -47.38
N ALA B 219 -12.76 -46.20 -46.29
CA ALA B 219 -13.68 -46.95 -45.45
C ALA B 219 -15.08 -46.55 -45.97
N GLU B 220 -16.02 -47.50 -46.09
CA GLU B 220 -17.36 -47.17 -46.59
C GLU B 220 -18.38 -47.99 -45.83
N THR B 221 -19.57 -47.42 -45.53
CA THR B 221 -20.60 -48.17 -44.84
C THR B 221 -21.94 -47.89 -45.48
N TYR B 222 -22.79 -48.92 -45.54
CA TYR B 222 -24.13 -48.79 -46.08
C TYR B 222 -25.05 -49.42 -45.05
N THR B 223 -26.06 -48.71 -44.57
CA THR B 223 -26.94 -49.23 -43.54
C THR B 223 -28.39 -49.08 -43.91
N GLY B 224 -29.16 -50.09 -43.60
CA GLY B 224 -30.62 -50.02 -43.68
C GLY B 224 -31.18 -50.43 -42.32
N GLY B 225 -32.24 -49.77 -41.87
CA GLY B 225 -32.84 -50.11 -40.59
C GLY B 225 -34.34 -50.00 -40.60
N LEU B 226 -34.98 -50.70 -39.67
CA LEU B 226 -36.45 -50.71 -39.51
C LEU B 226 -36.76 -50.65 -38.01
N LYS B 227 -37.84 -49.96 -37.65
CA LYS B 227 -38.21 -49.87 -36.25
CA LYS B 227 -38.21 -49.84 -36.25
C LYS B 227 -39.72 -49.82 -36.11
N TYR B 228 -40.24 -50.51 -35.12
CA TYR B 228 -41.66 -50.52 -34.76
C TYR B 228 -41.66 -50.10 -33.26
N ASP B 229 -42.35 -49.03 -32.91
CA ASP B 229 -42.37 -48.55 -31.54
C ASP B 229 -43.76 -48.05 -31.26
N ALA B 230 -44.63 -48.96 -30.83
CA ALA B 230 -46.04 -48.66 -30.55
C ALA B 230 -46.66 -49.79 -29.72
N ASN B 231 -47.80 -49.52 -29.06
CA ASN B 231 -48.54 -50.54 -28.33
C ASN B 231 -47.68 -51.27 -27.30
N ASN B 232 -46.76 -50.55 -26.65
CA ASN B 232 -45.85 -51.12 -25.62
C ASN B 232 -44.82 -52.09 -26.19
N ILE B 233 -44.72 -52.21 -27.52
CA ILE B 233 -43.77 -53.12 -28.15
C ILE B 233 -42.68 -52.32 -28.86
N TYR B 234 -41.45 -52.83 -28.82
CA TYR B 234 -40.36 -52.20 -29.53
C TYR B 234 -39.66 -53.28 -30.33
N LEU B 235 -39.63 -53.14 -31.65
CA LEU B 235 -38.95 -54.09 -32.52
C LEU B 235 -38.03 -53.27 -33.41
N ALA B 236 -36.79 -53.73 -33.62
CA ALA B 236 -35.90 -52.99 -34.51
C ALA B 236 -34.87 -53.90 -35.10
N SER B 237 -34.41 -53.53 -36.28
CA SER B 237 -33.32 -54.27 -36.92
C SER B 237 -32.46 -53.31 -37.71
N GLN B 238 -31.18 -53.64 -37.86
CA GLN B 238 -30.30 -52.85 -38.71
C GLN B 238 -29.35 -53.80 -39.40
N TYR B 239 -29.10 -53.55 -40.70
CA TYR B 239 -28.15 -54.30 -41.46
C TYR B 239 -27.17 -53.30 -42.01
N THR B 240 -25.87 -53.53 -41.78
CA THR B 240 -24.84 -52.63 -42.30
C THR B 240 -23.79 -53.45 -43.05
N GLN B 241 -23.44 -53.02 -44.27
CA GLN B 241 -22.39 -53.67 -45.04
C GLN B 241 -21.25 -52.66 -45.06
N THR B 242 -20.04 -53.11 -44.66
CA THR B 242 -18.91 -52.20 -44.57
C THR B 242 -17.75 -52.66 -45.42
N TYR B 243 -16.89 -51.72 -45.79
CA TYR B 243 -15.66 -51.97 -46.53
C TYR B 243 -14.54 -51.25 -45.81
N ASN B 244 -13.53 -52.00 -45.32
CA ASN B 244 -12.36 -51.42 -44.64
C ASN B 244 -12.72 -50.53 -43.45
N ALA B 245 -13.85 -50.82 -42.78
CA ALA B 245 -14.32 -49.95 -41.71
C ALA B 245 -14.64 -50.66 -40.40
N THR B 246 -14.84 -52.00 -40.45
CA THR B 246 -15.16 -52.74 -39.25
C THR B 246 -13.89 -53.30 -38.66
N ARG B 247 -13.65 -53.05 -37.36
CA ARG B 247 -12.44 -53.57 -36.72
C ARG B 247 -12.51 -55.07 -36.62
N ALA B 248 -11.39 -55.74 -36.91
CA ALA B 248 -11.31 -57.20 -36.80
C ALA B 248 -10.54 -57.43 -35.50
N GLY B 249 -11.16 -57.09 -34.38
CA GLY B 249 -10.49 -57.13 -33.08
C GLY B 249 -9.26 -56.24 -33.08
N SER B 250 -8.12 -56.75 -32.57
CA SER B 250 -6.89 -55.98 -32.57
C SER B 250 -6.09 -56.14 -33.87
N LEU B 251 -6.56 -56.99 -34.82
CA LEU B 251 -5.77 -57.28 -36.02
C LEU B 251 -5.86 -56.30 -37.16
N GLY B 252 -6.73 -55.31 -37.04
CA GLY B 252 -6.91 -54.32 -38.10
C GLY B 252 -8.35 -54.15 -38.49
N PHE B 253 -8.63 -54.22 -39.79
CA PHE B 253 -10.00 -54.02 -40.29
C PHE B 253 -10.37 -55.13 -41.24
N ALA B 254 -11.67 -55.44 -41.31
CA ALA B 254 -12.16 -56.44 -42.26
C ALA B 254 -12.29 -55.77 -43.63
N ASN B 255 -11.73 -56.36 -44.69
CA ASN B 255 -11.90 -55.80 -46.07
C ASN B 255 -13.38 -55.61 -46.39
N LYS B 256 -14.20 -56.56 -45.95
CA LYS B 256 -15.65 -56.43 -46.05
C LYS B 256 -16.26 -57.01 -44.78
N ALA B 257 -17.36 -56.43 -44.31
CA ALA B 257 -18.07 -57.02 -43.19
C ALA B 257 -19.57 -56.86 -43.38
N GLN B 258 -20.32 -57.80 -42.83
CA GLN B 258 -21.78 -57.74 -42.86
C GLN B 258 -22.24 -57.81 -41.41
N ASN B 259 -22.89 -56.74 -40.93
CA ASN B 259 -23.33 -56.63 -39.54
C ASN B 259 -24.83 -56.65 -39.49
N PHE B 260 -25.39 -57.39 -38.54
CA PHE B 260 -26.83 -57.48 -38.42
C PHE B 260 -27.21 -57.50 -36.96
N GLU B 261 -28.18 -56.66 -36.57
CA GLU B 261 -28.68 -56.65 -35.18
C GLU B 261 -30.19 -56.64 -35.26
N VAL B 262 -30.84 -57.36 -34.35
CA VAL B 262 -32.30 -57.38 -34.28
C VAL B 262 -32.69 -57.47 -32.82
N VAL B 263 -33.74 -56.74 -32.40
CA VAL B 263 -34.14 -56.73 -31.00
C VAL B 263 -35.67 -56.66 -30.88
N ALA B 264 -36.20 -57.28 -29.84
CA ALA B 264 -37.63 -57.24 -29.54
C ALA B 264 -37.76 -57.02 -28.05
N GLN B 265 -38.63 -56.07 -27.65
CA GLN B 265 -38.89 -55.77 -26.25
C GLN B 265 -40.37 -55.50 -26.03
N TYR B 266 -40.80 -55.67 -24.79
CA TYR B 266 -42.16 -55.37 -24.42
C TYR B 266 -42.11 -54.58 -23.11
N GLN B 267 -42.91 -53.52 -23.00
CA GLN B 267 -42.94 -52.72 -21.78
C GLN B 267 -44.23 -52.99 -21.00
N PHE B 268 -44.12 -53.70 -19.87
CA PHE B 268 -45.28 -53.91 -19.00
C PHE B 268 -45.59 -52.62 -18.29
N ASP B 269 -46.86 -52.34 -18.04
CA ASP B 269 -47.26 -51.12 -17.34
C ASP B 269 -46.68 -51.05 -15.94
N PHE B 270 -46.50 -52.20 -15.28
CA PHE B 270 -45.95 -52.19 -13.91
C PHE B 270 -44.42 -51.89 -13.87
N GLY B 271 -43.76 -51.83 -15.03
CA GLY B 271 -42.36 -51.42 -15.07
C GLY B 271 -41.37 -52.39 -15.69
N LEU B 272 -41.73 -53.67 -15.82
CA LEU B 272 -40.78 -54.66 -16.36
C LEU B 272 -40.67 -54.56 -17.88
N ARG B 273 -39.45 -54.61 -18.42
CA ARG B 273 -39.23 -54.52 -19.85
C ARG B 273 -38.28 -55.63 -20.31
N PRO B 274 -38.83 -56.82 -20.58
CA PRO B 274 -37.95 -57.91 -21.10
C PRO B 274 -37.44 -57.55 -22.49
N SER B 275 -36.32 -58.16 -22.86
CA SER B 275 -35.67 -57.86 -24.12
C SER B 275 -34.95 -59.10 -24.64
N VAL B 276 -35.04 -59.32 -25.96
CA VAL B 276 -34.30 -60.40 -26.62
C VAL B 276 -33.69 -59.83 -27.86
N ALA B 277 -32.43 -60.20 -28.13
CA ALA B 277 -31.75 -59.65 -29.28
C ALA B 277 -30.75 -60.62 -29.88
N TYR B 278 -30.38 -60.41 -31.14
CA TYR B 278 -29.34 -61.21 -31.79
C TYR B 278 -28.43 -60.23 -32.51
N LEU B 279 -27.13 -60.38 -32.34
CA LEU B 279 -26.16 -59.48 -32.99
C LEU B 279 -25.08 -60.32 -33.64
N GLN B 280 -24.70 -59.94 -34.87
CA GLN B 280 -23.61 -60.63 -35.55
C GLN B 280 -22.81 -59.69 -36.41
N SER B 281 -21.52 -59.94 -36.53
CA SER B 281 -20.67 -59.18 -37.43
C SER B 281 -19.82 -60.20 -38.12
N LYS B 282 -19.92 -60.29 -39.43
CA LYS B 282 -19.21 -61.33 -40.18
C LYS B 282 -18.20 -60.70 -41.08
N GLY B 283 -16.94 -60.99 -40.85
CA GLY B 283 -15.86 -60.48 -41.67
C GLY B 283 -15.72 -61.36 -42.90
N LYS B 284 -15.46 -60.73 -44.05
CA LYS B 284 -15.26 -61.42 -45.30
C LYS B 284 -13.93 -60.98 -45.94
N ASP B 285 -13.35 -61.88 -46.69
CA ASP B 285 -12.11 -61.59 -47.43
C ASP B 285 -10.97 -61.13 -46.58
N LEU B 286 -10.88 -61.73 -45.36
CA LEU B 286 -9.77 -61.42 -44.47
C LEU B 286 -8.54 -62.15 -45.04
N GLU B 287 -7.43 -61.45 -44.95
CA GLU B 287 -6.14 -61.94 -45.41
C GLU B 287 -5.59 -63.04 -44.50
N ARG B 288 -4.39 -63.54 -44.82
CA ARG B 288 -3.62 -64.45 -43.96
C ARG B 288 -4.26 -65.79 -43.72
N GLY B 289 -5.16 -66.21 -44.60
CA GLY B 289 -5.80 -67.51 -44.43
C GLY B 289 -7.03 -67.49 -43.54
N TYR B 290 -7.43 -66.30 -43.02
CA TYR B 290 -8.63 -66.23 -42.18
C TYR B 290 -9.90 -66.40 -43.03
N GLY B 291 -9.92 -65.80 -44.21
CA GLY B 291 -11.07 -65.85 -45.12
C GLY B 291 -12.29 -65.22 -44.48
N ASP B 292 -13.37 -65.99 -44.29
CA ASP B 292 -14.57 -65.48 -43.65
C ASP B 292 -14.56 -65.85 -42.17
N GLN B 293 -14.77 -64.88 -41.28
CA GLN B 293 -14.73 -65.13 -39.85
C GLN B 293 -15.79 -64.32 -39.13
N ASP B 294 -16.38 -64.91 -38.11
CA ASP B 294 -17.30 -64.18 -37.26
C ASP B 294 -16.46 -63.31 -36.34
N ILE B 295 -16.75 -62.02 -36.33
CA ILE B 295 -16.09 -61.04 -35.45
C ILE B 295 -16.89 -60.89 -34.14
N LEU B 296 -18.22 -61.04 -34.23
CA LEU B 296 -19.13 -60.94 -33.11
C LEU B 296 -20.32 -61.86 -33.42
N LYS B 297 -20.80 -62.60 -32.44
CA LYS B 297 -22.01 -63.41 -32.64
C LYS B 297 -22.59 -63.77 -31.29
N TYR B 298 -23.76 -63.20 -30.95
CA TYR B 298 -24.36 -63.56 -29.68
C TYR B 298 -25.84 -63.33 -29.64
N VAL B 299 -26.49 -64.03 -28.71
CA VAL B 299 -27.89 -63.80 -28.41
C VAL B 299 -27.89 -63.07 -27.07
N ASP B 300 -28.79 -62.12 -26.91
CA ASP B 300 -28.86 -61.36 -25.66
C ASP B 300 -30.24 -61.50 -25.09
N VAL B 301 -30.34 -61.87 -23.81
CA VAL B 301 -31.62 -62.00 -23.14
C VAL B 301 -31.51 -61.25 -21.82
N GLY B 302 -32.45 -60.37 -21.56
CA GLY B 302 -32.41 -59.61 -20.31
C GLY B 302 -33.69 -58.92 -20.01
N ALA B 303 -33.66 -58.11 -18.96
CA ALA B 303 -34.84 -57.33 -18.60
C ALA B 303 -34.42 -56.16 -17.76
N THR B 304 -35.13 -55.08 -17.91
CA THR B 304 -34.96 -53.92 -17.05
C THR B 304 -36.27 -53.71 -16.29
N TYR B 305 -36.18 -53.43 -15.00
CA TYR B 305 -37.38 -53.07 -14.23
C TYR B 305 -37.26 -51.58 -13.94
N TYR B 306 -38.19 -50.78 -14.45
CA TYR B 306 -38.19 -49.35 -14.20
C TYR B 306 -39.07 -49.08 -13.00
N PHE B 307 -38.47 -48.61 -11.89
CA PHE B 307 -39.25 -48.22 -10.73
C PHE B 307 -40.05 -46.94 -11.08
N ASN B 308 -39.40 -46.02 -11.78
CA ASN B 308 -39.96 -44.78 -12.27
C ASN B 308 -38.97 -44.19 -13.28
N LYS B 309 -39.14 -42.93 -13.72
CA LYS B 309 -38.22 -42.36 -14.71
C LYS B 309 -36.81 -42.09 -14.16
N ASN B 310 -36.60 -42.20 -12.84
CA ASN B 310 -35.30 -41.91 -12.23
C ASN B 310 -34.59 -43.13 -11.62
N MET B 311 -35.22 -44.31 -11.62
CA MET B 311 -34.56 -45.47 -10.99
C MET B 311 -34.92 -46.72 -11.69
N SER B 312 -33.92 -47.57 -11.96
CA SER B 312 -34.17 -48.85 -12.60
C SER B 312 -33.16 -49.88 -12.15
N THR B 313 -33.44 -51.16 -12.45
CA THR B 313 -32.49 -52.23 -12.18
C THR B 313 -32.59 -53.21 -13.34
N TYR B 314 -31.50 -53.93 -13.63
CA TYR B 314 -31.55 -54.82 -14.78
C TYR B 314 -30.65 -56.02 -14.65
N VAL B 315 -30.97 -57.02 -15.45
CA VAL B 315 -30.13 -58.18 -15.66
C VAL B 315 -29.97 -58.32 -17.17
N ASP B 316 -28.75 -58.64 -17.63
CA ASP B 316 -28.53 -58.84 -19.05
C ASP B 316 -27.64 -60.03 -19.22
N TYR B 317 -27.93 -60.87 -20.19
CA TYR B 317 -27.17 -62.11 -20.38
C TYR B 317 -26.74 -62.21 -21.83
N LYS B 318 -25.45 -62.10 -22.04
CA LYS B 318 -24.83 -62.22 -23.35
C LYS B 318 -24.46 -63.71 -23.50
N ILE B 319 -25.13 -64.41 -24.41
CA ILE B 319 -24.90 -65.82 -24.71
C ILE B 319 -24.03 -65.81 -25.95
N ASN B 320 -22.75 -65.94 -25.71
CA ASN B 320 -21.74 -65.78 -26.76
C ASN B 320 -21.64 -67.01 -27.63
N LEU B 321 -21.97 -66.86 -28.93
CA LEU B 321 -21.96 -67.98 -29.86
C LEU B 321 -20.64 -68.14 -30.62
N LEU B 322 -19.63 -67.32 -30.32
CA LEU B 322 -18.34 -67.45 -30.96
C LEU B 322 -17.62 -68.67 -30.40
N ASP B 323 -16.86 -69.32 -31.26
CA ASP B 323 -16.03 -70.46 -30.90
C ASP B 323 -14.60 -69.93 -30.73
N ASP B 324 -13.81 -70.60 -29.88
CA ASP B 324 -12.41 -70.24 -29.70
C ASP B 324 -11.67 -70.76 -30.92
N ASN B 325 -11.00 -69.89 -31.68
CA ASN B 325 -10.23 -70.32 -32.86
C ASN B 325 -9.01 -69.40 -33.03
N SER B 326 -8.17 -69.60 -34.05
N SER B 326 -8.18 -69.60 -34.06
CA SER B 326 -6.98 -68.75 -34.22
CA SER B 326 -7.00 -68.77 -34.27
C SER B 326 -7.36 -67.29 -34.44
C SER B 326 -7.36 -67.29 -34.45
N PHE B 327 -8.49 -67.01 -35.10
CA PHE B 327 -8.91 -65.65 -35.32
C PHE B 327 -9.31 -64.95 -34.00
N THR B 328 -10.24 -65.55 -33.21
CA THR B 328 -10.63 -64.91 -31.95
C THR B 328 -9.46 -64.78 -30.99
N ARG B 329 -8.55 -65.78 -30.97
CA ARG B 329 -7.36 -65.71 -30.11
C ARG B 329 -6.44 -64.58 -30.53
N ASN B 330 -6.03 -64.57 -31.81
CA ASN B 330 -5.09 -63.56 -32.30
C ASN B 330 -5.67 -62.15 -32.30
N ALA B 331 -6.99 -62.04 -32.47
CA ALA B 331 -7.64 -60.72 -32.47
C ALA B 331 -8.07 -60.23 -31.08
N GLY B 332 -7.96 -61.08 -30.06
CA GLY B 332 -8.33 -60.72 -28.70
C GLY B 332 -9.83 -60.55 -28.55
N ILE B 333 -10.60 -61.37 -29.27
CA ILE B 333 -12.06 -61.26 -29.21
C ILE B 333 -12.59 -62.20 -28.14
N SER B 334 -13.44 -61.68 -27.25
CA SER B 334 -14.02 -62.48 -26.18
C SER B 334 -15.03 -63.48 -26.72
N THR B 335 -14.89 -64.75 -26.35
CA THR B 335 -15.84 -65.78 -26.75
C THR B 335 -16.69 -66.26 -25.54
N ASP B 336 -16.54 -65.63 -24.36
CA ASP B 336 -17.25 -66.08 -23.17
C ASP B 336 -18.59 -65.41 -22.98
N ASP B 337 -19.50 -66.09 -22.26
CA ASP B 337 -20.77 -65.48 -21.91
C ASP B 337 -20.53 -64.44 -20.82
N VAL B 338 -21.48 -63.51 -20.66
CA VAL B 338 -21.39 -62.50 -19.60
C VAL B 338 -22.78 -62.29 -19.01
N VAL B 339 -22.86 -62.15 -17.68
CA VAL B 339 -24.11 -61.76 -17.03
C VAL B 339 -23.84 -60.39 -16.39
N ALA B 340 -24.71 -59.41 -16.61
CA ALA B 340 -24.56 -58.11 -15.97
C ALA B 340 -25.75 -57.88 -15.04
N LEU B 341 -25.49 -57.31 -13.86
CA LEU B 341 -26.54 -56.91 -12.92
CA LEU B 341 -26.53 -56.92 -12.93
C LEU B 341 -26.29 -55.44 -12.66
N GLY B 342 -27.31 -54.62 -12.85
CA GLY B 342 -27.16 -53.18 -12.65
C GLY B 342 -28.26 -52.57 -11.82
N LEU B 343 -27.92 -51.51 -11.09
CA LEU B 343 -28.90 -50.76 -10.30
C LEU B 343 -28.56 -49.30 -10.65
N VAL B 344 -29.51 -48.59 -11.27
CA VAL B 344 -29.22 -47.27 -11.84
C VAL B 344 -30.09 -46.17 -11.31
N TYR B 345 -29.44 -45.09 -10.81
CA TYR B 345 -30.15 -43.88 -10.44
C TYR B 345 -29.92 -42.91 -11.63
N GLN B 346 -30.98 -42.30 -12.16
CA GLN B 346 -30.86 -41.40 -13.30
C GLN B 346 -31.42 -40.05 -12.99
N PHE B 347 -30.86 -39.02 -13.62
CA PHE B 347 -31.39 -37.67 -13.46
C PHE B 347 -31.52 -36.99 -14.85
N GLY C 1 -22.43 -16.45 -16.44
CA GLY C 1 -22.78 -17.36 -15.36
C GLY C 1 -24.27 -17.51 -15.16
N ALA C 2 -24.70 -18.64 -14.65
CA ALA C 2 -26.10 -18.99 -14.42
C ALA C 2 -26.28 -19.27 -12.94
N GLU C 3 -27.07 -18.44 -12.23
CA GLU C 3 -27.31 -18.69 -10.81
C GLU C 3 -28.21 -19.89 -10.63
N ILE C 4 -27.66 -20.99 -10.09
CA ILE C 4 -28.45 -22.22 -9.90
C ILE C 4 -28.88 -22.47 -8.45
N TYR C 5 -28.40 -21.63 -7.52
CA TYR C 5 -28.77 -21.81 -6.12
C TYR C 5 -28.66 -20.48 -5.41
N ASN C 6 -29.63 -20.15 -4.56
CA ASN C 6 -29.55 -18.96 -3.75
C ASN C 6 -30.49 -19.17 -2.58
N LYS C 7 -29.94 -19.70 -1.48
CA LYS C 7 -30.75 -19.96 -0.26
C LYS C 7 -29.89 -19.79 0.95
N ASP C 8 -30.50 -19.32 2.04
CA ASP C 8 -29.86 -19.17 3.34
C ASP C 8 -28.43 -18.64 3.31
N GLY C 9 -28.28 -17.48 2.69
CA GLY C 9 -27.00 -16.77 2.69
C GLY C 9 -25.93 -17.34 1.78
N ASN C 10 -26.28 -18.31 0.92
CA ASN C 10 -25.28 -18.87 -0.01
C ASN C 10 -25.83 -18.86 -1.43
N LYS C 11 -24.98 -18.44 -2.37
CA LYS C 11 -25.39 -18.50 -3.77
C LYS C 11 -24.34 -19.18 -4.61
N LEU C 12 -24.79 -19.88 -5.64
CA LEU C 12 -23.88 -20.61 -6.52
C LEU C 12 -24.23 -20.28 -7.96
N ASP C 13 -23.21 -19.96 -8.73
CA ASP C 13 -23.32 -19.75 -10.15
C ASP C 13 -22.59 -20.88 -10.87
N LEU C 14 -23.23 -21.44 -11.87
CA LEU C 14 -22.60 -22.44 -12.74
C LEU C 14 -22.23 -21.64 -14.00
N TYR C 15 -21.01 -21.82 -14.51
CA TYR C 15 -20.61 -21.12 -15.74
C TYR C 15 -19.75 -22.03 -16.58
N GLY C 16 -19.59 -21.64 -17.84
CA GLY C 16 -18.75 -22.41 -18.74
C GLY C 16 -19.07 -22.17 -20.18
N LYS C 17 -18.46 -22.99 -21.03
CA LYS C 17 -18.67 -22.86 -22.45
C LYS C 17 -18.34 -24.14 -23.15
N ILE C 18 -18.88 -24.33 -24.34
CA ILE C 18 -18.57 -25.48 -25.17
C ILE C 18 -18.15 -24.86 -26.50
N ASP C 19 -16.88 -25.06 -26.86
CA ASP C 19 -16.32 -24.41 -28.05
C ASP C 19 -16.00 -25.44 -29.11
N GLY C 20 -16.83 -25.49 -30.16
CA GLY C 20 -16.61 -26.34 -31.33
C GLY C 20 -15.59 -25.60 -32.16
N LEU C 21 -14.34 -26.06 -32.11
CA LEU C 21 -13.21 -25.29 -32.63
C LEU C 21 -12.31 -26.10 -33.51
N HIS C 22 -11.92 -25.53 -34.65
CA HIS C 22 -11.02 -26.22 -35.56
C HIS C 22 -9.89 -25.28 -35.98
N TYR C 23 -8.64 -25.77 -35.98
CA TYR C 23 -7.49 -25.00 -36.44
C TYR C 23 -7.06 -25.54 -37.79
N PHE C 24 -6.56 -24.66 -38.67
CA PHE C 24 -6.03 -25.06 -39.96
C PHE C 24 -4.60 -24.52 -39.99
N SER C 25 -3.62 -25.42 -40.07
CA SER C 25 -2.23 -24.98 -40.08
C SER C 25 -1.33 -26.02 -40.70
N ASP C 26 -0.23 -25.55 -41.32
CA ASP C 26 0.81 -26.47 -41.81
C ASP C 26 1.58 -27.09 -40.64
N ASP C 27 1.50 -26.51 -39.44
CA ASP C 27 2.15 -27.05 -38.25
C ASP C 27 1.23 -28.16 -37.77
N LYS C 28 1.65 -29.41 -37.95
CA LYS C 28 0.87 -30.59 -37.57
C LYS C 28 0.64 -30.72 -36.08
N SER C 29 1.41 -30.02 -35.24
CA SER C 29 1.19 -30.08 -33.80
C SER C 29 0.01 -29.20 -33.37
N VAL C 30 -0.48 -28.29 -34.24
CA VAL C 30 -1.66 -27.48 -33.88
C VAL C 30 -2.82 -27.68 -34.85
N ASP C 31 -2.55 -28.11 -36.09
CA ASP C 31 -3.61 -28.36 -37.06
C ASP C 31 -4.64 -29.37 -36.59
N GLY C 32 -5.89 -29.13 -36.93
CA GLY C 32 -6.96 -30.09 -36.69
C GLY C 32 -8.00 -29.68 -35.68
N ASP C 33 -8.80 -30.66 -35.27
CA ASP C 33 -9.88 -30.41 -34.30
C ASP C 33 -9.29 -29.96 -32.96
N GLN C 34 -9.88 -28.90 -32.40
CA GLN C 34 -9.43 -28.36 -31.11
C GLN C 34 -10.62 -28.18 -30.14
N THR C 35 -11.74 -28.89 -30.38
CA THR C 35 -12.93 -28.74 -29.55
C THR C 35 -12.66 -28.97 -28.08
N TYR C 36 -13.19 -28.10 -27.24
CA TYR C 36 -13.02 -28.25 -25.80
C TYR C 36 -14.18 -27.58 -25.09
N MET C 37 -14.27 -27.81 -23.78
CA MET C 37 -15.26 -27.11 -22.99
C MET C 37 -14.67 -26.70 -21.66
N ARG C 38 -15.32 -25.72 -21.02
CA ARG C 38 -14.94 -25.30 -19.70
C ARG C 38 -16.17 -25.34 -18.82
N VAL C 39 -15.96 -25.68 -17.55
CA VAL C 39 -17.09 -25.69 -16.61
C VAL C 39 -16.54 -25.19 -15.30
N GLY C 40 -17.32 -24.40 -14.61
CA GLY C 40 -16.88 -23.83 -13.34
C GLY C 40 -18.03 -23.50 -12.44
N VAL C 41 -17.69 -23.30 -11.19
CA VAL C 41 -18.64 -22.95 -10.14
CA VAL C 41 -18.65 -22.91 -10.16
C VAL C 41 -18.09 -21.71 -9.42
N LYS C 42 -18.95 -20.74 -9.13
CA LYS C 42 -18.55 -19.56 -8.38
C LYS C 42 -19.52 -19.48 -7.23
N GLY C 43 -19.04 -19.53 -6.00
CA GLY C 43 -19.92 -19.48 -4.84
C GLY C 43 -19.62 -18.29 -3.95
N GLU C 44 -20.66 -17.79 -3.24
CA GLU C 44 -20.43 -16.68 -2.31
C GLU C 44 -21.42 -16.81 -1.15
N THR C 45 -20.92 -16.70 0.08
CA THR C 45 -21.77 -16.77 1.28
C THR C 45 -21.68 -15.46 2.05
N GLN C 46 -22.82 -14.97 2.56
CA GLN C 46 -22.81 -13.74 3.32
C GLN C 46 -22.59 -14.17 4.77
N ILE C 47 -21.39 -13.89 5.32
CA ILE C 47 -21.10 -14.28 6.70
C ILE C 47 -21.74 -13.30 7.68
N ASN C 48 -21.47 -12.02 7.47
CA ASN C 48 -22.10 -10.99 8.27
C ASN C 48 -22.33 -9.78 7.37
N ASP C 49 -22.74 -8.64 7.96
CA ASP C 49 -23.02 -7.44 7.22
C ASP C 49 -21.88 -7.02 6.30
N GLN C 50 -20.63 -7.20 6.75
CA GLN C 50 -19.48 -6.77 5.98
C GLN C 50 -18.68 -7.89 5.36
N LEU C 51 -18.71 -9.07 5.95
CA LEU C 51 -17.83 -10.16 5.53
C LEU C 51 -18.52 -11.19 4.68
N THR C 52 -17.90 -11.51 3.55
CA THR C 52 -18.40 -12.57 2.68
C THR C 52 -17.29 -13.60 2.47
N GLY C 53 -17.70 -14.83 2.27
CA GLY C 53 -16.78 -15.91 1.94
C GLY C 53 -17.06 -16.32 0.50
N TYR C 54 -16.06 -16.80 -0.22
CA TYR C 54 -16.27 -17.20 -1.60
C TYR C 54 -15.35 -18.30 -2.04
N GLY C 55 -15.72 -18.94 -3.13
CA GLY C 55 -14.91 -19.98 -3.72
C GLY C 55 -15.15 -20.00 -5.21
N GLN C 56 -14.13 -20.42 -5.97
CA GLN C 56 -14.31 -20.55 -7.41
C GLN C 56 -13.47 -21.67 -7.92
N TRP C 57 -14.04 -22.47 -8.83
CA TRP C 57 -13.30 -23.57 -9.48
C TRP C 57 -13.60 -23.47 -10.97
N GLU C 58 -12.58 -23.62 -11.80
CA GLU C 58 -12.74 -23.59 -13.25
C GLU C 58 -11.99 -24.76 -13.82
N TYR C 59 -12.66 -25.60 -14.61
CA TYR C 59 -12.08 -26.83 -15.15
C TYR C 59 -12.09 -26.77 -16.66
N ASN C 60 -11.03 -27.27 -17.28
CA ASN C 60 -10.92 -27.33 -18.74
C ASN C 60 -11.01 -28.80 -19.11
N VAL C 61 -11.91 -29.12 -20.06
CA VAL C 61 -12.07 -30.50 -20.49
C VAL C 61 -11.93 -30.55 -22.02
N GLN C 62 -10.84 -31.12 -22.50
CA GLN C 62 -10.65 -31.25 -23.94
C GLN C 62 -11.65 -32.26 -24.49
N ALA C 63 -12.09 -32.05 -25.72
CA ALA C 63 -13.01 -32.99 -26.37
C ALA C 63 -12.58 -33.26 -27.81
N ASN C 64 -11.28 -33.04 -28.11
CA ASN C 64 -10.73 -33.22 -29.43
C ASN C 64 -9.99 -34.54 -29.60
N ASN C 65 -9.88 -35.35 -28.53
CA ASN C 65 -9.22 -36.64 -28.68
C ASN C 65 -10.18 -37.78 -28.31
N THR C 66 -9.70 -39.03 -28.42
CA THR C 66 -10.51 -40.20 -28.22
C THR C 66 -10.86 -40.44 -26.75
N GLU C 67 -11.76 -41.40 -26.51
CA GLU C 67 -12.12 -41.74 -25.15
C GLU C 67 -11.01 -42.51 -24.41
N SER C 68 -10.01 -43.03 -25.14
CA SER C 68 -8.88 -43.71 -24.54
C SER C 68 -7.64 -42.81 -24.40
N SER C 69 -7.75 -41.51 -24.74
CA SER C 69 -6.62 -40.60 -24.65
C SER C 69 -6.38 -40.20 -23.20
N SER C 70 -5.14 -39.83 -22.89
CA SER C 70 -4.79 -39.45 -21.52
C SER C 70 -4.68 -37.94 -21.35
N ASP C 71 -4.81 -37.48 -20.10
CA ASP C 71 -4.54 -36.11 -19.69
C ASP C 71 -5.39 -35.10 -20.44
N GLN C 72 -6.71 -35.39 -20.53
CA GLN C 72 -7.59 -34.51 -21.30
C GLN C 72 -8.31 -33.45 -20.48
N ALA C 73 -8.19 -33.48 -19.14
CA ALA C 73 -8.86 -32.47 -18.34
C ALA C 73 -7.93 -31.95 -17.25
N TRP C 74 -8.14 -30.69 -16.86
CA TRP C 74 -7.30 -30.07 -15.84
C TRP C 74 -7.96 -28.88 -15.20
N THR C 75 -7.51 -28.54 -13.97
CA THR C 75 -8.07 -27.39 -13.29
C THR C 75 -7.30 -26.13 -13.65
N ARG C 76 -8.04 -25.11 -14.08
CA ARG C 76 -7.47 -23.80 -14.38
C ARG C 76 -7.42 -22.96 -13.10
N LEU C 77 -8.54 -22.96 -12.33
CA LEU C 77 -8.62 -22.15 -11.10
C LEU C 77 -9.25 -22.95 -9.99
N ALA C 78 -8.80 -22.70 -8.75
CA ALA C 78 -9.49 -23.29 -7.58
C ALA C 78 -9.00 -22.50 -6.38
N PHE C 79 -9.84 -21.62 -5.85
CA PHE C 79 -9.41 -20.80 -4.72
C PHE C 79 -10.59 -20.51 -3.80
N ALA C 80 -10.26 -20.22 -2.54
CA ALA C 80 -11.26 -19.84 -1.55
C ALA C 80 -10.80 -18.53 -0.95
N GLY C 81 -11.76 -17.70 -0.55
CA GLY C 81 -11.38 -16.39 -0.02
C GLY C 81 -12.39 -15.75 0.89
N LEU C 82 -11.98 -14.60 1.43
CA LEU C 82 -12.84 -13.80 2.30
C LEU C 82 -12.76 -12.37 1.78
N LYS C 83 -13.87 -11.67 1.80
CA LYS C 83 -13.90 -10.25 1.39
C LYS C 83 -14.49 -9.47 2.53
N PHE C 84 -13.82 -8.39 2.99
CA PHE C 84 -14.39 -7.61 4.11
C PHE C 84 -14.78 -6.20 3.69
N GLY C 85 -16.04 -6.01 3.34
CA GLY C 85 -16.58 -4.71 2.95
C GLY C 85 -15.74 -4.07 1.86
N ASP C 86 -15.27 -2.87 2.11
CA ASP C 86 -14.38 -2.15 1.20
C ASP C 86 -12.90 -2.31 1.60
N ALA C 87 -12.60 -3.02 2.71
CA ALA C 87 -11.21 -3.20 3.15
C ALA C 87 -10.39 -4.13 2.23
N GLY C 88 -11.06 -4.89 1.38
CA GLY C 88 -10.38 -5.76 0.44
C GLY C 88 -10.71 -7.22 0.60
N SER C 89 -10.10 -8.03 -0.23
CA SER C 89 -10.32 -9.47 -0.22
C SER C 89 -9.01 -10.23 -0.11
N PHE C 90 -9.06 -11.46 0.36
CA PHE C 90 -7.88 -12.32 0.42
C PHE C 90 -8.33 -13.70 -0.05
N ASP C 91 -7.59 -14.29 -1.01
CA ASP C 91 -7.90 -15.66 -1.43
C ASP C 91 -6.63 -16.46 -1.61
N TYR C 92 -6.74 -17.79 -1.50
CA TYR C 92 -5.59 -18.66 -1.69
C TYR C 92 -5.99 -19.88 -2.51
N GLY C 93 -5.08 -20.30 -3.39
CA GLY C 93 -5.29 -21.52 -4.15
C GLY C 93 -4.61 -21.41 -5.50
N ARG C 94 -5.23 -22.00 -6.52
CA ARG C 94 -4.74 -21.86 -7.90
C ARG C 94 -5.50 -20.68 -8.49
N ASN C 95 -4.77 -19.62 -8.84
CA ASN C 95 -5.42 -18.40 -9.32
C ASN C 95 -4.45 -17.65 -10.25
N TYR C 96 -4.93 -16.58 -10.88
CA TYR C 96 -4.05 -15.79 -11.77
C TYR C 96 -3.00 -15.03 -10.98
N GLY C 97 -1.80 -14.99 -11.54
CA GLY C 97 -0.74 -14.12 -11.06
C GLY C 97 -1.16 -12.68 -11.36
N VAL C 98 -0.78 -11.73 -10.47
CA VAL C 98 -1.24 -10.35 -10.62
C VAL C 98 -0.67 -9.64 -11.83
N VAL C 99 0.37 -10.19 -12.49
CA VAL C 99 0.84 -9.56 -13.75
C VAL C 99 -0.30 -9.55 -14.80
N TYR C 100 -1.16 -10.60 -14.77
CA TYR C 100 -2.30 -10.71 -15.69
C TYR C 100 -3.36 -9.62 -15.43
N ASP C 101 -3.35 -8.96 -14.24
CA ASP C 101 -4.26 -7.83 -14.02
C ASP C 101 -4.07 -6.75 -15.09
N VAL C 102 -2.83 -6.61 -15.64
CA VAL C 102 -2.56 -5.64 -16.68
C VAL C 102 -2.45 -6.33 -18.06
N THR C 103 -1.68 -7.47 -18.15
CA THR C 103 -1.51 -8.10 -19.47
C THR C 103 -2.84 -8.63 -20.02
N SER C 104 -3.85 -8.87 -19.17
CA SER C 104 -5.17 -9.33 -19.66
C SER C 104 -5.80 -8.29 -20.60
N TRP C 105 -5.39 -7.00 -20.54
CA TRP C 105 -5.98 -5.99 -21.42
C TRP C 105 -5.78 -6.25 -22.89
N THR C 106 -4.71 -6.98 -23.26
CA THR C 106 -4.51 -7.35 -24.67
C THR C 106 -4.93 -8.82 -24.94
N ASP C 107 -5.43 -9.54 -23.91
CA ASP C 107 -5.85 -10.93 -24.09
C ASP C 107 -7.32 -10.92 -24.50
N VAL C 108 -7.58 -10.35 -25.66
CA VAL C 108 -8.95 -10.17 -26.15
C VAL C 108 -9.12 -10.62 -27.60
N LEU C 109 -8.14 -11.35 -28.16
CA LEU C 109 -8.24 -11.78 -29.55
C LEU C 109 -9.38 -12.80 -29.69
N PRO C 110 -9.89 -12.98 -30.90
CA PRO C 110 -10.99 -13.94 -31.10
C PRO C 110 -10.66 -15.35 -30.62
N GLU C 111 -9.41 -15.79 -30.83
CA GLU C 111 -8.94 -17.10 -30.41
C GLU C 111 -7.52 -17.10 -29.84
N PHE C 112 -6.58 -16.46 -30.55
CA PHE C 112 -5.18 -16.54 -30.17
C PHE C 112 -4.81 -15.54 -29.04
N GLY C 113 -3.52 -15.30 -28.83
CA GLY C 113 -3.05 -14.38 -27.81
C GLY C 113 -3.08 -14.99 -26.44
N GLY C 114 -2.90 -14.15 -25.42
CA GLY C 114 -2.95 -14.60 -24.05
C GLY C 114 -1.83 -15.50 -23.59
N ASP C 115 -2.17 -16.47 -22.70
CA ASP C 115 -1.15 -17.32 -22.12
C ASP C 115 -0.67 -18.44 -23.03
N THR C 116 -0.89 -18.33 -24.33
CA THR C 116 -0.30 -19.25 -25.30
C THR C 116 0.82 -18.50 -26.09
N ASP C 117 1.06 -17.18 -25.80
CA ASP C 117 2.02 -16.42 -26.59
C ASP C 117 3.17 -15.78 -25.77
N THR C 118 3.13 -14.46 -25.38
CA THR C 118 4.31 -13.85 -24.74
C THR C 118 4.61 -14.39 -23.34
N TYR C 119 3.62 -15.02 -22.70
CA TYR C 119 3.76 -15.66 -21.41
C TYR C 119 2.89 -16.93 -21.44
N GLY C 120 3.02 -17.76 -20.41
CA GLY C 120 2.20 -18.97 -20.31
C GLY C 120 1.60 -19.16 -18.95
N SER C 121 0.94 -20.31 -18.76
CA SER C 121 0.42 -20.74 -17.47
C SER C 121 1.53 -21.46 -16.68
N ASP C 122 1.42 -21.42 -15.35
CA ASP C 122 2.45 -21.93 -14.44
C ASP C 122 3.83 -21.35 -14.79
N ASN C 123 3.83 -20.05 -15.14
CA ASN C 123 5.02 -19.33 -15.60
C ASN C 123 5.22 -18.19 -14.62
N PHE C 124 5.68 -18.54 -13.42
CA PHE C 124 5.82 -17.58 -12.33
C PHE C 124 4.46 -16.89 -12.06
N LEU C 125 4.41 -15.55 -11.95
CA LEU C 125 3.12 -14.91 -11.67
C LEU C 125 2.52 -14.26 -12.92
N GLN C 126 2.83 -14.82 -14.11
CA GLN C 126 2.36 -14.20 -15.35
C GLN C 126 0.98 -14.66 -15.78
N SER C 127 0.54 -15.85 -15.36
CA SER C 127 -0.80 -16.32 -15.69
C SER C 127 -1.28 -17.21 -14.53
N ARG C 128 -2.09 -18.25 -14.78
CA ARG C 128 -2.57 -19.12 -13.71
C ARG C 128 -1.40 -19.81 -13.02
N ALA C 129 -1.51 -19.93 -11.67
CA ALA C 129 -0.38 -20.37 -10.88
C ALA C 129 -0.86 -21.11 -9.65
N ASN C 130 -0.07 -22.11 -9.21
CA ASN C 130 -0.42 -22.83 -7.98
C ASN C 130 0.08 -22.10 -6.74
N GLY C 131 -0.73 -22.15 -5.69
CA GLY C 131 -0.30 -21.70 -4.38
C GLY C 131 -0.12 -20.21 -4.21
N VAL C 132 -1.00 -19.41 -4.86
CA VAL C 132 -0.94 -17.95 -4.72
C VAL C 132 -1.89 -17.48 -3.65
N ALA C 133 -1.37 -16.62 -2.75
CA ALA C 133 -2.15 -15.94 -1.72
C ALA C 133 -2.27 -14.52 -2.27
N THR C 134 -3.50 -14.02 -2.45
CA THR C 134 -3.68 -12.74 -3.11
C THR C 134 -4.57 -11.81 -2.32
N TYR C 135 -4.07 -10.62 -2.03
CA TYR C 135 -4.87 -9.55 -1.42
C TYR C 135 -5.28 -8.61 -2.55
N ARG C 136 -6.56 -8.24 -2.62
CA ARG C 136 -7.03 -7.29 -3.64
C ARG C 136 -7.86 -6.20 -3.01
N ASN C 137 -7.73 -4.99 -3.55
CA ASN C 137 -8.51 -3.85 -3.10
C ASN C 137 -9.16 -3.24 -4.32
N SER C 138 -10.49 -3.14 -4.31
CA SER C 138 -11.27 -2.63 -5.42
C SER C 138 -11.70 -1.21 -5.22
N ASP C 139 -11.51 -0.40 -6.26
CA ASP C 139 -12.00 0.97 -6.27
C ASP C 139 -11.48 1.79 -5.10
N PHE C 140 -10.21 1.57 -4.68
CA PHE C 140 -9.54 2.25 -3.55
C PHE C 140 -10.46 2.40 -2.33
N PHE C 141 -10.75 1.26 -1.67
CA PHE C 141 -11.59 1.26 -0.48
C PHE C 141 -12.99 1.81 -0.77
N GLY C 142 -13.46 1.62 -2.01
CA GLY C 142 -14.76 2.09 -2.49
C GLY C 142 -14.83 3.59 -2.75
N LEU C 143 -13.68 4.28 -2.70
CA LEU C 143 -13.63 5.75 -2.85
C LEU C 143 -13.32 6.27 -4.25
N VAL C 144 -12.61 5.47 -5.06
CA VAL C 144 -12.18 5.89 -6.39
C VAL C 144 -12.53 4.82 -7.39
N ASP C 145 -13.58 5.02 -8.17
CA ASP C 145 -13.97 4.02 -9.17
C ASP C 145 -12.86 3.71 -10.17
N GLY C 146 -12.55 2.43 -10.32
CA GLY C 146 -11.53 1.98 -11.25
C GLY C 146 -10.10 1.92 -10.75
N LEU C 147 -9.84 2.38 -9.53
CA LEU C 147 -8.48 2.33 -8.98
C LEU C 147 -8.35 1.05 -8.15
N ASN C 148 -7.69 0.06 -8.73
CA ASN C 148 -7.60 -1.27 -8.11
C ASN C 148 -6.15 -1.65 -7.87
N PHE C 149 -5.88 -2.31 -6.74
CA PHE C 149 -4.52 -2.79 -6.51
C PHE C 149 -4.52 -4.17 -5.92
N ALA C 150 -3.38 -4.86 -6.07
CA ALA C 150 -3.27 -6.20 -5.54
C ALA C 150 -1.88 -6.44 -5.03
N LEU C 151 -1.77 -7.34 -4.04
CA LEU C 151 -0.48 -7.76 -3.45
C LEU C 151 -0.56 -9.28 -3.41
N GLN C 152 0.46 -9.98 -3.86
CA GLN C 152 0.38 -11.44 -3.99
C GLN C 152 1.65 -12.13 -3.55
N TYR C 153 1.52 -13.31 -2.94
CA TYR C 153 2.67 -14.12 -2.55
C TYR C 153 2.49 -15.52 -3.09
N GLN C 154 3.57 -16.16 -3.53
CA GLN C 154 3.49 -17.54 -4.02
C GLN C 154 4.57 -18.36 -3.37
N GLY C 155 4.22 -19.52 -2.79
CA GLY C 155 5.22 -20.40 -2.23
C GLY C 155 5.92 -21.19 -3.32
N LYS C 156 7.11 -21.71 -3.01
CA LYS C 156 7.86 -22.55 -3.97
C LYS C 156 7.01 -23.74 -4.47
N ASN C 157 7.08 -24.02 -5.77
CA ASN C 157 6.51 -25.20 -6.42
C ASN C 157 7.76 -25.79 -7.09
N GLY C 158 8.35 -26.81 -6.48
CA GLY C 158 9.67 -27.30 -6.88
C GLY C 158 9.73 -28.49 -7.79
N SER C 159 10.86 -29.21 -7.72
CA SER C 159 11.10 -30.37 -8.56
C SER C 159 10.28 -31.58 -8.13
N VAL C 160 10.25 -32.61 -8.97
CA VAL C 160 9.51 -33.83 -8.67
C VAL C 160 10.18 -34.60 -7.53
N SER C 161 11.51 -34.66 -7.52
CA SER C 161 12.24 -35.34 -6.47
C SER C 161 13.55 -34.59 -6.13
N GLY C 162 14.28 -35.09 -5.15
CA GLY C 162 15.55 -34.48 -4.75
C GLY C 162 15.38 -33.34 -3.78
N GLU C 163 16.48 -32.62 -3.53
CA GLU C 163 16.56 -31.52 -2.58
C GLU C 163 15.64 -30.36 -2.89
N GLY C 164 15.37 -30.12 -4.17
CA GLY C 164 14.50 -29.02 -4.56
C GLY C 164 13.02 -29.35 -4.60
N ALA C 165 12.64 -30.56 -4.16
CA ALA C 165 11.25 -31.00 -4.29
C ALA C 165 10.25 -30.32 -3.36
N THR C 166 9.00 -30.29 -3.83
CA THR C 166 7.81 -30.01 -3.03
C THR C 166 6.84 -31.16 -3.35
N ASN C 167 5.74 -31.27 -2.59
CA ASN C 167 4.79 -32.36 -2.84
C ASN C 167 4.26 -32.38 -4.26
N ASN C 168 4.07 -31.17 -4.82
CA ASN C 168 3.43 -30.93 -6.09
C ASN C 168 4.46 -30.56 -7.16
N GLY C 169 5.52 -31.34 -7.21
CA GLY C 169 6.63 -31.09 -8.11
C GLY C 169 6.28 -31.14 -9.59
N ARG C 170 7.09 -30.45 -10.38
CA ARG C 170 6.87 -30.38 -11.82
C ARG C 170 8.22 -30.09 -12.52
N GLY C 171 8.22 -30.06 -13.85
CA GLY C 171 9.44 -29.81 -14.62
C GLY C 171 9.90 -28.37 -14.51
N TRP C 172 11.18 -28.12 -14.83
CA TRP C 172 11.80 -26.78 -14.71
C TRP C 172 10.99 -25.66 -15.35
N SER C 173 10.32 -25.93 -16.48
CA SER C 173 9.59 -24.87 -17.18
C SER C 173 8.40 -24.34 -16.40
N LYS C 174 7.91 -25.09 -15.42
CA LYS C 174 6.75 -24.70 -14.62
C LYS C 174 7.06 -24.61 -13.13
N GLN C 175 8.37 -24.63 -12.75
CA GLN C 175 8.74 -24.48 -11.35
C GLN C 175 8.82 -23.01 -10.96
N ASN C 176 8.83 -22.75 -9.64
CA ASN C 176 9.07 -21.42 -9.13
C ASN C 176 9.56 -21.53 -7.70
N GLY C 177 10.38 -20.58 -7.29
CA GLY C 177 10.71 -20.44 -5.89
C GLY C 177 9.66 -19.52 -5.24
N ASP C 178 9.88 -19.11 -3.98
CA ASP C 178 8.98 -18.13 -3.32
C ASP C 178 8.94 -16.84 -4.14
N GLY C 179 7.76 -16.24 -4.27
CA GLY C 179 7.63 -15.03 -5.06
C GLY C 179 6.59 -14.05 -4.61
N PHE C 180 6.67 -12.84 -5.12
CA PHE C 180 5.76 -11.73 -4.76
C PHE C 180 5.39 -11.02 -6.04
N GLY C 181 4.20 -10.44 -6.04
CA GLY C 181 3.81 -9.58 -7.14
C GLY C 181 2.87 -8.50 -6.66
N THR C 182 2.81 -7.43 -7.44
CA THR C 182 1.88 -6.34 -7.16
C THR C 182 1.35 -5.77 -8.44
N SER C 183 0.12 -5.24 -8.41
CA SER C 183 -0.44 -4.58 -9.55
C SER C 183 -1.23 -3.37 -9.12
N LEU C 184 -1.36 -2.42 -10.04
CA LEU C 184 -2.15 -1.23 -9.79
C LEU C 184 -2.75 -0.79 -11.12
N THR C 185 -4.07 -0.65 -11.20
CA THR C 185 -4.72 -0.14 -12.41
C THR C 185 -5.63 1.01 -12.03
N TYR C 186 -5.88 1.90 -12.99
CA TYR C 186 -6.73 3.06 -12.72
C TYR C 186 -7.20 3.74 -13.99
N ASP C 187 -8.28 4.52 -13.88
CA ASP C 187 -8.74 5.30 -15.01
C ASP C 187 -8.11 6.68 -14.97
N ILE C 188 -7.63 7.15 -16.12
CA ILE C 188 -7.08 8.49 -16.24
C ILE C 188 -8.21 9.42 -16.66
N TRP C 189 -8.99 9.00 -17.64
CA TRP C 189 -10.19 9.68 -18.12
C TRP C 189 -11.30 8.61 -18.24
N ASP C 190 -12.53 9.03 -18.56
CA ASP C 190 -13.62 8.05 -18.74
C ASP C 190 -13.30 7.18 -19.97
N GLY C 191 -13.26 5.88 -19.77
CA GLY C 191 -12.90 4.95 -20.85
C GLY C 191 -11.40 4.78 -21.07
N ILE C 192 -10.54 5.59 -20.42
CA ILE C 192 -9.09 5.47 -20.60
C ILE C 192 -8.43 4.99 -19.32
N SER C 193 -7.71 3.85 -19.37
CA SER C 193 -7.08 3.32 -18.18
C SER C 193 -5.59 3.02 -18.37
N ALA C 194 -4.85 3.08 -17.26
CA ALA C 194 -3.41 2.77 -17.21
C ALA C 194 -3.17 1.74 -16.12
N GLY C 195 -2.17 0.90 -16.33
CA GLY C 195 -1.88 -0.16 -15.37
C GLY C 195 -0.43 -0.51 -15.30
N PHE C 196 0.01 -0.91 -14.09
CA PHE C 196 1.39 -1.32 -13.87
C PHE C 196 1.42 -2.58 -13.02
N ALA C 197 2.38 -3.45 -13.27
CA ALA C 197 2.52 -4.67 -12.47
C ALA C 197 3.99 -5.03 -12.35
N TYR C 198 4.33 -5.62 -11.21
CA TYR C 198 5.70 -6.04 -10.94
C TYR C 198 5.65 -7.41 -10.32
N SER C 199 6.59 -8.31 -10.67
CA SER C 199 6.70 -9.57 -9.95
C SER C 199 8.16 -9.93 -9.76
N HIS C 200 8.45 -10.66 -8.70
CA HIS C 200 9.80 -11.07 -8.37
C HIS C 200 9.70 -12.42 -7.70
N SER C 201 10.29 -13.43 -8.32
CA SER C 201 10.29 -14.77 -7.75
C SER C 201 11.71 -15.33 -7.68
N LYS C 202 11.98 -16.18 -6.68
CA LYS C 202 13.23 -16.93 -6.68
C LYS C 202 13.15 -18.00 -7.79
N ARG C 203 14.27 -18.28 -8.45
CA ARG C 203 14.29 -19.35 -9.44
C ARG C 203 14.74 -20.62 -8.72
N THR C 204 14.62 -21.77 -9.40
CA THR C 204 14.98 -23.04 -8.78
C THR C 204 16.30 -23.59 -9.29
N ASP C 205 16.89 -24.56 -8.55
CA ASP C 205 18.13 -25.17 -8.98
C ASP C 205 18.00 -25.84 -10.35
N GLU C 206 16.87 -26.53 -10.61
CA GLU C 206 16.70 -27.15 -11.93
C GLU C 206 16.60 -26.14 -13.04
N GLN C 207 16.01 -24.96 -12.80
CA GLN C 207 15.95 -23.93 -13.83
C GLN C 207 17.36 -23.45 -14.20
N ASN C 208 18.28 -23.46 -13.24
CA ASN C 208 19.66 -23.03 -13.46
C ASN C 208 20.61 -24.16 -13.81
N SER C 209 20.10 -25.39 -14.08
CA SER C 209 21.00 -26.51 -14.38
C SER C 209 20.55 -27.43 -15.51
N VAL C 210 19.22 -27.62 -15.67
CA VAL C 210 18.72 -28.53 -16.70
C VAL C 210 18.68 -27.92 -18.11
N PRO C 211 17.92 -26.83 -18.35
CA PRO C 211 17.88 -26.26 -19.70
C PRO C 211 19.16 -25.51 -20.03
N ALA C 212 19.44 -25.36 -21.32
CA ALA C 212 20.64 -24.69 -21.77
C ALA C 212 20.59 -23.17 -21.56
N LEU C 213 19.41 -22.57 -21.69
CA LEU C 213 19.30 -21.12 -21.64
C LEU C 213 18.71 -20.56 -20.37
N GLY C 214 19.26 -19.41 -19.95
CA GLY C 214 18.75 -18.64 -18.84
C GLY C 214 19.41 -19.03 -17.53
N ARG C 215 20.08 -18.06 -16.90
CA ARG C 215 20.73 -18.31 -15.62
C ARG C 215 20.49 -17.12 -14.72
N GLY C 216 20.09 -17.36 -13.47
CA GLY C 216 19.86 -16.27 -12.53
C GLY C 216 19.11 -16.76 -11.31
N ASP C 217 19.34 -16.14 -10.16
CA ASP C 217 18.64 -16.57 -8.94
C ASP C 217 17.22 -16.03 -8.86
N ASN C 218 16.90 -14.96 -9.61
CA ASN C 218 15.59 -14.31 -9.53
C ASN C 218 14.95 -14.14 -10.92
N ALA C 219 13.63 -14.33 -10.99
CA ALA C 219 12.82 -14.06 -12.17
C ALA C 219 12.06 -12.78 -11.86
N GLU C 220 12.07 -11.78 -12.73
CA GLU C 220 11.38 -10.52 -12.47
C GLU C 220 10.61 -10.09 -13.70
N THR C 221 9.50 -9.38 -13.50
CA THR C 221 8.74 -8.83 -14.62
C THR C 221 8.30 -7.41 -14.29
N TYR C 222 8.28 -6.56 -15.29
CA TYR C 222 7.85 -5.16 -15.15
C TYR C 222 6.89 -4.92 -16.28
N THR C 223 5.65 -4.54 -15.98
CA THR C 223 4.65 -4.34 -17.02
C THR C 223 3.97 -3.00 -16.93
N GLY C 224 3.72 -2.40 -18.09
CA GLY C 224 2.91 -1.19 -18.21
C GLY C 224 1.85 -1.47 -19.25
N GLY C 225 0.63 -1.00 -19.03
CA GLY C 225 -0.45 -1.20 -19.98
C GLY C 225 -1.35 0.01 -20.09
N LEU C 226 -2.04 0.12 -21.22
CA LEU C 226 -2.96 1.20 -21.50
C LEU C 226 -4.20 0.60 -22.19
N LYS C 227 -5.36 1.15 -21.92
CA LYS C 227 -6.59 0.65 -22.52
C LYS C 227 -7.54 1.80 -22.78
N TYR C 228 -8.22 1.77 -23.92
CA TYR C 228 -9.26 2.72 -24.31
C TYR C 228 -10.47 1.85 -24.57
N ASP C 229 -11.59 2.07 -23.87
CA ASP C 229 -12.77 1.23 -24.03
C ASP C 229 -13.97 2.13 -23.94
N ALA C 230 -14.36 2.70 -25.09
CA ALA C 230 -15.47 3.66 -25.16
C ALA C 230 -15.90 3.85 -26.62
N ASN C 231 -17.13 4.36 -26.85
CA ASN C 231 -17.60 4.66 -28.19
C ASN C 231 -17.52 3.46 -29.14
N ASN C 232 -17.76 2.26 -28.61
CA ASN C 232 -17.72 1.01 -29.40
C ASN C 232 -16.31 0.63 -29.85
N ILE C 233 -15.27 1.33 -29.40
CA ILE C 233 -13.90 1.04 -29.79
C ILE C 233 -13.14 0.47 -28.61
N TYR C 234 -12.27 -0.52 -28.87
CA TYR C 234 -11.41 -1.06 -27.82
C TYR C 234 -9.99 -1.00 -28.34
N LEU C 235 -9.11 -0.30 -27.65
CA LEU C 235 -7.70 -0.23 -28.01
C LEU C 235 -6.94 -0.60 -26.76
N ALA C 236 -5.89 -1.42 -26.87
CA ALA C 236 -5.09 -1.74 -25.69
C ALA C 236 -3.68 -2.10 -26.08
N SER C 237 -2.78 -1.85 -25.16
CA SER C 237 -1.38 -2.22 -25.36
CA SER C 237 -1.39 -2.23 -25.36
C SER C 237 -0.75 -2.62 -24.04
N GLN C 238 0.24 -3.51 -24.09
CA GLN C 238 0.96 -3.89 -22.88
C GLN C 238 2.40 -4.08 -23.28
N TYR C 239 3.30 -3.57 -22.46
CA TYR C 239 4.71 -3.75 -22.65
C TYR C 239 5.26 -4.36 -21.36
N THR C 240 5.96 -5.47 -21.47
CA THR C 240 6.53 -6.16 -20.32
C THR C 240 8.00 -6.45 -20.55
N GLN C 241 8.86 -6.08 -19.60
CA GLN C 241 10.28 -6.43 -19.64
C GLN C 241 10.49 -7.50 -18.59
N THR C 242 11.13 -8.60 -18.96
CA THR C 242 11.34 -9.72 -18.05
C THR C 242 12.81 -10.06 -17.92
N TYR C 243 13.17 -10.69 -16.79
CA TYR C 243 14.49 -11.20 -16.53
C TYR C 243 14.33 -12.64 -16.04
N ASN C 244 14.92 -13.61 -16.78
CA ASN C 244 14.91 -15.03 -16.40
C ASN C 244 13.49 -15.58 -16.20
N ALA C 245 12.50 -15.01 -16.91
CA ALA C 245 11.09 -15.37 -16.68
C ALA C 245 10.31 -15.74 -17.93
N THR C 246 10.82 -15.34 -19.10
CA THR C 246 10.13 -15.66 -20.35
C THR C 246 10.71 -16.92 -20.95
N ARG C 247 9.86 -17.91 -21.27
CA ARG C 247 10.36 -19.16 -21.83
C ARG C 247 10.96 -18.93 -23.24
N ALA C 248 12.08 -19.57 -23.54
CA ALA C 248 12.71 -19.46 -24.87
C ALA C 248 12.37 -20.79 -25.52
N GLY C 249 11.09 -21.02 -25.75
CA GLY C 249 10.61 -22.31 -26.24
C GLY C 249 11.01 -23.44 -25.29
N SER C 250 11.49 -24.55 -25.83
CA SER C 250 11.92 -25.67 -25.01
C SER C 250 13.35 -25.55 -24.51
N LEU C 251 14.09 -24.48 -24.89
CA LEU C 251 15.50 -24.38 -24.55
C LEU C 251 15.83 -23.79 -23.18
N GLY C 252 14.82 -23.25 -22.51
CA GLY C 252 15.02 -22.65 -21.20
C GLY C 252 14.29 -21.35 -21.04
N PHE C 253 14.98 -20.35 -20.49
CA PHE C 253 14.40 -19.02 -20.32
C PHE C 253 15.31 -17.97 -20.95
N ALA C 254 14.73 -16.85 -21.37
CA ALA C 254 15.54 -15.75 -21.91
C ALA C 254 16.10 -14.98 -20.72
N ASN C 255 17.42 -14.70 -20.72
CA ASN C 255 18.00 -13.89 -19.63
C ASN C 255 17.28 -12.54 -19.52
N LYS C 256 16.93 -11.98 -20.68
CA LYS C 256 16.09 -10.79 -20.71
C LYS C 256 15.11 -10.93 -21.87
N ALA C 257 13.88 -10.43 -21.71
CA ALA C 257 12.96 -10.40 -22.84
C ALA C 257 12.14 -9.12 -22.80
N GLN C 258 11.71 -8.67 -23.98
CA GLN C 258 10.87 -7.49 -24.10
C GLN C 258 9.64 -7.95 -24.86
N ASN C 259 8.47 -7.92 -24.22
CA ASN C 259 7.22 -8.37 -24.83
C ASN C 259 6.31 -7.19 -25.10
N PHE C 260 5.69 -7.15 -26.26
CA PHE C 260 4.80 -6.05 -26.62
C PHE C 260 3.58 -6.60 -27.33
N GLU C 261 2.39 -6.16 -26.91
CA GLU C 261 1.15 -6.59 -27.55
C GLU C 261 0.30 -5.34 -27.74
N VAL C 262 -0.38 -5.23 -28.88
CA VAL C 262 -1.26 -4.10 -29.14
C VAL C 262 -2.47 -4.61 -29.94
N VAL C 263 -3.67 -4.13 -29.62
CA VAL C 263 -4.88 -4.61 -30.26
C VAL C 263 -5.86 -3.48 -30.46
N ALA C 264 -6.61 -3.54 -31.57
CA ALA C 264 -7.66 -2.55 -31.88
C ALA C 264 -8.89 -3.35 -32.32
N GLN C 265 -10.05 -3.01 -31.75
CA GLN C 265 -11.30 -3.70 -32.09
C GLN C 265 -12.43 -2.70 -32.19
N TYR C 266 -13.49 -3.10 -32.88
CA TYR C 266 -14.67 -2.24 -32.99
C TYR C 266 -15.87 -3.13 -32.77
N GLN C 267 -16.84 -2.66 -32.00
CA GLN C 267 -18.04 -3.44 -31.73
C GLN C 267 -19.23 -2.86 -32.45
N PHE C 268 -19.72 -3.54 -33.50
CA PHE C 268 -20.94 -3.11 -34.16
C PHE C 268 -22.13 -3.49 -33.28
N ASP C 269 -23.18 -2.64 -33.27
CA ASP C 269 -24.36 -2.92 -32.45
C ASP C 269 -25.04 -4.23 -32.81
N PHE C 270 -24.98 -4.64 -34.08
CA PHE C 270 -25.62 -5.88 -34.50
C PHE C 270 -24.85 -7.15 -34.06
N GLY C 271 -23.65 -7.00 -33.49
CA GLY C 271 -22.93 -8.14 -32.93
C GLY C 271 -21.54 -8.42 -33.44
N LEU C 272 -21.19 -7.90 -34.64
CA LEU C 272 -19.86 -8.17 -35.22
C LEU C 272 -18.75 -7.38 -34.53
N ARG C 273 -17.62 -8.04 -34.20
CA ARG C 273 -16.52 -7.38 -33.53
C ARG C 273 -15.20 -7.73 -34.21
N PRO C 274 -14.84 -6.99 -35.28
CA PRO C 274 -13.55 -7.24 -35.92
C PRO C 274 -12.40 -6.86 -34.97
N SER C 275 -11.24 -7.48 -35.19
CA SER C 275 -10.09 -7.26 -34.33
C SER C 275 -8.79 -7.36 -35.12
N VAL C 276 -7.83 -6.47 -34.84
CA VAL C 276 -6.50 -6.49 -35.46
CA VAL C 276 -6.50 -6.50 -35.46
C VAL C 276 -5.49 -6.31 -34.32
N ALA C 277 -4.42 -7.13 -34.31
CA ALA C 277 -3.44 -7.07 -33.22
C ALA C 277 -2.02 -7.39 -33.71
N TYR C 278 -1.02 -6.99 -32.91
CA TYR C 278 0.36 -7.31 -33.20
C TYR C 278 0.98 -7.75 -31.89
N LEU C 279 1.72 -8.88 -31.90
CA LEU C 279 2.36 -9.38 -30.70
C LEU C 279 3.79 -9.75 -31.01
N GLN C 280 4.69 -9.43 -30.09
CA GLN C 280 6.09 -9.81 -30.25
C GLN C 280 6.74 -10.05 -28.90
N SER C 281 7.71 -10.96 -28.88
CA SER C 281 8.50 -11.24 -27.68
C SER C 281 9.93 -11.34 -28.19
N LYS C 282 10.79 -10.44 -27.72
CA LYS C 282 12.19 -10.36 -28.15
C LYS C 282 13.09 -10.83 -27.03
N GLY C 283 13.81 -11.94 -27.24
CA GLY C 283 14.74 -12.45 -26.25
C GLY C 283 16.10 -11.82 -26.44
N LYS C 284 16.76 -11.48 -25.34
CA LYS C 284 18.08 -10.84 -25.35
C LYS C 284 19.07 -11.63 -24.50
N ASP C 285 20.35 -11.58 -24.88
CA ASP C 285 21.44 -12.20 -24.14
C ASP C 285 21.29 -13.70 -23.96
N LEU C 286 20.76 -14.39 -24.98
CA LEU C 286 20.61 -15.84 -24.93
CA LEU C 286 20.62 -15.84 -24.91
C LEU C 286 21.98 -16.50 -25.06
N GLU C 287 22.20 -17.58 -24.33
CA GLU C 287 23.47 -18.32 -24.35
C GLU C 287 23.62 -19.14 -25.64
N ARG C 288 24.75 -19.88 -25.77
CA ARG C 288 25.03 -20.80 -26.87
C ARG C 288 25.11 -20.14 -28.24
N GLY C 289 25.44 -18.86 -28.28
CA GLY C 289 25.57 -18.14 -29.53
C GLY C 289 24.27 -17.59 -30.10
N TYR C 290 23.13 -17.78 -29.40
CA TYR C 290 21.86 -17.28 -29.90
C TYR C 290 21.76 -15.76 -29.83
N GLY C 291 22.29 -15.16 -28.76
CA GLY C 291 22.27 -13.71 -28.60
C GLY C 291 20.86 -13.16 -28.56
N ASP C 292 20.52 -12.23 -29.47
CA ASP C 292 19.16 -11.71 -29.52
C ASP C 292 18.31 -12.50 -30.51
N GLN C 293 17.13 -12.96 -30.11
CA GLN C 293 16.27 -13.74 -30.99
C GLN C 293 14.82 -13.40 -30.79
N ASP C 294 14.03 -13.44 -31.85
CA ASP C 294 12.58 -13.31 -31.70
C ASP C 294 12.05 -14.64 -31.19
N ILE C 295 11.28 -14.58 -30.12
CA ILE C 295 10.63 -15.75 -29.55
C ILE C 295 9.20 -15.88 -30.11
N LEU C 296 8.56 -14.73 -30.38
CA LEU C 296 7.20 -14.69 -30.93
C LEU C 296 7.09 -13.43 -31.78
N LYS C 297 6.40 -13.50 -32.93
CA LYS C 297 6.18 -12.30 -33.75
C LYS C 297 5.05 -12.58 -34.73
N TYR C 298 3.89 -11.94 -34.55
CA TYR C 298 2.79 -12.16 -35.47
C TYR C 298 1.80 -11.03 -35.48
N VAL C 299 1.06 -10.93 -36.59
CA VAL C 299 -0.06 -10.02 -36.74
C VAL C 299 -1.29 -10.92 -36.65
N ASP C 300 -2.33 -10.47 -35.98
CA ASP C 300 -3.55 -11.24 -35.84
C ASP C 300 -4.71 -10.47 -36.41
N VAL C 301 -5.52 -11.10 -37.28
CA VAL C 301 -6.70 -10.46 -37.84
C VAL C 301 -7.85 -11.44 -37.68
N GLY C 302 -8.96 -10.99 -37.14
CA GLY C 302 -10.11 -11.86 -36.96
C GLY C 302 -11.37 -11.13 -36.60
N ALA C 303 -12.43 -11.88 -36.32
CA ALA C 303 -13.69 -11.26 -35.92
C ALA C 303 -14.50 -12.24 -35.13
N THR C 304 -15.28 -11.73 -34.19
CA THR C 304 -16.22 -12.55 -33.45
C THR C 304 -17.60 -11.97 -33.74
N TYR C 305 -18.59 -12.84 -33.93
CA TYR C 305 -19.97 -12.37 -34.08
C TYR C 305 -20.71 -12.86 -32.84
N TYR C 306 -21.23 -11.93 -32.03
CA TYR C 306 -21.98 -12.30 -30.84
C TYR C 306 -23.44 -12.36 -31.18
N PHE C 307 -24.06 -13.54 -31.14
CA PHE C 307 -25.50 -13.66 -31.37
C PHE C 307 -26.25 -13.04 -30.18
N ASN C 308 -25.75 -13.31 -28.98
CA ASN C 308 -26.24 -12.80 -27.71
C ASN C 308 -25.18 -13.13 -26.64
N LYS C 309 -25.51 -13.00 -25.34
CA LYS C 309 -24.53 -13.30 -24.29
C LYS C 309 -24.23 -14.79 -24.13
N ASN C 310 -25.00 -15.67 -24.79
CA ASN C 310 -24.82 -17.12 -24.67
C ASN C 310 -24.33 -17.81 -25.93
N MET C 311 -24.16 -17.08 -27.05
CA MET C 311 -23.73 -17.75 -28.28
C MET C 311 -22.90 -16.83 -29.13
N SER C 312 -21.77 -17.35 -29.65
CA SER C 312 -20.95 -16.56 -30.55
C SER C 312 -20.24 -17.46 -31.54
N THR C 313 -19.70 -16.86 -32.59
CA THR C 313 -18.91 -17.59 -33.57
C THR C 313 -17.74 -16.71 -33.96
N TYR C 314 -16.62 -17.31 -34.37
CA TYR C 314 -15.47 -16.49 -34.70
C TYR C 314 -14.54 -17.11 -35.71
N VAL C 315 -13.71 -16.24 -36.30
CA VAL C 315 -12.62 -16.62 -37.16
C VAL C 315 -11.40 -15.86 -36.66
N ASP C 316 -10.23 -16.49 -36.63
CA ASP C 316 -9.00 -15.80 -36.23
C ASP C 316 -7.86 -16.22 -37.11
N TYR C 317 -7.10 -15.26 -37.63
CA TYR C 317 -5.98 -15.53 -38.53
C TYR C 317 -4.69 -15.07 -37.85
N LYS C 318 -3.79 -16.01 -37.49
CA LYS C 318 -2.47 -15.73 -36.96
C LYS C 318 -1.54 -15.71 -38.18
N ILE C 319 -0.97 -14.53 -38.48
CA ILE C 319 -0.08 -14.29 -39.62
C ILE C 319 1.31 -14.26 -39.03
N ASN C 320 1.95 -15.41 -39.02
CA ASN C 320 3.21 -15.61 -38.34
C ASN C 320 4.38 -14.96 -39.06
N LEU C 321 5.04 -13.98 -38.39
CA LEU C 321 6.15 -13.27 -39.01
C LEU C 321 7.53 -13.82 -38.64
N LEU C 322 7.61 -14.88 -37.83
CA LEU C 322 8.91 -15.43 -37.46
C LEU C 322 9.59 -16.11 -38.63
N ASP C 323 10.91 -15.96 -38.72
CA ASP C 323 11.72 -16.64 -39.74
C ASP C 323 12.20 -17.97 -39.17
N ASP C 324 12.32 -18.96 -40.03
CA ASP C 324 12.80 -20.27 -39.61
C ASP C 324 14.31 -20.16 -39.46
N ASN C 325 14.83 -20.47 -38.27
CA ASN C 325 16.27 -20.44 -38.04
C ASN C 325 16.65 -21.52 -37.01
N SER C 326 17.95 -21.65 -36.63
CA SER C 326 18.35 -22.68 -35.68
C SER C 326 17.68 -22.48 -34.32
N PHE C 327 17.44 -21.22 -33.92
CA PHE C 327 16.75 -20.96 -32.65
C PHE C 327 15.30 -21.48 -32.68
N THR C 328 14.47 -21.06 -33.66
CA THR C 328 13.08 -21.52 -33.70
C THR C 328 13.00 -23.05 -33.84
N ARG C 329 13.92 -23.63 -34.63
CA ARG C 329 13.91 -25.09 -34.81
C ARG C 329 14.28 -25.80 -33.52
N ASN C 330 15.42 -25.45 -32.91
CA ASN C 330 15.89 -26.10 -31.68
C ASN C 330 14.98 -25.85 -30.48
N ALA C 331 14.29 -24.69 -30.45
CA ALA C 331 13.37 -24.38 -29.36
C ALA C 331 11.94 -24.89 -29.58
N GLY C 332 11.65 -25.43 -30.76
CA GLY C 332 10.32 -25.95 -31.06
C GLY C 332 9.29 -24.85 -31.16
N ILE C 333 9.69 -23.68 -31.69
CA ILE C 333 8.77 -22.55 -31.82
C ILE C 333 8.14 -22.59 -33.21
N SER C 334 6.82 -22.56 -33.28
CA SER C 334 6.10 -22.61 -34.53
C SER C 334 6.27 -21.34 -35.34
N THR C 335 6.64 -21.48 -36.64
CA THR C 335 6.74 -20.32 -37.53
C THR C 335 5.56 -20.28 -38.55
N ASP C 336 4.61 -21.21 -38.46
CA ASP C 336 3.52 -21.30 -39.42
C ASP C 336 2.34 -20.43 -39.06
N ASP C 337 1.57 -20.05 -40.07
CA ASP C 337 0.31 -19.34 -39.84
C ASP C 337 -0.72 -20.34 -39.30
N VAL C 338 -1.79 -19.81 -38.67
CA VAL C 338 -2.88 -20.66 -38.20
C VAL C 338 -4.18 -19.92 -38.46
N VAL C 339 -5.22 -20.63 -38.88
CA VAL C 339 -6.57 -20.08 -38.97
C VAL C 339 -7.43 -20.86 -38.00
N ALA C 340 -8.21 -20.17 -37.15
CA ALA C 340 -9.13 -20.87 -36.25
C ALA C 340 -10.57 -20.50 -36.62
N LEU C 341 -11.47 -21.47 -36.50
CA LEU C 341 -12.91 -21.26 -36.73
C LEU C 341 -13.59 -21.83 -35.50
N GLY C 342 -14.43 -21.04 -34.84
CA GLY C 342 -15.08 -21.51 -33.63
C GLY C 342 -16.56 -21.19 -33.54
N LEU C 343 -17.33 -22.05 -32.88
CA LEU C 343 -18.76 -21.83 -32.63
C LEU C 343 -18.93 -22.14 -31.15
N VAL C 344 -19.35 -21.15 -30.36
CA VAL C 344 -19.32 -21.26 -28.91
C VAL C 344 -20.66 -21.08 -28.26
N TYR C 345 -21.06 -22.03 -27.43
CA TYR C 345 -22.23 -21.90 -26.58
C TYR C 345 -21.70 -21.60 -25.19
N GLN C 346 -22.20 -20.55 -24.53
CA GLN C 346 -21.73 -20.17 -23.21
C GLN C 346 -22.85 -20.15 -22.22
N PHE C 347 -22.51 -20.45 -20.96
CA PHE C 347 -23.51 -20.35 -19.89
C PHE C 347 -22.96 -19.60 -18.69
N GLY D 1 26.32 20.89 22.32
CA GLY D 1 26.76 21.98 21.43
C GLY D 1 27.71 21.50 20.35
N ALA D 2 27.76 22.24 19.24
CA ALA D 2 28.60 21.94 18.09
C ALA D 2 29.54 23.11 17.86
N GLU D 3 30.84 22.90 17.98
CA GLU D 3 31.80 23.98 17.72
C GLU D 3 31.87 24.25 16.23
N ILE D 4 31.37 25.42 15.81
CA ILE D 4 31.37 25.78 14.38
C ILE D 4 32.45 26.79 13.98
N TYR D 5 33.18 27.33 14.96
CA TYR D 5 34.23 28.28 14.66
C TYR D 5 35.26 28.27 15.77
N ASN D 6 36.53 28.31 15.41
CA ASN D 6 37.59 28.38 16.41
C ASN D 6 38.82 28.90 15.69
N LYS D 7 38.95 30.24 15.67
CA LYS D 7 40.10 30.88 15.00
C LYS D 7 40.50 32.11 15.78
N ASP D 8 41.80 32.41 15.79
CA ASP D 8 42.33 33.63 16.37
C ASP D 8 41.73 34.05 17.72
N GLY D 9 41.78 33.12 18.64
CA GLY D 9 41.34 33.37 20.01
C GLY D 9 39.85 33.47 20.24
N ASN D 10 39.03 33.11 19.23
CA ASN D 10 37.58 33.13 19.43
C ASN D 10 36.96 31.82 19.04
N LYS D 11 36.01 31.32 19.83
CA LYS D 11 35.31 30.11 19.48
C LYS D 11 33.81 30.27 19.62
N LEU D 12 33.07 29.63 18.74
CA LEU D 12 31.61 29.71 18.75
C LEU D 12 31.03 28.32 18.69
N ASP D 13 30.08 28.05 19.57
CA ASP D 13 29.34 26.80 19.59
C ASP D 13 27.91 27.11 19.22
N LEU D 14 27.37 26.32 18.31
CA LEU D 14 25.97 26.41 17.96
C LEU D 14 25.32 25.28 18.74
N TYR D 15 24.19 25.55 19.41
CA TYR D 15 23.51 24.48 20.14
C TYR D 15 22.02 24.63 20.00
N GLY D 16 21.30 23.58 20.36
CA GLY D 16 19.86 23.63 20.30
C GLY D 16 19.24 22.28 20.16
N LYS D 17 17.94 22.28 19.90
CA LYS D 17 17.21 21.03 19.77
C LYS D 17 15.95 21.25 19.00
N ILE D 18 15.44 20.19 18.42
CA ILE D 18 14.16 20.20 17.72
C ILE D 18 13.36 19.12 18.40
N ASP D 19 12.27 19.50 19.04
CA ASP D 19 11.48 18.57 19.83
C ASP D 19 10.11 18.36 19.22
N GLY D 20 9.92 17.21 18.58
CA GLY D 20 8.63 16.80 18.04
C GLY D 20 7.86 16.32 19.23
N LEU D 21 6.88 17.10 19.69
CA LEU D 21 6.26 16.86 20.98
C LEU D 21 4.77 16.94 20.91
N HIS D 22 4.09 16.01 21.56
CA HIS D 22 2.64 16.01 21.58
C HIS D 22 2.16 15.78 22.99
N TYR D 23 1.16 16.55 23.44
CA TYR D 23 0.56 16.37 24.75
C TYR D 23 -0.84 15.76 24.56
N PHE D 24 -1.25 14.92 25.52
CA PHE D 24 -2.59 14.34 25.53
C PHE D 24 -3.19 14.72 26.87
N SER D 25 -4.28 15.50 26.87
CA SER D 25 -4.90 15.93 28.10
C SER D 25 -6.36 16.28 27.89
N ASP D 26 -7.18 16.11 28.94
CA ASP D 26 -8.57 16.59 28.89
C ASP D 26 -8.60 18.13 28.95
N ASP D 27 -7.50 18.77 29.37
CA ASP D 27 -7.44 20.23 29.43
C ASP D 27 -7.13 20.69 28.02
N LYS D 28 -8.11 21.28 27.37
CA LYS D 28 -7.97 21.74 25.98
C LYS D 28 -6.97 22.85 25.77
N SER D 29 -6.55 23.55 26.85
CA SER D 29 -5.54 24.61 26.71
C SER D 29 -4.09 24.02 26.67
N VAL D 30 -3.96 22.70 26.96
CA VAL D 30 -2.70 21.97 27.07
C VAL D 30 -2.61 20.87 25.99
N ASP D 31 -3.74 20.23 25.71
CA ASP D 31 -3.83 19.14 24.74
C ASP D 31 -3.35 19.51 23.34
N GLY D 32 -2.72 18.55 22.68
CA GLY D 32 -2.36 18.70 21.28
C GLY D 32 -0.89 18.84 20.97
N ASP D 33 -0.63 19.25 19.73
CA ASP D 33 0.73 19.41 19.27
C ASP D 33 1.46 20.51 20.04
N GLN D 34 2.68 20.21 20.49
CA GLN D 34 3.50 21.15 21.25
C GLN D 34 4.92 21.27 20.66
N THR D 35 5.10 20.91 19.38
CA THR D 35 6.42 20.93 18.74
C THR D 35 7.09 22.30 18.85
N TYR D 36 8.36 22.30 19.17
CA TYR D 36 9.11 23.56 19.28
C TYR D 36 10.57 23.25 19.03
N MET D 37 11.35 24.31 18.87
CA MET D 37 12.79 24.15 18.77
C MET D 37 13.48 25.24 19.55
N ARG D 38 14.75 24.99 19.89
CA ARG D 38 15.59 25.99 20.52
C ARG D 38 16.86 26.08 19.72
N VAL D 39 17.41 27.28 19.64
CA VAL D 39 18.67 27.47 18.94
C VAL D 39 19.43 28.55 19.70
N GLY D 40 20.72 28.36 19.83
CA GLY D 40 21.53 29.29 20.57
C GLY D 40 22.96 29.28 20.12
N VAL D 41 23.68 30.29 20.58
CA VAL D 41 25.11 30.41 20.28
C VAL D 41 25.82 30.71 21.60
N LYS D 42 26.96 30.04 21.83
CA LYS D 42 27.78 30.31 23.00
C LYS D 42 29.13 30.68 22.44
N GLY D 43 29.62 31.86 22.76
CA GLY D 43 30.92 32.30 22.29
C GLY D 43 31.88 32.60 23.41
N GLU D 44 33.17 32.40 23.13
CA GLU D 44 34.16 32.67 24.14
C GLU D 44 35.45 33.14 23.45
N THR D 45 36.03 34.24 23.95
CA THR D 45 37.27 34.74 23.41
C THR D 45 38.36 34.79 24.50
N GLN D 46 39.58 34.35 24.15
CA GLN D 46 40.66 34.39 25.11
C GLN D 46 41.29 35.78 24.97
N ILE D 47 41.06 36.66 25.95
CA ILE D 47 41.63 38.00 25.87
C ILE D 47 43.10 37.98 26.23
N ASN D 48 43.42 37.36 27.37
CA ASN D 48 44.81 37.12 27.77
C ASN D 48 44.87 35.81 28.57
N ASP D 49 46.03 35.44 29.16
CA ASP D 49 46.12 34.17 29.89
C ASP D 49 45.14 34.01 31.01
N GLN D 50 44.73 35.13 31.61
CA GLN D 50 43.81 35.06 32.74
C GLN D 50 42.40 35.53 32.43
N LEU D 51 42.20 36.31 31.39
CA LEU D 51 40.90 36.93 31.12
C LEU D 51 40.23 36.38 29.88
N THR D 52 38.99 35.96 30.02
CA THR D 52 38.18 35.48 28.91
C THR D 52 36.91 36.32 28.80
N GLY D 53 36.46 36.56 27.58
CA GLY D 53 35.18 37.24 27.35
C GLY D 53 34.22 36.21 26.82
N TYR D 54 32.92 36.36 27.09
CA TYR D 54 31.94 35.40 26.60
C TYR D 54 30.61 36.03 26.32
N GLY D 55 29.81 35.31 25.55
CA GLY D 55 28.47 35.77 25.23
C GLY D 55 27.61 34.56 24.95
N GLN D 56 26.31 34.65 25.29
CA GLN D 56 25.43 33.53 25.01
C GLN D 56 24.05 34.05 24.66
N TRP D 57 23.44 33.46 23.64
CA TRP D 57 22.07 33.80 23.26
C TRP D 57 21.32 32.50 23.09
N GLU D 58 20.08 32.43 23.59
CA GLU D 58 19.26 31.22 23.43
C GLU D 58 17.87 31.66 23.02
N TYR D 59 17.38 31.11 21.90
CA TYR D 59 16.10 31.52 21.32
C TYR D 59 15.16 30.33 21.33
N ASN D 60 13.88 30.58 21.63
CA ASN D 60 12.86 29.55 21.62
C ASN D 60 11.96 29.85 20.44
N VAL D 61 11.73 28.85 19.58
CA VAL D 61 10.90 29.03 18.42
C VAL D 61 9.81 27.97 18.42
N GLN D 62 8.55 28.39 18.67
CA GLN D 62 7.45 27.43 18.64
C GLN D 62 7.21 27.01 17.20
N ALA D 63 6.79 25.76 17.01
CA ALA D 63 6.46 25.27 15.66
C ALA D 63 5.15 24.48 15.69
N ASN D 64 4.29 24.77 16.71
CA ASN D 64 3.02 24.09 16.85
C ASN D 64 1.84 24.91 16.36
N ASN D 65 2.07 26.15 15.88
CA ASN D 65 0.98 26.94 15.36
C ASN D 65 1.26 27.31 13.88
N THR D 66 0.34 28.03 13.27
CA THR D 66 0.39 28.34 11.85
C THR D 66 1.44 29.38 11.51
N GLU D 67 1.69 29.56 10.22
CA GLU D 67 2.64 30.59 9.78
C GLU D 67 2.07 32.01 9.93
N SER D 68 0.75 32.15 10.15
CA SER D 68 0.17 33.48 10.39
C SER D 68 -0.06 33.75 11.88
N SER D 69 0.34 32.84 12.78
CA SER D 69 0.17 33.06 14.21
C SER D 69 1.18 34.07 14.72
N SER D 70 0.84 34.76 15.79
CA SER D 70 1.71 35.78 16.35
C SER D 70 2.47 35.29 17.58
N ASP D 71 3.57 35.96 17.90
CA ASP D 71 4.31 35.76 19.14
C ASP D 71 4.81 34.34 19.30
N GLN D 72 5.37 33.76 18.22
CA GLN D 72 5.80 32.36 18.28
C GLN D 72 7.26 32.16 18.59
N ALA D 73 8.04 33.24 18.72
CA ALA D 73 9.47 33.08 19.05
C ALA D 73 9.86 34.12 20.07
N TRP D 74 10.83 33.78 20.91
CA TRP D 74 11.27 34.69 21.96
C TRP D 74 12.65 34.34 22.47
N THR D 75 13.33 35.34 23.04
CA THR D 75 14.66 35.10 23.58
C THR D 75 14.57 34.66 25.02
N ARG D 76 15.20 33.53 25.30
CA ARG D 76 15.30 32.99 26.65
C ARG D 76 16.50 33.60 27.37
N LEU D 77 17.67 33.66 26.69
CA LEU D 77 18.89 34.20 27.30
C LEU D 77 19.62 35.11 26.32
N ALA D 78 20.28 36.13 26.86
CA ALA D 78 21.16 36.95 26.02
C ALA D 78 22.02 37.76 26.99
N PHE D 79 23.27 37.33 27.15
CA PHE D 79 24.14 38.03 28.10
C PHE D 79 25.57 38.02 27.61
N ALA D 80 26.35 39.00 28.11
CA ALA D 80 27.79 39.08 27.78
C ALA D 80 28.52 39.18 29.11
N GLY D 81 29.72 38.62 29.16
CA GLY D 81 30.47 38.62 30.40
C GLY D 81 31.97 38.54 30.28
N LEU D 82 32.62 38.65 31.42
CA LEU D 82 34.08 38.51 31.52
C LEU D 82 34.36 37.54 32.64
N LYS D 83 35.41 36.73 32.49
CA LYS D 83 35.83 35.82 33.56
C LYS D 83 37.32 36.07 33.80
N PHE D 84 37.73 36.35 35.05
CA PHE D 84 39.15 36.62 35.30
C PHE D 84 39.77 35.60 36.21
N GLY D 85 40.45 34.61 35.65
CA GLY D 85 41.19 33.60 36.41
C GLY D 85 40.38 33.01 37.54
N ASP D 86 40.86 33.16 38.78
CA ASP D 86 40.13 32.71 39.97
C ASP D 86 39.34 33.84 40.64
N ALA D 87 39.43 35.07 40.15
CA ALA D 87 38.71 36.19 40.74
C ALA D 87 37.20 36.14 40.50
N GLY D 88 36.74 35.29 39.59
CA GLY D 88 35.31 35.14 39.32
C GLY D 88 34.89 35.63 37.95
N SER D 89 33.58 35.68 37.71
CA SER D 89 33.04 36.14 36.44
C SER D 89 31.94 37.15 36.69
N PHE D 90 31.67 37.98 35.68
CA PHE D 90 30.60 38.97 35.77
C PHE D 90 29.90 38.96 34.42
N ASP D 91 28.56 38.85 34.42
CA ASP D 91 27.83 38.97 33.16
C ASP D 91 26.57 39.80 33.36
N TYR D 92 26.06 40.37 32.29
CA TYR D 92 24.85 41.18 32.35
C TYR D 92 23.99 40.90 31.12
N GLY D 93 22.68 40.87 31.34
CA GLY D 93 21.74 40.76 30.23
C GLY D 93 20.51 40.03 30.70
N ARG D 94 19.93 39.22 29.80
CA ARG D 94 18.80 38.37 30.17
C ARG D 94 19.42 37.04 30.53
N ASN D 95 19.26 36.65 31.81
CA ASN D 95 19.91 35.43 32.29
C ASN D 95 19.08 34.85 33.45
N TYR D 96 19.48 33.67 33.93
CA TYR D 96 18.75 33.07 35.06
C TYR D 96 19.00 33.84 36.35
N GLY D 97 17.94 33.98 37.12
CA GLY D 97 18.04 34.48 38.49
C GLY D 97 18.78 33.42 39.31
N VAL D 98 19.58 33.84 40.31
CA VAL D 98 20.43 32.92 41.07
C VAL D 98 19.64 31.91 41.89
N VAL D 99 18.33 32.12 42.10
CA VAL D 99 17.53 31.10 42.82
C VAL D 99 17.56 29.76 42.03
N TYR D 100 17.60 29.85 40.69
CA TYR D 100 17.66 28.69 39.83
C TYR D 100 19.00 27.93 39.96
N ASP D 101 20.06 28.55 40.54
CA ASP D 101 21.31 27.80 40.81
C ASP D 101 21.02 26.58 41.70
N VAL D 102 19.97 26.66 42.55
CA VAL D 102 19.61 25.56 43.41
C VAL D 102 18.33 24.87 42.91
N THR D 103 17.28 25.64 42.57
CA THR D 103 16.03 24.97 42.11
C THR D 103 16.20 24.19 40.81
N SER D 104 17.26 24.50 40.02
CA SER D 104 17.51 23.72 38.79
C SER D 104 17.79 22.25 39.08
N TRP D 105 18.20 21.92 40.31
CA TRP D 105 18.53 20.53 40.66
C TRP D 105 17.34 19.59 40.52
N THR D 106 16.12 20.09 40.66
CA THR D 106 14.94 19.24 40.44
C THR D 106 14.32 19.47 39.06
N ASP D 107 14.90 20.35 38.23
CA ASP D 107 14.38 20.63 36.91
C ASP D 107 14.99 19.64 35.93
N VAL D 108 14.68 18.36 36.14
CA VAL D 108 15.26 17.27 35.36
C VAL D 108 14.21 16.27 34.87
N LEU D 109 12.92 16.62 34.93
CA LEU D 109 11.88 15.67 34.49
C LEU D 109 11.98 15.45 32.98
N PRO D 110 11.43 14.33 32.46
CA PRO D 110 11.51 14.08 31.02
C PRO D 110 10.91 15.23 30.19
N GLU D 111 9.79 15.82 30.68
CA GLU D 111 9.13 16.94 29.99
C GLU D 111 8.64 18.02 30.93
N PHE D 112 7.95 17.63 32.01
CA PHE D 112 7.30 18.61 32.88
C PHE D 112 8.28 19.25 33.90
N GLY D 113 7.75 19.91 34.93
CA GLY D 113 8.60 20.54 35.93
C GLY D 113 9.19 21.86 35.49
N GLY D 114 10.14 22.37 36.25
CA GLY D 114 10.84 23.60 35.93
C GLY D 114 10.02 24.87 36.03
N ASP D 115 10.31 25.83 35.12
CA ASP D 115 9.64 27.14 35.19
C ASP D 115 8.24 27.15 34.59
N THR D 116 7.62 25.99 34.47
CA THR D 116 6.21 25.90 34.13
C THR D 116 5.40 25.47 35.38
N ASP D 117 6.06 25.24 36.55
CA ASP D 117 5.37 24.75 37.72
C ASP D 117 5.50 25.63 38.99
N THR D 118 6.40 25.33 39.98
CA THR D 118 6.40 26.10 41.24
C THR D 118 6.86 27.56 41.08
N TYR D 119 7.54 27.87 39.99
CA TYR D 119 7.96 29.22 39.66
C TYR D 119 7.86 29.37 38.12
N GLY D 120 8.02 30.60 37.64
CA GLY D 120 8.01 30.83 36.20
C GLY D 120 9.12 31.71 35.74
N SER D 121 9.09 32.10 34.46
CA SER D 121 10.05 33.04 33.90
C SER D 121 9.54 34.49 34.08
N ASP D 122 10.48 35.43 34.13
CA ASP D 122 10.22 36.85 34.46
C ASP D 122 9.44 36.94 35.78
N ASN D 123 9.82 36.09 36.73
CA ASN D 123 9.13 35.96 38.03
C ASN D 123 10.20 36.28 39.08
N PHE D 124 10.52 37.58 39.19
CA PHE D 124 11.59 38.07 40.05
C PHE D 124 12.91 37.33 39.70
N LEU D 125 13.65 36.80 40.67
CA LEU D 125 14.91 36.12 40.35
C LEU D 125 14.78 34.60 40.39
N GLN D 126 13.56 34.08 40.12
CA GLN D 126 13.36 32.62 40.23
C GLN D 126 13.70 31.86 38.96
N SER D 127 13.65 32.53 37.80
CA SER D 127 14.00 31.85 36.54
C SER D 127 14.63 32.92 35.63
N ARG D 128 14.46 32.82 34.29
CA ARG D 128 15.05 33.79 33.38
C ARG D 128 14.46 35.18 33.65
N ALA D 129 15.34 36.19 33.57
CA ALA D 129 14.97 37.53 34.00
C ALA D 129 15.70 38.58 33.16
N ASN D 130 15.05 39.75 32.96
CA ASN D 130 15.72 40.81 32.23
C ASN D 130 16.59 41.65 33.17
N GLY D 131 17.72 42.10 32.65
CA GLY D 131 18.54 43.08 33.34
C GLY D 131 19.24 42.62 34.60
N VAL D 132 19.71 41.35 34.59
CA VAL D 132 20.43 40.84 35.76
C VAL D 132 21.93 40.98 35.57
N ALA D 133 22.59 41.54 36.58
CA ALA D 133 24.05 41.68 36.65
C ALA D 133 24.44 40.59 37.64
N THR D 134 25.29 39.64 37.24
CA THR D 134 25.58 38.50 38.07
C THR D 134 27.07 38.27 38.22
N TYR D 135 27.52 38.27 39.46
CA TYR D 135 28.90 37.94 39.79
C TYR D 135 28.91 36.48 40.27
N ARG D 136 29.85 35.65 39.77
CA ARG D 136 29.94 34.25 40.19
C ARG D 136 31.36 33.90 40.56
N ASN D 137 31.52 32.96 41.49
CA ASN D 137 32.84 32.51 41.88
C ASN D 137 32.79 31.02 42.10
N SER D 138 33.64 30.27 41.38
CA SER D 138 33.72 28.83 41.51
C SER D 138 34.94 28.45 42.31
N ASP D 139 34.79 27.49 43.20
CA ASP D 139 35.85 26.96 44.06
C ASP D 139 36.47 27.98 45.00
N PHE D 140 35.66 28.97 45.46
CA PHE D 140 36.11 30.04 46.38
C PHE D 140 37.49 30.61 46.05
N PHE D 141 37.59 31.34 44.93
CA PHE D 141 38.85 31.96 44.49
C PHE D 141 39.95 30.90 44.22
N GLY D 142 39.52 29.69 43.86
CA GLY D 142 40.42 28.55 43.63
C GLY D 142 40.99 27.96 44.90
N LEU D 143 40.49 28.38 46.09
CA LEU D 143 41.00 27.93 47.37
C LEU D 143 40.24 26.77 47.98
N VAL D 144 38.95 26.62 47.63
CA VAL D 144 38.12 25.55 48.23
C VAL D 144 37.38 24.84 47.15
N ASP D 145 37.87 23.65 46.76
CA ASP D 145 37.22 22.88 45.71
C ASP D 145 35.75 22.56 46.03
N GLY D 146 34.89 22.86 45.08
CA GLY D 146 33.47 22.55 45.19
C GLY D 146 32.61 23.63 45.81
N LEU D 147 33.22 24.68 46.36
CA LEU D 147 32.45 25.75 47.01
C LEU D 147 32.22 26.91 46.06
N ASN D 148 30.97 27.15 45.66
CA ASN D 148 30.65 28.19 44.70
C ASN D 148 29.67 29.18 45.29
N PHE D 149 29.72 30.42 44.83
CA PHE D 149 28.73 31.39 45.25
C PHE D 149 28.41 32.38 44.13
N ALA D 150 27.30 33.09 44.27
CA ALA D 150 26.93 34.11 43.30
C ALA D 150 26.26 35.26 44.00
N LEU D 151 26.42 36.46 43.43
CA LEU D 151 25.78 37.68 43.91
C LEU D 151 25.13 38.30 42.69
N GLN D 152 23.86 38.71 42.78
CA GLN D 152 23.16 39.20 41.60
C GLN D 152 22.33 40.41 41.90
N TYR D 153 22.28 41.35 40.98
CA TYR D 153 21.46 42.56 41.12
C TYR D 153 20.54 42.67 39.91
N GLN D 154 19.32 43.16 40.11
CA GLN D 154 18.40 43.35 39.00
C GLN D 154 17.76 44.72 39.15
N GLY D 155 17.85 45.56 38.13
CA GLY D 155 17.18 46.85 38.15
C GLY D 155 15.69 46.67 37.89
N LYS D 156 14.91 47.67 38.30
CA LYS D 156 13.46 47.68 38.05
C LYS D 156 13.12 47.43 36.57
N ASN D 157 12.10 46.62 36.32
CA ASN D 157 11.49 46.37 35.00
C ASN D 157 10.03 46.70 35.31
N GLY D 158 9.61 47.92 34.96
CA GLY D 158 8.35 48.46 35.41
C GLY D 158 7.16 48.32 34.51
N SER D 159 6.20 49.24 34.68
CA SER D 159 4.97 49.23 33.91
C SER D 159 5.19 49.74 32.49
N VAL D 160 4.17 49.56 31.65
CA VAL D 160 4.24 50.00 30.25
C VAL D 160 4.24 51.52 30.18
N SER D 161 3.42 52.18 31.00
CA SER D 161 3.37 53.64 31.02
C SER D 161 3.13 54.15 32.46
N GLY D 162 3.09 55.47 32.63
CA GLY D 162 2.88 56.05 33.94
C GLY D 162 4.14 56.19 34.77
N GLU D 163 3.97 56.57 36.02
CA GLU D 163 5.04 56.81 36.99
C GLU D 163 5.97 55.62 37.20
N GLY D 164 5.42 54.41 37.13
CA GLY D 164 6.23 53.22 37.38
C GLY D 164 6.90 52.65 36.15
N ALA D 165 6.86 53.39 35.02
CA ALA D 165 7.40 52.84 33.79
C ALA D 165 8.92 52.76 33.70
N THR D 166 9.38 51.79 32.89
CA THR D 166 10.73 51.73 32.39
C THR D 166 10.57 51.56 30.85
N ASN D 167 11.68 51.66 30.08
CA ASN D 167 11.57 51.54 28.62
C ASN D 167 10.93 50.22 28.20
N ASN D 168 11.23 49.15 28.97
CA ASN D 168 10.91 47.75 28.66
C ASN D 168 9.76 47.28 29.55
N GLY D 169 8.73 48.10 29.64
CA GLY D 169 7.58 47.81 30.51
C GLY D 169 6.82 46.56 30.16
N ARG D 170 6.13 46.01 31.15
CA ARG D 170 5.34 44.79 30.99
C ARG D 170 4.24 44.77 32.07
N GLY D 171 3.38 43.75 32.02
CA GLY D 171 2.27 43.64 32.97
C GLY D 171 2.74 43.26 34.37
N TRP D 172 1.87 43.51 35.38
CA TRP D 172 2.21 43.26 36.78
C TRP D 172 2.79 41.88 37.07
N SER D 173 2.33 40.84 36.36
CA SER D 173 2.80 39.47 36.64
C SER D 173 4.27 39.25 36.33
N LYS D 174 4.86 40.13 35.50
CA LYS D 174 6.26 40.03 35.10
C LYS D 174 7.09 41.26 35.45
N GLN D 175 6.54 42.16 36.29
CA GLN D 175 7.29 43.35 36.74
C GLN D 175 8.17 43.03 37.93
N ASN D 176 9.12 43.92 38.21
CA ASN D 176 9.91 43.83 39.42
C ASN D 176 10.47 45.21 39.71
N GLY D 177 10.66 45.49 40.99
CA GLY D 177 11.43 46.66 41.37
C GLY D 177 12.90 46.25 41.44
N ASP D 178 13.75 47.15 41.96
CA ASP D 178 15.17 46.81 42.17
C ASP D 178 15.26 45.64 43.14
N GLY D 179 16.19 44.74 42.88
CA GLY D 179 16.33 43.58 43.75
C GLY D 179 17.69 42.95 43.65
N PHE D 180 17.91 41.98 44.50
CA PHE D 180 19.18 41.27 44.52
C PHE D 180 18.99 39.83 44.98
N GLY D 181 19.98 39.01 44.72
CA GLY D 181 19.94 37.63 45.13
C GLY D 181 21.33 37.08 45.36
N THR D 182 21.38 35.99 46.10
CA THR D 182 22.64 35.31 46.35
C THR D 182 22.40 33.82 46.31
N SER D 183 23.47 33.07 45.99
CA SER D 183 23.40 31.62 46.07
C SER D 183 24.73 31.09 46.57
N LEU D 184 24.67 29.91 47.14
CA LEU D 184 25.86 29.24 47.62
C LEU D 184 25.62 27.76 47.42
N THR D 185 26.56 27.08 46.76
CA THR D 185 26.45 25.63 46.60
C THR D 185 27.77 25.01 46.98
N TYR D 186 27.71 23.81 47.57
CA TYR D 186 28.93 23.14 47.97
C TYR D 186 28.82 21.69 47.55
N ASP D 187 29.74 21.27 46.68
CA ASP D 187 29.83 19.90 46.23
C ASP D 187 30.80 19.36 47.25
N ILE D 188 30.29 18.92 48.41
CA ILE D 188 31.11 18.44 49.52
C ILE D 188 31.84 17.13 49.15
N TRP D 189 31.07 16.08 48.81
CA TRP D 189 31.57 14.76 48.39
C TRP D 189 31.46 14.65 46.86
N ASP D 190 32.17 13.68 46.25
CA ASP D 190 32.09 13.42 44.81
C ASP D 190 30.66 12.94 44.54
N GLY D 191 29.81 13.81 43.98
CA GLY D 191 28.42 13.46 43.73
C GLY D 191 27.38 13.95 44.73
N ILE D 192 27.80 14.57 45.84
CA ILE D 192 26.83 15.05 46.84
C ILE D 192 26.94 16.56 46.98
N SER D 193 25.82 17.27 46.83
CA SER D 193 25.83 18.73 46.91
C SER D 193 24.72 19.26 47.79
N ALA D 194 24.97 20.40 48.44
CA ALA D 194 23.97 21.13 49.21
C ALA D 194 23.97 22.57 48.69
N GLY D 195 22.81 23.20 48.69
CA GLY D 195 22.72 24.55 48.16
C GLY D 195 21.70 25.40 48.87
N PHE D 196 21.97 26.70 48.86
CA PHE D 196 21.08 27.69 49.45
CA PHE D 196 21.09 27.70 49.45
C PHE D 196 20.98 28.89 48.51
N ALA D 197 19.80 29.51 48.43
CA ALA D 197 19.66 30.71 47.63
C ALA D 197 18.69 31.65 48.31
N TYR D 198 18.87 32.93 48.08
CA TYR D 198 18.02 33.94 48.66
C TYR D 198 17.78 35.02 47.61
N SER D 199 16.56 35.59 47.59
CA SER D 199 16.32 36.75 46.76
C SER D 199 15.41 37.74 47.46
N HIS D 200 15.59 39.03 47.12
CA HIS D 200 14.80 40.08 47.71
C HIS D 200 14.63 41.15 46.65
N SER D 201 13.38 41.44 46.26
CA SER D 201 13.13 42.49 45.29
C SER D 201 12.03 43.38 45.79
N LYS D 202 12.10 44.67 45.43
CA LYS D 202 10.97 45.55 45.67
C LYS D 202 9.85 45.15 44.72
N ARG D 203 8.60 45.24 45.20
CA ARG D 203 7.45 44.99 44.36
C ARG D 203 7.00 46.34 43.78
N THR D 204 6.19 46.33 42.73
CA THR D 204 5.75 47.57 42.10
C THR D 204 4.36 47.97 42.54
N ASP D 205 3.99 49.25 42.27
CA ASP D 205 2.67 49.73 42.61
C ASP D 205 1.58 48.96 41.87
N GLU D 206 1.80 48.59 40.60
CA GLU D 206 0.79 47.80 39.89
C GLU D 206 0.63 46.41 40.51
N GLN D 207 1.71 45.81 41.04
CA GLN D 207 1.58 44.51 41.70
C GLN D 207 0.71 44.60 42.96
N ASN D 208 0.75 45.75 43.64
CA ASN D 208 -0.03 45.98 44.85
C ASN D 208 -1.37 46.66 44.59
N SER D 209 -1.82 46.76 43.33
CA SER D 209 -3.10 47.43 43.06
C SER D 209 -3.95 46.76 42.00
N VAL D 210 -3.34 46.16 40.98
CA VAL D 210 -4.13 45.57 39.89
C VAL D 210 -4.68 44.17 40.20
N PRO D 211 -3.82 43.19 40.55
CA PRO D 211 -4.36 41.85 40.82
C PRO D 211 -5.12 41.79 42.14
N ALA D 212 -5.98 40.80 42.25
CA ALA D 212 -6.78 40.62 43.46
C ALA D 212 -5.94 40.10 44.63
N LEU D 213 -4.95 39.25 44.35
CA LEU D 213 -4.21 38.59 45.42
C LEU D 213 -2.77 39.06 45.61
N GLY D 214 -2.36 39.10 46.88
CA GLY D 214 -1.00 39.41 47.27
C GLY D 214 -0.73 40.89 47.44
N ARG D 215 -0.25 41.26 48.62
CA ARG D 215 0.07 42.65 48.91
C ARG D 215 1.33 42.69 49.75
N GLY D 216 2.27 43.55 49.38
CA GLY D 216 3.49 43.68 50.14
C GLY D 216 4.52 44.51 49.42
N ASP D 217 5.40 45.18 50.18
CA ASP D 217 6.43 46.01 49.59
C ASP D 217 7.49 45.22 48.88
N ASN D 218 7.79 44.01 49.36
CA ASN D 218 8.89 43.22 48.81
C ASN D 218 8.53 41.79 48.56
N ALA D 219 9.22 41.19 47.58
CA ALA D 219 9.11 39.79 47.21
C ALA D 219 10.40 39.12 47.67
N GLU D 220 10.29 38.00 48.41
CA GLU D 220 11.49 37.30 48.89
C GLU D 220 11.37 35.82 48.69
N THR D 221 12.50 35.17 48.50
CA THR D 221 12.53 33.72 48.38
C THR D 221 13.70 33.19 49.19
N TYR D 222 13.52 32.01 49.79
CA TYR D 222 14.53 31.33 50.58
C TYR D 222 14.51 29.90 50.10
N THR D 223 15.64 29.38 49.63
CA THR D 223 15.68 28.02 49.08
C THR D 223 16.78 27.19 49.69
N GLY D 224 16.48 25.93 49.94
CA GLY D 224 17.49 24.94 50.32
C GLY D 224 17.37 23.77 49.35
N GLY D 225 18.48 23.19 48.94
CA GLY D 225 18.45 22.07 48.02
C GLY D 225 19.53 21.05 48.31
N LEU D 226 19.28 19.82 47.88
CA LEU D 226 20.20 18.70 48.07
C LEU D 226 20.22 17.91 46.77
N LYS D 227 21.40 17.38 46.41
CA LYS D 227 21.52 16.61 45.18
C LYS D 227 22.51 15.49 45.38
N TYR D 228 22.16 14.29 44.88
CA TYR D 228 23.01 13.12 44.87
C TYR D 228 23.08 12.71 43.41
N ASP D 229 24.27 12.62 42.84
CA ASP D 229 24.42 12.28 41.43
C ASP D 229 25.65 11.40 41.32
N ALA D 230 25.45 10.10 41.49
CA ALA D 230 26.56 9.13 41.46
C ALA D 230 26.00 7.71 41.37
N ASN D 231 26.85 6.76 40.93
CA ASN D 231 26.45 5.36 40.85
C ASN D 231 25.18 5.13 40.03
N ASN D 232 25.04 5.87 38.92
CA ASN D 232 23.90 5.82 37.99
C ASN D 232 22.59 6.33 38.57
N ILE D 233 22.62 6.90 39.79
CA ILE D 233 21.41 7.37 40.44
C ILE D 233 21.41 8.90 40.54
N TYR D 234 20.24 9.51 40.37
CA TYR D 234 20.11 10.96 40.55
C TYR D 234 18.98 11.18 41.53
N LEU D 235 19.27 11.82 42.68
CA LEU D 235 18.23 12.16 43.64
C LEU D 235 18.38 13.64 43.91
N ALA D 236 17.27 14.39 43.94
CA ALA D 236 17.38 15.81 44.26
C ALA D 236 16.11 16.28 44.90
N SER D 237 16.24 17.28 45.76
CA SER D 237 15.08 17.91 46.36
C SER D 237 15.37 19.39 46.51
N GLN D 238 14.31 20.21 46.49
CA GLN D 238 14.46 21.63 46.73
C GLN D 238 13.23 22.09 47.49
N TYR D 239 13.45 22.90 48.50
CA TYR D 239 12.37 23.51 49.25
C TYR D 239 12.56 25.01 49.13
N THR D 240 11.52 25.73 48.72
CA THR D 240 11.57 27.19 48.63
C THR D 240 10.38 27.81 49.36
N GLN D 241 10.65 28.76 50.25
CA GLN D 241 9.59 29.47 50.95
C GLN D 241 9.60 30.87 50.38
N THR D 242 8.43 31.35 49.92
CA THR D 242 8.37 32.66 49.28
C THR D 242 7.39 33.59 49.96
N TYR D 243 7.58 34.90 49.76
CA TYR D 243 6.69 35.94 50.27
C TYR D 243 6.41 36.88 49.13
N ASN D 244 5.12 37.01 48.73
CA ASN D 244 4.70 37.95 47.67
C ASN D 244 5.43 37.71 46.34
N ALA D 245 5.85 36.44 46.07
CA ALA D 245 6.68 36.15 44.91
C ALA D 245 6.19 35.00 44.05
N THR D 246 5.33 34.12 44.60
CA THR D 246 4.82 33.00 43.84
C THR D 246 3.49 33.38 43.22
N ARG D 247 3.34 33.19 41.90
CA ARG D 247 2.07 33.53 41.25
C ARG D 247 0.94 32.60 41.72
N ALA D 248 -0.23 33.16 42.01
CA ALA D 248 -1.38 32.38 42.47
C ALA D 248 -2.23 32.20 41.22
N GLY D 249 -1.73 31.43 40.26
CA GLY D 249 -2.39 31.30 38.96
C GLY D 249 -2.43 32.66 38.27
N SER D 250 -3.59 33.05 37.74
CA SER D 250 -3.73 34.35 37.07
C SER D 250 -4.22 35.44 38.03
N LEU D 251 -4.49 35.14 39.32
CA LEU D 251 -5.11 36.10 40.23
C LEU D 251 -4.19 37.00 41.02
N GLY D 252 -2.89 36.84 40.86
CA GLY D 252 -1.94 37.68 41.56
C GLY D 252 -0.80 36.88 42.14
N PHE D 253 -0.43 37.17 43.40
CA PHE D 253 0.65 36.46 44.06
C PHE D 253 0.18 35.94 45.40
N ALA D 254 0.80 34.84 45.86
CA ALA D 254 0.47 34.30 47.17
C ALA D 254 1.25 35.13 48.19
N ASN D 255 0.59 35.62 49.26
CA ASN D 255 1.28 36.34 50.32
C ASN D 255 2.45 35.51 50.90
N LYS D 256 2.21 34.21 51.01
CA LYS D 256 3.28 33.28 51.38
C LYS D 256 3.06 32.00 50.57
N ALA D 257 4.16 31.33 50.18
CA ALA D 257 4.01 30.02 49.56
C ALA D 257 5.12 29.10 50.01
N GLN D 258 4.83 27.80 50.01
CA GLN D 258 5.84 26.81 50.35
C GLN D 258 5.89 25.84 49.18
N ASN D 259 7.04 25.77 48.49
CA ASN D 259 7.21 24.97 47.29
C ASN D 259 8.17 23.84 47.58
N PHE D 260 7.82 22.62 47.13
CA PHE D 260 8.68 21.48 47.38
C PHE D 260 8.71 20.61 46.16
N GLU D 261 9.91 20.22 45.72
CA GLU D 261 10.05 19.32 44.58
C GLU D 261 11.05 18.24 44.97
N VAL D 262 10.78 17.01 44.57
CA VAL D 262 11.70 15.90 44.83
C VAL D 262 11.69 14.99 43.62
N VAL D 263 12.85 14.44 43.25
CA VAL D 263 12.94 13.59 42.07
C VAL D 263 13.96 12.48 42.29
N ALA D 264 13.67 11.29 41.74
CA ALA D 264 14.59 10.17 41.77
C ALA D 264 14.65 9.60 40.34
N GLN D 265 15.85 9.34 39.85
CA GLN D 265 16.05 8.79 38.51
C GLN D 265 17.16 7.75 38.55
N TYR D 266 17.14 6.86 37.58
CA TYR D 266 18.20 5.87 37.43
C TYR D 266 18.63 5.88 35.96
N GLN D 267 19.94 5.85 35.69
CA GLN D 267 20.42 5.80 34.31
C GLN D 267 20.95 4.40 33.97
N PHE D 268 20.21 3.67 33.12
CA PHE D 268 20.70 2.38 32.64
C PHE D 268 21.76 2.62 31.58
N ASP D 269 22.78 1.75 31.53
CA ASP D 269 23.86 1.90 30.55
C ASP D 269 23.35 1.81 29.12
N PHE D 270 22.28 1.05 28.87
CA PHE D 270 21.75 0.94 27.50
C PHE D 270 20.99 2.21 27.02
N GLY D 271 20.76 3.18 27.91
CA GLY D 271 20.17 4.46 27.51
C GLY D 271 18.88 4.87 28.19
N LEU D 272 18.17 3.93 28.82
CA LEU D 272 16.89 4.26 29.47
C LEU D 272 17.08 4.96 30.81
N ARG D 273 16.31 6.04 31.05
CA ARG D 273 16.43 6.81 32.28
C ARG D 273 15.03 7.03 32.86
N PRO D 274 14.51 6.08 33.64
CA PRO D 274 13.20 6.30 34.29
C PRO D 274 13.30 7.40 35.34
N SER D 275 12.17 8.04 35.63
CA SER D 275 12.15 9.15 36.56
C SER D 275 10.82 9.18 37.31
N VAL D 276 10.87 9.46 38.62
CA VAL D 276 9.68 9.63 39.43
CA VAL D 276 9.69 9.63 39.46
C VAL D 276 9.88 10.93 40.23
N ALA D 277 8.85 11.77 40.30
CA ALA D 277 8.99 13.05 40.98
C ALA D 277 7.68 13.47 41.64
N TYR D 278 7.77 14.39 42.61
CA TYR D 278 6.59 14.95 43.25
C TYR D 278 6.84 16.44 43.36
N LEU D 279 5.84 17.26 43.00
CA LEU D 279 5.97 18.69 43.07
C LEU D 279 4.73 19.27 43.71
N GLN D 280 4.91 20.27 44.57
CA GLN D 280 3.75 20.94 45.16
C GLN D 280 4.10 22.37 45.51
N SER D 281 3.11 23.23 45.41
CA SER D 281 3.26 24.63 45.77
C SER D 281 2.02 24.94 46.59
N LYS D 282 2.21 25.29 47.87
CA LYS D 282 1.08 25.57 48.76
C LYS D 282 1.05 27.07 49.01
N GLY D 283 -0.06 27.70 48.68
CA GLY D 283 -0.24 29.13 48.93
C GLY D 283 -0.89 29.34 50.29
N LYS D 284 -0.45 30.36 51.02
CA LYS D 284 -0.94 30.69 52.34
C LYS D 284 -1.43 32.13 52.40
N ASP D 285 -2.49 32.38 53.18
CA ASP D 285 -3.01 33.71 53.41
C ASP D 285 -3.47 34.40 52.15
N LEU D 286 -4.15 33.68 51.25
CA LEU D 286 -4.68 34.27 50.03
C LEU D 286 -5.96 35.07 50.37
N GLU D 287 -6.10 36.22 49.75
CA GLU D 287 -7.25 37.09 49.97
C GLU D 287 -8.53 36.52 49.33
N ARG D 288 -9.64 37.27 49.45
CA ARG D 288 -10.92 36.94 48.86
C ARG D 288 -11.54 35.62 49.36
N GLY D 289 -11.17 35.20 50.56
CA GLY D 289 -11.68 33.98 51.15
C GLY D 289 -10.98 32.70 50.72
N TYR D 290 -9.95 32.80 49.90
CA TYR D 290 -9.22 31.61 49.44
C TYR D 290 -8.41 30.99 50.56
N GLY D 291 -7.81 31.81 51.41
CA GLY D 291 -7.04 31.30 52.54
C GLY D 291 -5.87 30.45 52.09
N ASP D 292 -5.78 29.21 52.57
CA ASP D 292 -4.67 28.32 52.16
C ASP D 292 -5.16 27.48 50.99
N GLN D 293 -4.40 27.44 49.90
CA GLN D 293 -4.80 26.71 48.69
C GLN D 293 -3.60 26.05 48.06
N ASP D 294 -3.80 24.87 47.48
CA ASP D 294 -2.75 24.26 46.68
C ASP D 294 -2.76 24.98 45.34
N ILE D 295 -1.60 25.46 44.93
CA ILE D 295 -1.40 26.12 43.64
C ILE D 295 -0.96 25.08 42.60
N LEU D 296 -0.18 24.08 43.04
CA LEU D 296 0.33 23.02 42.17
C LEU D 296 0.47 21.78 43.04
N LYS D 297 0.14 20.60 42.50
CA LYS D 297 0.32 19.35 43.23
C LYS D 297 0.23 18.19 42.27
N TYR D 298 1.37 17.53 42.00
CA TYR D 298 1.33 16.38 41.12
C TYR D 298 2.45 15.42 41.32
N VAL D 299 2.22 14.16 40.96
CA VAL D 299 3.25 13.13 40.93
C VAL D 299 3.57 12.96 39.44
N ASP D 300 4.85 12.79 39.10
CA ASP D 300 5.26 12.67 37.72
C ASP D 300 6.00 11.36 37.54
N VAL D 301 5.63 10.59 36.51
CA VAL D 301 6.33 9.35 36.21
CA VAL D 301 6.29 9.32 36.21
C VAL D 301 6.63 9.34 34.73
N GLY D 302 7.87 9.04 34.38
CA GLY D 302 8.23 9.05 32.97
C GLY D 302 9.56 8.42 32.72
N ALA D 303 9.99 8.47 31.47
CA ALA D 303 11.31 7.92 31.12
C ALA D 303 11.79 8.55 29.85
N THR D 304 13.10 8.73 29.77
CA THR D 304 13.74 9.20 28.55
C THR D 304 14.65 8.09 28.08
N TYR D 305 14.68 7.83 26.78
CA TYR D 305 15.60 6.86 26.20
C TYR D 305 16.59 7.67 25.38
N TYR D 306 17.87 7.63 25.76
CA TYR D 306 18.90 8.34 25.02
C TYR D 306 19.50 7.42 23.99
N PHE D 307 19.29 7.70 22.69
CA PHE D 307 19.92 6.90 21.64
C PHE D 307 21.42 7.16 21.63
N ASN D 308 21.80 8.42 21.81
CA ASN D 308 23.16 8.91 21.90
C ASN D 308 23.11 10.36 22.43
N LYS D 309 24.21 11.12 22.35
CA LYS D 309 24.21 12.50 22.84
C LYS D 309 23.40 13.47 21.97
N ASN D 310 22.96 13.04 20.77
CA ASN D 310 22.24 13.92 19.85
C ASN D 310 20.78 13.49 19.60
N MET D 311 20.30 12.39 20.18
CA MET D 311 18.94 11.95 19.91
C MET D 311 18.34 11.27 21.09
N SER D 312 17.10 11.62 21.43
CA SER D 312 16.42 10.96 22.52
C SER D 312 14.92 10.93 22.28
N THR D 313 14.21 10.12 23.06
CA THR D 313 12.75 10.06 22.98
C THR D 313 12.24 9.89 24.39
N TYR D 314 11.02 10.38 24.67
CA TYR D 314 10.53 10.29 26.03
C TYR D 314 9.05 10.22 26.14
N VAL D 315 8.62 9.72 27.30
CA VAL D 315 7.22 9.75 27.70
C VAL D 315 7.21 10.35 29.11
N ASP D 316 6.23 11.23 29.38
CA ASP D 316 6.12 11.81 30.71
C ASP D 316 4.66 11.84 31.08
N TYR D 317 4.36 11.52 32.32
CA TYR D 317 2.98 11.44 32.78
C TYR D 317 2.81 12.26 34.03
N LYS D 318 2.06 13.37 33.90
CA LYS D 318 1.74 14.25 35.01
C LYS D 318 0.43 13.74 35.59
N ILE D 319 0.46 13.22 36.82
CA ILE D 319 -0.70 12.70 37.55
C ILE D 319 -1.10 13.81 38.49
N ASN D 320 -2.04 14.62 38.03
CA ASN D 320 -2.44 15.84 38.70
C ASN D 320 -3.29 15.57 39.92
N LEU D 321 -2.79 15.94 41.10
CA LEU D 321 -3.49 15.67 42.35
C LEU D 321 -4.37 16.83 42.82
N LEU D 322 -4.46 17.91 42.05
CA LEU D 322 -5.31 19.03 42.41
C LEU D 322 -6.76 18.67 42.21
N ASP D 323 -7.59 19.21 43.09
CA ASP D 323 -9.04 19.09 43.03
C ASP D 323 -9.60 20.36 42.38
N ASP D 324 -10.70 20.21 41.65
CA ASP D 324 -11.36 21.35 41.02
C ASP D 324 -12.09 22.10 42.12
N ASN D 325 -11.78 23.38 42.31
CA ASN D 325 -12.47 24.21 43.29
C ASN D 325 -12.57 25.66 42.78
N SER D 326 -13.17 26.60 43.57
CA SER D 326 -13.29 27.98 43.11
C SER D 326 -11.94 28.62 42.83
N PHE D 327 -10.92 28.25 43.60
CA PHE D 327 -9.58 28.79 43.39
C PHE D 327 -8.97 28.34 42.07
N THR D 328 -8.90 27.02 41.83
CA THR D 328 -8.31 26.53 40.59
C THR D 328 -9.09 27.03 39.37
N ARG D 329 -10.42 27.12 39.48
CA ARG D 329 -11.24 27.61 38.37
C ARG D 329 -10.96 29.08 38.09
N ASN D 330 -11.10 29.93 39.11
CA ASN D 330 -10.91 31.37 38.94
C ASN D 330 -9.49 31.77 38.60
N ALA D 331 -8.48 31.00 39.07
CA ALA D 331 -7.08 31.31 38.80
C ALA D 331 -6.56 30.65 37.51
N GLY D 332 -7.39 29.84 36.84
CA GLY D 332 -7.00 29.19 35.59
C GLY D 332 -5.92 28.15 35.77
N ILE D 333 -5.98 27.43 36.89
CA ILE D 333 -4.98 26.39 37.17
C ILE D 333 -5.51 25.05 36.68
N SER D 334 -4.70 24.36 35.87
CA SER D 334 -5.09 23.07 35.32
C SER D 334 -5.09 22.00 36.40
N THR D 335 -6.18 21.24 36.49
CA THR D 335 -6.29 20.12 37.43
C THR D 335 -6.27 18.75 36.72
N ASP D 336 -6.08 18.74 35.38
CA ASP D 336 -6.10 17.52 34.61
C ASP D 336 -4.74 16.87 34.46
N ASP D 337 -4.75 15.55 34.23
CA ASP D 337 -3.51 14.83 33.97
C ASP D 337 -3.04 15.15 32.56
N VAL D 338 -1.75 14.91 32.29
CA VAL D 338 -1.19 15.14 30.95
C VAL D 338 -0.21 14.03 30.65
N VAL D 339 -0.22 13.53 29.41
CA VAL D 339 0.81 12.60 28.95
C VAL D 339 1.55 13.31 27.81
N ALA D 340 2.89 13.34 27.87
CA ALA D 340 3.68 13.92 26.79
C ALA D 340 4.49 12.84 26.13
N LEU D 341 4.61 12.90 24.79
CA LEU D 341 5.44 12.00 24.01
C LEU D 341 6.34 12.93 23.20
N GLY D 342 7.65 12.72 23.28
CA GLY D 342 8.58 13.57 22.57
C GLY D 342 9.66 12.80 21.85
N LEU D 343 10.11 13.35 20.71
CA LEU D 343 11.21 12.77 19.94
C LEU D 343 12.13 13.96 19.67
N VAL D 344 13.36 13.92 20.19
CA VAL D 344 14.22 15.11 20.18
C VAL D 344 15.54 14.90 19.45
N TYR D 345 15.85 15.79 18.51
CA TYR D 345 17.15 15.83 17.87
C TYR D 345 17.88 17.01 18.53
N GLN D 346 19.11 16.79 19.02
CA GLN D 346 19.87 17.85 19.68
C GLN D 346 21.15 18.12 18.91
N PHE D 347 21.41 19.43 18.58
CA PHE D 347 22.54 19.83 17.71
C PHE D 347 23.86 19.59 18.36
N GLY E 1 33.28 39.33 11.78
CA GLY E 1 32.59 38.15 11.30
C GLY E 1 33.42 36.88 11.48
N ALA E 2 32.74 35.73 11.57
CA ALA E 2 33.34 34.42 11.76
C ALA E 2 33.06 33.60 10.52
N GLU E 3 34.09 33.30 9.73
CA GLU E 3 33.86 32.51 8.52
C GLU E 3 33.62 31.07 8.92
N ILE E 4 32.36 30.60 8.76
CA ILE E 4 32.00 29.23 9.15
C ILE E 4 31.91 28.25 7.98
N TYR E 5 32.05 28.73 6.75
CA TYR E 5 31.99 27.86 5.59
C TYR E 5 32.74 28.49 4.45
N ASN E 6 33.53 27.69 3.74
CA ASN E 6 34.22 28.18 2.56
C ASN E 6 34.59 26.99 1.70
N LYS E 7 33.69 26.59 0.79
CA LYS E 7 33.90 25.41 -0.04
C LYS E 7 33.21 25.60 -1.38
N ASP E 8 33.74 24.96 -2.44
CA ASP E 8 33.17 24.96 -3.79
C ASP E 8 32.67 26.34 -4.25
N GLY E 9 33.53 27.34 -4.11
CA GLY E 9 33.25 28.72 -4.51
C GLY E 9 32.21 29.46 -3.71
N ASN E 10 31.83 29.00 -2.50
CA ASN E 10 30.86 29.74 -1.69
C ASN E 10 31.40 29.92 -0.29
N LYS E 11 31.25 31.11 0.28
CA LYS E 11 31.68 31.35 1.65
C LYS E 11 30.61 32.01 2.46
N LEU E 12 30.56 31.68 3.74
CA LEU E 12 29.55 32.23 4.65
C LEU E 12 30.23 32.72 5.92
N ASP E 13 29.93 33.98 6.29
CA ASP E 13 30.40 34.57 7.53
C ASP E 13 29.19 34.67 8.44
N LEU E 14 29.31 34.19 9.66
CA LEU E 14 28.29 34.40 10.65
C LEU E 14 28.81 35.59 11.47
N TYR E 15 28.00 36.61 11.70
CA TYR E 15 28.47 37.76 12.47
C TYR E 15 27.40 38.23 13.42
N GLY E 16 27.80 39.04 14.38
CA GLY E 16 26.84 39.59 15.32
C GLY E 16 27.45 40.01 16.61
N LYS E 17 26.58 40.32 17.56
CA LYS E 17 27.04 40.75 18.86
C LYS E 17 25.95 40.54 19.88
N ILE E 18 26.35 40.44 21.15
CA ILE E 18 25.40 40.31 22.25
C ILE E 18 25.78 41.45 23.17
N ASP E 19 24.87 42.43 23.31
CA ASP E 19 25.16 43.64 24.05
C ASP E 19 24.34 43.71 25.34
N GLY E 20 25.00 43.44 26.47
CA GLY E 20 24.39 43.60 27.79
C GLY E 20 24.44 45.09 28.05
N LEU E 21 23.28 45.75 27.96
CA LEU E 21 23.22 47.20 27.93
C LEU E 21 22.19 47.76 28.87
N HIS E 22 22.57 48.79 29.60
CA HIS E 22 21.64 49.43 30.53
C HIS E 22 21.68 50.94 30.34
N TYR E 23 20.51 51.58 30.30
CA TYR E 23 20.44 53.04 30.20
C TYR E 23 20.00 53.59 31.57
N PHE E 24 20.49 54.78 31.93
CA PHE E 24 20.05 55.46 33.14
C PHE E 24 19.55 56.83 32.69
N SER E 25 18.28 57.13 32.92
CA SER E 25 17.72 58.40 32.50
C SER E 25 16.48 58.74 33.29
N ASP E 26 16.20 60.04 33.43
CA ASP E 26 14.94 60.48 34.04
C ASP E 26 13.76 60.22 33.07
N ASP E 27 14.04 60.02 31.76
CA ASP E 27 13.00 59.74 30.79
C ASP E 27 12.67 58.25 30.95
N LYS E 28 11.50 57.96 31.51
CA LYS E 28 11.08 56.58 31.75
C LYS E 28 10.87 55.76 30.48
N SER E 29 10.72 56.41 29.31
CA SER E 29 10.58 55.65 28.07
C SER E 29 11.96 55.15 27.53
N VAL E 30 13.07 55.65 28.15
CA VAL E 30 14.46 55.38 27.77
C VAL E 30 15.17 54.56 28.87
N ASP E 31 14.90 54.93 30.12
CA ASP E 31 15.55 54.32 31.27
C ASP E 31 15.38 52.81 31.37
N GLY E 32 16.42 52.15 31.86
CA GLY E 32 16.34 50.73 32.17
C GLY E 32 17.15 49.80 31.31
N ASP E 33 16.82 48.51 31.44
CA ASP E 33 17.54 47.50 30.67
C ASP E 33 17.28 47.66 29.18
N GLN E 34 18.34 47.60 28.38
CA GLN E 34 18.26 47.72 26.92
C GLN E 34 19.02 46.60 26.20
N THR E 35 19.24 45.48 26.88
CA THR E 35 19.99 44.34 26.30
C THR E 35 19.40 43.87 24.99
N TYR E 36 20.27 43.61 24.02
CA TYR E 36 19.83 43.13 22.71
C TYR E 36 20.97 42.38 22.06
N MET E 37 20.66 41.70 20.96
CA MET E 37 21.71 41.06 20.19
C MET E 37 21.44 41.24 18.72
N ARG E 38 22.49 41.09 17.91
CA ARG E 38 22.35 41.10 16.46
C ARG E 38 22.97 39.82 15.95
N VAL E 39 22.40 39.29 14.89
CA VAL E 39 22.98 38.10 14.25
C VAL E 39 22.75 38.26 12.75
N GLY E 40 23.75 37.91 11.97
CA GLY E 40 23.65 38.04 10.54
C GLY E 40 24.52 37.06 9.81
N VAL E 41 24.28 36.96 8.50
CA VAL E 41 25.10 36.11 7.65
C VAL E 41 25.49 36.96 6.44
N LYS E 42 26.75 36.84 6.01
CA LYS E 42 27.22 37.48 4.79
C LYS E 42 27.72 36.33 3.93
N GLY E 43 27.12 36.14 2.77
CA GLY E 43 27.51 35.08 1.87
C GLY E 43 28.05 35.62 0.56
N GLU E 44 28.98 34.90 -0.04
CA GLU E 44 29.57 35.34 -1.31
C GLU E 44 29.97 34.13 -2.11
N THR E 45 29.58 34.09 -3.39
CA THR E 45 29.91 32.99 -4.27
C THR E 45 30.70 33.49 -5.47
N GLN E 46 31.81 32.85 -5.78
CA GLN E 46 32.61 33.22 -6.93
C GLN E 46 31.96 32.52 -8.13
N ILE E 47 31.29 33.26 -9.00
CA ILE E 47 30.66 32.66 -10.18
C ILE E 47 31.74 32.37 -11.22
N ASN E 48 32.58 33.36 -11.49
CA ASN E 48 33.73 33.20 -12.38
C ASN E 48 34.81 34.19 -11.90
N ASP E 49 35.94 34.29 -12.62
CA ASP E 49 37.02 35.16 -12.17
C ASP E 49 36.64 36.61 -11.97
N GLN E 50 35.63 37.08 -12.71
CA GLN E 50 35.23 38.48 -12.61
C GLN E 50 33.89 38.70 -11.88
N LEU E 51 33.02 37.71 -11.90
CA LEU E 51 31.67 37.85 -11.37
C LEU E 51 31.47 37.14 -10.03
N THR E 52 30.96 37.87 -9.04
CA THR E 52 30.69 37.31 -7.72
C THR E 52 29.23 37.59 -7.38
N GLY E 53 28.56 36.62 -6.76
CA GLY E 53 27.20 36.82 -6.26
C GLY E 53 27.30 36.97 -4.75
N TYR E 54 26.37 37.68 -4.13
CA TYR E 54 26.43 37.86 -2.68
C TYR E 54 25.07 38.04 -2.09
N GLY E 55 25.01 37.85 -0.78
CA GLY E 55 23.78 38.08 -0.04
C GLY E 55 24.13 38.41 1.39
N GLN E 56 23.28 39.22 2.03
CA GLN E 56 23.52 39.55 3.43
C GLN E 56 22.19 39.69 4.12
N TRP E 57 22.12 39.18 5.35
CA TRP E 57 20.94 39.32 6.19
C TRP E 57 21.44 39.74 7.56
N GLU E 58 20.77 40.71 8.18
CA GLU E 58 21.15 41.17 9.53
C GLU E 58 19.88 41.27 10.33
N TYR E 59 19.83 40.60 11.49
CA TYR E 59 18.63 40.53 12.33
C TYR E 59 18.92 41.16 13.68
N ASN E 60 17.95 41.92 14.19
CA ASN E 60 18.07 42.50 15.53
C ASN E 60 17.11 41.76 16.42
N VAL E 61 17.59 41.29 17.58
CA VAL E 61 16.75 40.55 18.52
C VAL E 61 16.85 41.21 19.88
N GLN E 62 15.76 41.88 20.30
CA GLN E 62 15.74 42.50 21.63
C GLN E 62 15.72 41.40 22.69
N ALA E 63 16.38 41.67 23.83
CA ALA E 63 16.37 40.71 24.94
C ALA E 63 16.13 41.43 26.27
N ASN E 64 15.48 42.64 26.19
CA ASN E 64 15.19 43.44 27.36
C ASN E 64 13.72 43.33 27.80
N ASN E 65 12.91 42.55 27.09
CA ASN E 65 11.54 42.35 27.51
C ASN E 65 11.27 40.86 27.73
N THR E 66 10.06 40.54 28.17
CA THR E 66 9.71 39.19 28.58
C THR E 66 9.55 38.24 27.41
N GLU E 67 9.41 36.95 27.72
CA GLU E 67 9.20 35.96 26.67
C GLU E 67 7.78 36.04 26.06
N SER E 68 6.84 36.75 26.73
CA SER E 68 5.51 36.91 26.18
C SER E 68 5.33 38.28 25.48
N SER E 69 6.38 39.09 25.39
CA SER E 69 6.29 40.39 24.73
C SER E 69 6.26 40.21 23.23
N SER E 70 5.64 41.15 22.52
CA SER E 70 5.50 41.06 21.08
C SER E 70 6.50 41.93 20.35
N ASP E 71 6.74 41.61 19.08
CA ASP E 71 7.53 42.43 18.14
C ASP E 71 8.94 42.70 18.66
N GLN E 72 9.61 41.65 19.13
CA GLN E 72 10.95 41.83 19.73
C GLN E 72 12.09 41.57 18.79
N ALA E 73 11.82 41.13 17.54
CA ALA E 73 12.90 40.89 16.59
C ALA E 73 12.51 41.41 15.24
N TRP E 74 13.49 41.88 14.47
CA TRP E 74 13.23 42.43 13.16
C TRP E 74 14.42 42.39 12.28
N THR E 75 14.18 42.43 10.95
CA THR E 75 15.28 42.41 10.00
C THR E 75 15.77 43.82 9.72
N ARG E 76 17.07 44.02 9.89
CA ARG E 76 17.70 45.30 9.58
C ARG E 76 18.09 45.32 8.11
N LEU E 77 18.70 44.23 7.63
CA LEU E 77 19.16 44.16 6.22
C LEU E 77 18.80 42.82 5.62
N ALA E 78 18.53 42.79 4.31
CA ALA E 78 18.34 41.52 3.59
C ALA E 78 18.41 41.87 2.13
N PHE E 79 19.54 41.54 1.49
CA PHE E 79 19.69 41.88 0.08
C PHE E 79 20.55 40.86 -0.63
N ALA E 80 20.36 40.80 -1.96
CA ALA E 80 21.17 39.91 -2.80
C ALA E 80 21.74 40.77 -3.92
N GLY E 81 22.91 40.40 -4.41
CA GLY E 81 23.54 41.19 -5.46
C GLY E 81 24.57 40.48 -6.30
N LEU E 82 25.04 41.20 -7.30
CA LEU E 82 26.09 40.72 -8.19
C LEU E 82 27.15 41.79 -8.28
N LYS E 83 28.41 41.40 -8.30
CA LYS E 83 29.51 42.35 -8.47
C LYS E 83 30.31 41.88 -9.68
N PHE E 84 30.53 42.77 -10.66
CA PHE E 84 31.28 42.37 -11.84
C PHE E 84 32.54 43.16 -12.06
N GLY E 85 33.67 42.64 -11.56
CA GLY E 85 35.00 43.24 -11.76
C GLY E 85 35.04 44.72 -11.42
N ASP E 86 35.41 45.57 -12.39
CA ASP E 86 35.41 47.03 -12.26
C ASP E 86 34.12 47.67 -12.78
N ALA E 87 33.18 46.89 -13.34
CA ALA E 87 31.94 47.45 -13.86
C ALA E 87 30.99 47.89 -12.74
N GLY E 88 31.23 47.44 -11.51
CA GLY E 88 30.41 47.80 -10.36
C GLY E 88 29.61 46.67 -9.78
N SER E 89 28.72 46.99 -8.84
CA SER E 89 27.88 46.00 -8.21
C SER E 89 26.43 46.47 -8.24
N PHE E 90 25.50 45.52 -8.17
CA PHE E 90 24.08 45.85 -8.10
C PHE E 90 23.48 44.95 -7.05
N ASP E 91 22.72 45.51 -6.12
CA ASP E 91 21.99 44.67 -5.16
C ASP E 91 20.59 45.21 -4.95
N TYR E 92 19.69 44.35 -4.48
CA TYR E 92 18.32 44.77 -4.23
C TYR E 92 17.85 44.10 -2.95
N GLY E 93 17.07 44.84 -2.18
CA GLY E 93 16.41 44.28 -1.01
C GLY E 93 16.25 45.35 0.03
N ARG E 94 16.34 44.95 1.32
CA ARG E 94 16.32 45.89 2.42
C ARG E 94 17.79 46.23 2.68
N ASN E 95 18.13 47.49 2.44
CA ASN E 95 19.54 47.90 2.57
C ASN E 95 19.61 49.38 2.93
N TYR E 96 20.83 49.91 3.17
CA TYR E 96 20.95 51.32 3.49
C TYR E 96 20.68 52.20 2.29
N GLY E 97 19.99 53.31 2.55
CA GLY E 97 19.86 54.37 1.57
C GLY E 97 21.22 55.02 1.37
N VAL E 98 21.54 55.48 0.15
CA VAL E 98 22.87 56.00 -0.17
C VAL E 98 23.21 57.28 0.58
N VAL E 99 22.24 57.98 1.18
CA VAL E 99 22.60 59.17 2.00
C VAL E 99 23.53 58.74 3.16
N TYR E 100 23.31 57.50 3.68
CA TYR E 100 24.11 56.94 4.77
C TYR E 100 25.54 56.67 4.32
N ASP E 101 25.85 56.63 3.01
CA ASP E 101 27.24 56.49 2.55
C ASP E 101 28.08 57.63 3.11
N VAL E 102 27.45 58.83 3.33
CA VAL E 102 28.19 59.95 3.89
C VAL E 102 27.81 60.18 5.37
N THR E 103 26.51 60.14 5.73
CA THR E 103 26.14 60.38 7.14
C THR E 103 26.69 59.30 8.08
N SER E 104 27.00 58.09 7.56
CA SER E 104 27.59 57.05 8.42
C SER E 104 28.93 57.48 9.03
N TRP E 105 29.61 58.45 8.41
CA TRP E 105 30.90 58.87 8.91
C TRP E 105 30.84 59.40 10.33
N THR E 106 29.70 59.97 10.75
CA THR E 106 29.55 60.42 12.14
C THR E 106 28.81 59.40 13.01
N ASP E 107 28.39 58.26 12.44
CA ASP E 107 27.66 57.24 13.21
C ASP E 107 28.67 56.30 13.84
N VAL E 108 29.46 56.84 14.77
CA VAL E 108 30.53 56.08 15.41
C VAL E 108 30.56 56.26 16.93
N LEU E 109 29.49 56.79 17.53
CA LEU E 109 29.51 57.00 18.99
C LEU E 109 29.52 55.67 19.73
N PRO E 110 29.96 55.66 21.01
CA PRO E 110 30.00 54.39 21.77
C PRO E 110 28.64 53.70 21.82
N GLU E 111 27.54 54.48 21.94
CA GLU E 111 26.18 53.94 21.99
C GLU E 111 25.17 54.79 21.21
N PHE E 112 25.19 56.12 21.40
CA PHE E 112 24.15 56.97 20.83
C PHE E 112 24.43 57.34 19.36
N GLY E 113 23.76 58.38 18.82
CA GLY E 113 23.96 58.79 17.44
C GLY E 113 23.29 57.89 16.43
N GLY E 114 23.61 58.11 15.16
CA GLY E 114 23.09 57.30 14.09
C GLY E 114 21.62 57.47 13.78
N ASP E 115 20.97 56.36 13.38
CA ASP E 115 19.58 56.42 12.97
C ASP E 115 18.58 56.48 14.11
N THR E 116 19.03 56.87 15.30
CA THR E 116 18.12 57.18 16.40
C THR E 116 18.10 58.73 16.63
N ASP E 117 18.88 59.53 15.84
CA ASP E 117 18.97 60.95 16.07
C ASP E 117 18.55 61.85 14.86
N THR E 118 19.49 62.43 14.03
CA THR E 118 19.08 63.40 13.00
C THR E 118 18.26 62.78 11.86
N TYR E 119 18.32 61.45 11.73
CA TYR E 119 17.53 60.70 10.76
C TYR E 119 17.16 59.36 11.41
N GLY E 120 16.30 58.59 10.76
CA GLY E 120 15.94 57.28 11.27
C GLY E 120 15.94 56.21 10.21
N SER E 121 15.45 55.01 10.59
CA SER E 121 15.27 53.87 9.69
CA SER E 121 15.29 53.90 9.66
C SER E 121 13.89 53.99 9.01
N ASP E 122 13.81 53.49 7.77
CA ASP E 122 12.62 53.60 6.92
C ASP E 122 12.21 55.08 6.77
N ASN E 123 13.23 55.96 6.64
CA ASN E 123 13.05 57.39 6.57
C ASN E 123 13.59 57.83 5.22
N PHE E 124 12.84 57.50 4.16
CA PHE E 124 13.26 57.73 2.77
C PHE E 124 14.62 57.02 2.55
N LEU E 125 15.62 57.68 1.95
CA LEU E 125 16.88 57.01 1.69
C LEU E 125 17.95 57.43 2.70
N GLN E 126 17.54 57.79 3.92
CA GLN E 126 18.50 58.26 4.92
C GLN E 126 19.11 57.15 5.75
N SER E 127 18.44 56.00 5.88
CA SER E 127 19.03 54.88 6.64
C SER E 127 18.52 53.58 6.00
N ARG E 128 18.32 52.50 6.78
CA ARG E 128 17.82 51.23 6.21
C ARG E 128 16.47 51.43 5.60
N ALA E 129 16.23 50.77 4.47
CA ALA E 129 15.05 51.04 3.68
C ALA E 129 14.60 49.80 2.94
N ASN E 130 13.28 49.66 2.74
CA ASN E 130 12.78 48.53 1.95
C ASN E 130 12.81 48.83 0.46
N GLY E 131 13.15 47.80 -0.31
CA GLY E 131 13.00 47.88 -1.75
C GLY E 131 13.95 48.79 -2.47
N VAL E 132 15.22 48.86 -2.00
CA VAL E 132 16.19 49.69 -2.68
C VAL E 132 17.02 48.87 -3.66
N ALA E 133 17.16 49.38 -4.90
CA ALA E 133 17.98 48.82 -5.94
C ALA E 133 19.18 49.75 -5.96
N THR E 134 20.38 49.21 -5.72
CA THR E 134 21.56 50.06 -5.56
C THR E 134 22.69 49.63 -6.45
N TYR E 135 23.19 50.56 -7.25
CA TYR E 135 24.35 50.34 -8.09
C TYR E 135 25.53 51.05 -7.41
N ARG E 136 26.68 50.36 -7.28
CA ARG E 136 27.85 50.98 -6.66
C ARG E 136 29.07 50.80 -7.56
N ASN E 137 29.98 51.75 -7.49
CA ASN E 137 31.19 51.68 -8.30
C ASN E 137 32.36 52.13 -7.47
N SER E 138 33.39 51.30 -7.37
CA SER E 138 34.56 51.63 -6.59
C SER E 138 35.71 52.06 -7.50
N ASP E 139 36.43 53.13 -7.11
CA ASP E 139 37.59 53.61 -7.85
C ASP E 139 37.30 54.00 -9.28
N PHE E 140 36.07 54.49 -9.56
CA PHE E 140 35.64 54.92 -10.90
C PHE E 140 36.03 53.94 -12.02
N PHE E 141 35.42 52.74 -12.00
CA PHE E 141 35.71 51.70 -13.01
C PHE E 141 37.20 51.26 -12.97
N GLY E 142 37.83 51.41 -11.80
CA GLY E 142 39.25 51.10 -11.63
C GLY E 142 40.18 52.15 -12.22
N LEU E 143 39.64 53.31 -12.64
CA LEU E 143 40.45 54.35 -13.26
C LEU E 143 40.91 55.45 -12.32
N VAL E 144 40.18 55.69 -11.22
CA VAL E 144 40.53 56.77 -10.30
C VAL E 144 40.52 56.24 -8.89
N ASP E 145 41.71 55.97 -8.34
CA ASP E 145 41.80 55.42 -6.99
C ASP E 145 41.13 56.34 -5.94
N GLY E 146 40.27 55.74 -5.12
CA GLY E 146 39.60 56.43 -4.05
C GLY E 146 38.34 57.17 -4.42
N LEU E 147 37.94 57.15 -5.70
CA LEU E 147 36.73 57.84 -6.12
C LEU E 147 35.59 56.84 -6.26
N ASN E 148 34.60 56.90 -5.37
CA ASN E 148 33.48 55.97 -5.39
C ASN E 148 32.18 56.70 -5.64
N PHE E 149 31.21 55.99 -6.23
CA PHE E 149 29.88 56.56 -6.38
C PHE E 149 28.79 55.50 -6.31
N ALA E 150 27.56 55.93 -6.06
CA ALA E 150 26.44 55.03 -6.04
C ALA E 150 25.22 55.70 -6.63
N LEU E 151 24.33 54.90 -7.22
CA LEU E 151 23.06 55.34 -7.78
C LEU E 151 22.02 54.40 -7.19
N GLN E 152 20.92 54.94 -6.71
CA GLN E 152 19.94 54.10 -6.04
C GLN E 152 18.53 54.47 -6.39
N TYR E 153 17.66 53.46 -6.51
CA TYR E 153 16.25 53.70 -6.77
C TYR E 153 15.42 52.96 -5.72
N GLN E 154 14.30 53.55 -5.30
CA GLN E 154 13.41 52.89 -4.35
C GLN E 154 11.98 53.00 -4.83
N GLY E 155 11.27 51.88 -4.94
CA GLY E 155 9.87 51.92 -5.31
C GLY E 155 9.01 52.35 -4.13
N LYS E 156 7.79 52.83 -4.43
CA LYS E 156 6.84 53.21 -3.39
C LYS E 156 6.63 52.10 -2.35
N ASN E 157 6.59 52.47 -1.07
CA ASN E 157 6.22 51.60 0.06
C ASN E 157 5.09 52.43 0.69
N GLY E 158 3.86 52.02 0.39
CA GLY E 158 2.68 52.84 0.69
C GLY E 158 1.94 52.56 1.96
N SER E 159 0.66 52.93 1.94
CA SER E 159 -0.20 52.76 3.10
C SER E 159 -0.63 51.32 3.32
N VAL E 160 -1.22 51.04 4.47
CA VAL E 160 -1.70 49.70 4.81
C VAL E 160 -2.89 49.33 3.94
N SER E 161 -3.81 50.27 3.72
CA SER E 161 -5.02 50.03 2.94
CA SER E 161 -4.99 50.01 2.90
C SER E 161 -5.34 51.25 2.05
N GLY E 162 -6.36 51.14 1.20
CA GLY E 162 -6.77 52.25 0.37
C GLY E 162 -6.00 52.44 -0.91
N GLU E 163 -6.24 53.59 -1.56
CA GLU E 163 -5.65 53.91 -2.86
C GLU E 163 -4.15 53.97 -2.87
N GLY E 164 -3.56 54.36 -1.76
CA GLY E 164 -2.11 54.50 -1.66
C GLY E 164 -1.39 53.24 -1.21
N ALA E 165 -2.11 52.11 -1.12
CA ALA E 165 -1.50 50.90 -0.58
C ALA E 165 -0.51 50.21 -1.49
N THR E 166 0.43 49.50 -0.86
CA THR E 166 1.28 48.48 -1.45
C THR E 166 1.12 47.23 -0.56
N ASN E 167 1.65 46.07 -0.99
CA ASN E 167 1.51 44.86 -0.19
C ASN E 167 2.09 45.01 1.22
N ASN E 168 3.19 45.78 1.31
CA ASN E 168 3.99 45.94 2.50
C ASN E 168 3.76 47.33 3.12
N GLY E 169 2.49 47.65 3.29
CA GLY E 169 2.11 48.96 3.81
C GLY E 169 2.55 49.23 5.23
N ARG E 170 2.66 50.52 5.55
CA ARG E 170 3.10 50.95 6.88
C ARG E 170 2.54 52.36 7.15
N GLY E 171 2.79 52.89 8.35
CA GLY E 171 2.28 54.22 8.69
C GLY E 171 3.05 55.34 8.02
N TRP E 172 2.44 56.55 7.99
CA TRP E 172 3.02 57.70 7.28
C TRP E 172 4.49 57.99 7.57
N SER E 173 4.93 57.78 8.82
CA SER E 173 6.31 58.12 9.17
C SER E 173 7.35 57.27 8.48
N LYS E 174 6.92 56.11 7.95
CA LYS E 174 7.81 55.16 7.30
C LYS E 174 7.42 54.86 5.84
N GLN E 175 6.50 55.64 5.28
CA GLN E 175 6.11 55.50 3.88
C GLN E 175 7.10 56.24 2.96
N ASN E 176 7.01 55.93 1.68
CA ASN E 176 7.73 56.69 0.66
C ASN E 176 7.05 56.44 -0.67
N GLY E 177 7.16 57.42 -1.56
CA GLY E 177 6.81 57.21 -2.94
C GLY E 177 8.08 56.77 -3.67
N ASP E 178 8.02 56.71 -5.02
CA ASP E 178 9.22 56.36 -5.81
C ASP E 178 10.31 57.41 -5.54
N GLY E 179 11.55 56.96 -5.46
CA GLY E 179 12.62 57.91 -5.18
C GLY E 179 13.95 57.45 -5.68
N PHE E 180 14.90 58.34 -5.63
CA PHE E 180 16.23 57.98 -6.04
C PHE E 180 17.25 58.73 -5.22
N GLY E 181 18.48 58.24 -5.25
CA GLY E 181 19.55 58.90 -4.54
C GLY E 181 20.89 58.63 -5.19
N THR E 182 21.85 59.49 -4.89
CA THR E 182 23.20 59.30 -5.40
C THR E 182 24.18 59.68 -4.29
N SER E 183 25.38 59.11 -4.36
CA SER E 183 26.44 59.49 -3.44
C SER E 183 27.77 59.47 -4.19
N LEU E 184 28.72 60.24 -3.68
CA LEU E 184 30.04 60.32 -4.29
C LEU E 184 31.00 60.60 -3.15
N THR E 185 32.03 59.79 -3.03
CA THR E 185 33.06 60.00 -2.02
C THR E 185 34.43 59.95 -2.68
N TYR E 186 35.37 60.72 -2.11
CA TYR E 186 36.70 60.73 -2.66
C TYR E 186 37.71 60.73 -1.56
N ASP E 187 38.64 59.78 -1.59
CA ASP E 187 39.71 59.75 -0.61
C ASP E 187 40.82 60.65 -1.14
N ILE E 192 42.13 61.03 4.47
CA ILE E 192 41.23 62.18 4.39
C ILE E 192 40.21 61.96 3.28
N SER E 193 38.91 62.00 3.61
CA SER E 193 37.87 61.81 2.61
C SER E 193 36.84 62.93 2.62
N ALA E 194 36.25 63.21 1.45
CA ALA E 194 35.15 64.16 1.31
C ALA E 194 33.99 63.41 0.62
N GLY E 195 32.76 63.74 0.99
CA GLY E 195 31.61 63.04 0.44
C GLY E 195 30.42 63.94 0.23
N PHE E 196 29.62 63.59 -0.77
CA PHE E 196 28.37 64.27 -1.07
C PHE E 196 27.30 63.22 -1.31
N ALA E 197 26.06 63.52 -0.92
CA ALA E 197 24.95 62.64 -1.21
C ALA E 197 23.70 63.46 -1.47
N TYR E 198 22.83 62.95 -2.32
CA TYR E 198 21.59 63.65 -2.68
C TYR E 198 20.49 62.61 -2.76
N SER E 199 19.28 62.98 -2.31
CA SER E 199 18.13 62.09 -2.52
C SER E 199 16.89 62.91 -2.83
N HIS E 200 15.98 62.30 -3.58
CA HIS E 200 14.74 62.96 -3.98
C HIS E 200 13.69 61.86 -4.08
N SER E 201 12.64 61.96 -3.25
CA SER E 201 11.57 60.95 -3.23
C SER E 201 10.23 61.60 -3.29
N LYS E 202 9.27 60.95 -3.95
CA LYS E 202 7.89 61.44 -3.87
C LYS E 202 7.35 61.15 -2.46
N ARG E 203 6.54 62.06 -1.94
CA ARG E 203 5.85 61.86 -0.66
C ARG E 203 4.47 61.25 -0.94
N THR E 204 3.86 60.64 0.08
CA THR E 204 2.57 59.98 -0.12
C THR E 204 1.41 60.85 0.36
N ASP E 205 0.18 60.48 -0.04
CA ASP E 205 -1.00 61.25 0.41
C ASP E 205 -1.15 61.19 1.92
N GLU E 206 -0.85 60.04 2.57
CA GLU E 206 -0.96 60.02 4.05
C GLU E 206 0.08 60.92 4.69
N GLN E 207 1.28 61.05 4.09
CA GLN E 207 2.28 61.98 4.66
C GLN E 207 1.81 63.42 4.61
N ASN E 208 0.95 63.76 3.63
CA ASN E 208 0.42 65.10 3.46
C ASN E 208 -0.96 65.28 4.12
N SER E 209 -1.35 64.39 5.05
CA SER E 209 -2.64 64.52 5.71
C SER E 209 -2.63 64.05 7.18
N VAL E 210 -2.17 62.82 7.44
CA VAL E 210 -2.20 62.27 8.80
C VAL E 210 -1.35 63.06 9.80
N PRO E 211 -0.05 63.29 9.54
CA PRO E 211 0.73 64.08 10.52
C PRO E 211 0.28 65.52 10.59
N ALA E 212 0.47 66.14 11.75
CA ALA E 212 0.10 67.53 11.96
C ALA E 212 1.00 68.50 11.17
N LEU E 213 2.30 68.15 10.98
CA LEU E 213 3.23 69.05 10.35
C LEU E 213 3.85 68.49 9.08
N GLY E 214 4.25 69.40 8.20
CA GLY E 214 4.99 69.08 7.00
C GLY E 214 4.08 68.79 5.83
N ARG E 215 4.23 69.58 4.75
CA ARG E 215 3.40 69.37 3.56
C ARG E 215 4.28 69.62 2.34
N GLY E 216 4.20 68.74 1.36
CA GLY E 216 4.97 68.91 0.13
C GLY E 216 4.92 67.67 -0.71
N ASP E 217 5.08 67.86 -2.03
CA ASP E 217 4.99 66.72 -2.95
C ASP E 217 6.19 65.81 -2.85
N ASN E 218 7.37 66.37 -2.53
CA ASN E 218 8.60 65.60 -2.52
C ASN E 218 9.46 65.83 -1.31
N ALA E 219 10.23 64.80 -0.94
CA ALA E 219 11.22 64.83 0.12
C ALA E 219 12.60 64.94 -0.59
N GLU E 220 13.50 65.80 -0.09
CA GLU E 220 14.79 66.00 -0.74
C GLU E 220 15.86 66.18 0.30
N THR E 221 17.07 65.60 0.09
CA THR E 221 18.16 65.78 1.06
C THR E 221 19.44 66.12 0.31
N TYR E 222 20.28 66.95 0.92
CA TYR E 222 21.59 67.33 0.37
C TYR E 222 22.58 67.17 1.50
N THR E 223 23.61 66.36 1.32
CA THR E 223 24.59 66.12 2.36
C THR E 223 26.01 66.34 1.91
N GLY E 224 26.81 66.93 2.79
CA GLY E 224 28.25 67.07 2.59
C GLY E 224 28.93 66.51 3.83
N GLY E 225 30.04 65.79 3.65
CA GLY E 225 30.74 65.20 4.78
C GLY E 225 32.23 65.20 4.60
N LEU E 226 32.95 65.15 5.72
CA LEU E 226 34.40 65.11 5.77
C LEU E 226 34.83 64.09 6.81
N LYS E 227 35.93 63.37 6.56
CA LYS E 227 36.40 62.37 7.49
C LYS E 227 37.92 62.32 7.47
N TYR E 228 38.52 62.16 8.65
CA TYR E 228 39.95 61.92 8.83
C TYR E 228 40.04 60.62 9.61
N ASP E 229 40.69 59.60 9.05
CA ASP E 229 40.78 58.31 9.74
C ASP E 229 42.16 57.77 9.50
N ALA E 230 43.09 58.15 10.37
CA ALA E 230 44.49 57.72 10.23
C ALA E 230 45.23 58.02 11.55
N ASN E 231 46.39 57.38 11.76
CA ASN E 231 47.23 57.67 12.93
C ASN E 231 46.49 57.56 14.26
N ASN E 232 45.54 56.62 14.31
CA ASN E 232 44.71 56.31 15.46
C ASN E 232 43.74 57.42 15.84
N ILE E 233 43.55 58.41 14.97
CA ILE E 233 42.61 59.51 15.18
C ILE E 233 41.43 59.32 14.25
N TYR E 234 40.23 59.64 14.72
CA TYR E 234 39.08 59.61 13.87
C TYR E 234 38.34 60.94 14.05
N LEU E 235 38.22 61.72 12.99
CA LEU E 235 37.47 62.98 13.03
C LEU E 235 36.46 62.90 11.90
N ALA E 236 35.23 63.37 12.13
CA ALA E 236 34.25 63.39 11.05
C ALA E 236 33.19 64.41 11.27
N SER E 237 32.60 64.88 10.18
CA SER E 237 31.51 65.83 10.27
CA SER E 237 31.50 65.82 10.27
C SER E 237 30.56 65.61 9.09
N GLN E 238 29.27 65.90 9.28
CA GLN E 238 28.33 65.80 8.19
C GLN E 238 27.32 66.92 8.36
N TYR E 239 26.96 67.56 7.27
CA TYR E 239 25.92 68.58 7.26
C TYR E 239 24.90 68.15 6.22
N THR E 240 23.63 68.07 6.64
CA THR E 240 22.56 67.69 5.72
C THR E 240 21.44 68.71 5.77
N GLN E 241 20.99 69.18 4.61
CA GLN E 241 19.85 70.10 4.54
C GLN E 241 18.71 69.30 3.89
N THR E 242 17.55 69.26 4.56
CA THR E 242 16.43 68.45 4.08
C THR E 242 15.18 69.28 3.84
N TYR E 243 14.28 68.76 2.99
CA TYR E 243 12.99 69.35 2.68
C TYR E 243 11.95 68.25 2.80
N ASN E 244 10.98 68.40 3.72
CA ASN E 244 9.88 67.43 3.93
C ASN E 244 10.40 66.01 4.18
N ALA E 245 11.57 65.87 4.82
CA ALA E 245 12.18 64.54 4.98
C ALA E 245 12.66 64.22 6.39
N THR E 246 12.82 65.24 7.22
CA THR E 246 13.26 65.03 8.60
C THR E 246 12.05 64.96 9.52
N ARG E 247 11.95 63.91 10.32
CA ARG E 247 10.81 63.75 11.22
C ARG E 247 10.86 64.78 12.35
N ALA E 248 9.73 65.31 12.74
CA ALA E 248 9.63 66.25 13.87
C ALA E 248 8.93 65.41 14.94
N GLY E 249 9.59 64.34 15.38
CA GLY E 249 8.98 63.38 16.30
C GLY E 249 7.67 62.84 15.74
N SER E 250 6.66 62.68 16.59
CA SER E 250 5.35 62.19 16.14
C SER E 250 4.50 63.29 15.47
N LEU E 251 4.95 64.57 15.53
CA LEU E 251 4.17 65.66 14.94
C LEU E 251 4.13 65.64 13.39
N GLY E 252 5.08 64.98 12.75
CA GLY E 252 5.13 64.96 11.29
C GLY E 252 6.54 65.15 10.77
N PHE E 253 6.69 65.93 9.69
CA PHE E 253 7.99 66.23 9.09
C PHE E 253 8.24 67.72 9.12
N ALA E 254 9.52 68.11 9.20
CA ALA E 254 9.87 69.51 9.12
C ALA E 254 9.86 69.92 7.65
N ASN E 255 9.18 71.04 7.31
CA ASN E 255 9.23 71.53 5.91
C ASN E 255 10.68 71.72 5.43
N LYS E 256 11.53 72.21 6.33
CA LYS E 256 12.96 72.29 6.07
C LYS E 256 13.70 71.92 7.34
N ALA E 257 14.86 71.26 7.24
CA ALA E 257 15.68 71.01 8.41
C ALA E 257 17.15 71.12 8.08
N GLN E 258 17.94 71.49 9.07
CA GLN E 258 19.38 71.57 8.91
C GLN E 258 19.98 70.70 9.98
N ASN E 259 20.70 69.64 9.59
CA ASN E 259 21.27 68.67 10.52
C ASN E 259 22.77 68.75 10.49
N PHE E 260 23.40 68.72 11.66
CA PHE E 260 24.85 68.81 11.72
C PHE E 260 25.35 67.86 12.79
N GLU E 261 26.37 67.07 12.47
CA GLU E 261 26.98 66.16 13.43
C GLU E 261 28.49 66.28 13.28
N VAL E 262 29.21 66.25 14.40
CA VAL E 262 30.67 66.29 14.37
C VAL E 262 31.19 65.39 15.50
N VAL E 263 32.27 64.64 15.25
CA VAL E 263 32.81 63.71 16.24
C VAL E 263 34.33 63.66 16.17
N ALA E 264 34.95 63.46 17.33
CA ALA E 264 36.40 63.30 17.42
C ALA E 264 36.66 62.15 18.37
N GLN E 265 37.56 61.24 17.97
CA GLN E 265 37.93 60.08 18.78
C GLN E 265 39.41 59.81 18.64
N TYR E 266 39.96 59.09 19.61
CA TYR E 266 41.33 58.65 19.55
C TYR E 266 41.34 57.21 19.99
N GLN E 267 42.14 56.38 19.32
CA GLN E 267 42.26 54.98 19.69
C GLN E 267 43.61 54.71 20.36
N PHE E 268 43.61 54.50 21.68
CA PHE E 268 44.85 54.13 22.37
C PHE E 268 45.20 52.69 22.02
N ASP E 269 46.49 52.38 21.90
CA ASP E 269 46.93 51.03 21.59
C ASP E 269 46.49 50.01 22.62
N PHE E 270 46.39 50.43 23.90
CA PHE E 270 45.96 49.47 24.93
C PHE E 270 44.46 49.13 24.88
N GLY E 271 43.68 49.82 24.04
CA GLY E 271 42.27 49.48 23.84
C GLY E 271 41.25 50.57 24.09
N LEU E 272 41.59 51.61 24.84
CA LEU E 272 40.63 52.66 25.16
C LEU E 272 40.39 53.61 23.98
N ARG E 273 39.12 53.93 23.70
CA ARG E 273 38.76 54.82 22.60
C ARG E 273 37.79 55.89 23.10
N PRO E 274 38.32 57.00 23.65
CA PRO E 274 37.42 58.09 24.06
C PRO E 274 36.80 58.76 22.84
N SER E 275 35.65 59.39 23.06
CA SER E 275 34.89 60.00 21.98
C SER E 275 34.14 61.23 22.47
N VAL E 276 34.13 62.29 21.66
CA VAL E 276 33.34 63.48 21.95
C VAL E 276 32.60 63.86 20.68
N ALA E 277 31.34 64.26 20.80
CA ALA E 277 30.56 64.59 19.62
C ALA E 277 29.52 65.67 19.91
N TYR E 278 29.01 66.30 18.85
CA TYR E 278 27.93 67.27 18.97
C TYR E 278 26.98 66.99 17.83
N LEU E 279 25.67 66.91 18.13
CA LEU E 279 24.67 66.64 17.12
C LEU E 279 23.52 67.63 17.26
N GLN E 280 23.02 68.12 16.14
CA GLN E 280 21.84 69.00 16.19
C GLN E 280 21.01 68.82 14.93
N SER E 281 19.69 69.02 15.07
CA SER E 281 18.77 68.99 13.94
C SER E 281 17.83 70.18 14.20
N LYS E 282 17.86 71.16 13.29
CA LYS E 282 17.08 72.39 13.43
C LYS E 282 15.96 72.36 12.42
N GLY E 283 14.71 72.36 12.88
CA GLY E 283 13.56 72.38 12.00
C GLY E 283 13.17 73.81 11.69
N LYS E 284 12.78 74.08 10.44
CA LYS E 284 12.42 75.42 9.97
C LYS E 284 11.06 75.40 9.30
N ASP E 285 10.34 76.53 9.40
CA ASP E 285 9.06 76.72 8.73
C ASP E 285 7.99 75.70 9.12
N LEU E 286 8.00 75.30 10.38
CA LEU E 286 6.99 74.37 10.87
C LEU E 286 5.66 75.10 11.02
N GLU E 287 4.58 74.41 10.68
CA GLU E 287 3.23 74.94 10.77
C GLU E 287 2.76 74.98 12.25
N ARG E 288 1.50 75.44 12.42
CA ARG E 288 0.80 75.45 13.70
C ARG E 288 1.46 76.34 14.75
N GLY E 289 2.17 77.37 14.29
CA GLY E 289 2.83 78.35 15.15
C GLY E 289 4.16 77.92 15.69
N TYR E 290 4.67 76.74 15.28
CA TYR E 290 5.97 76.27 15.78
C TYR E 290 7.15 77.03 15.19
N GLY E 291 7.05 77.40 13.91
CA GLY E 291 8.10 78.14 13.23
C GLY E 291 9.42 77.39 13.23
N ASP E 292 10.48 77.96 13.83
CA ASP E 292 11.77 77.25 13.92
C ASP E 292 11.88 76.57 15.27
N GLN E 293 12.25 75.27 15.28
CA GLN E 293 12.36 74.54 16.54
C GLN E 293 13.53 73.59 16.48
N ASP E 294 14.21 73.40 17.61
CA ASP E 294 15.24 72.36 17.69
C ASP E 294 14.54 71.02 17.82
N ILE E 295 14.89 70.09 16.93
CA ILE E 295 14.34 68.73 16.96
C ILE E 295 15.29 67.82 17.76
N LEU E 296 16.62 68.10 17.69
CA LEU E 296 17.63 67.34 18.40
C LEU E 296 18.79 68.28 18.72
N LYS E 297 19.38 68.16 19.91
CA LYS E 297 20.53 69.00 20.26
C LYS E 297 21.22 68.40 21.46
N TYR E 298 22.42 67.82 21.27
CA TYR E 298 23.13 67.27 22.42
C TYR E 298 24.62 67.15 22.20
N VAL E 299 25.36 67.13 23.31
CA VAL E 299 26.78 66.84 23.31
C VAL E 299 26.89 65.40 23.81
N ASP E 300 27.77 64.63 23.21
CA ASP E 300 27.96 63.25 23.62
C ASP E 300 29.41 63.05 24.06
N VAL E 301 29.62 62.48 25.23
N VAL E 301 29.62 62.45 25.24
CA VAL E 301 30.97 62.14 25.70
CA VAL E 301 30.95 62.17 25.77
C VAL E 301 30.92 60.69 26.15
C VAL E 301 30.97 60.72 26.24
N GLY E 302 31.90 59.92 25.75
CA GLY E 302 31.96 58.52 26.14
C GLY E 302 33.26 57.87 25.79
N ALA E 303 33.34 56.57 26.07
CA ALA E 303 34.54 55.81 25.72
C ALA E 303 34.20 54.36 25.59
N THR E 304 34.90 53.68 24.70
CA THR E 304 34.77 52.24 24.54
C THR E 304 36.13 51.64 24.85
N TYR E 305 36.16 50.55 25.62
CA TYR E 305 37.42 49.87 25.89
C TYR E 305 37.34 48.55 25.12
N TYR E 306 38.22 48.35 24.15
CA TYR E 306 38.25 47.12 23.38
C TYR E 306 39.23 46.17 24.05
N PHE E 307 38.74 45.07 24.59
CA PHE E 307 39.62 44.04 25.16
C PHE E 307 40.41 43.38 24.01
N ASN E 308 39.71 43.10 22.91
CA ASN E 308 40.25 42.54 21.68
C ASN E 308 39.17 42.72 20.60
N LYS E 309 39.32 42.06 19.42
CA LYS E 309 38.34 42.21 18.36
C LYS E 309 36.98 41.57 18.67
N ASN E 310 36.88 40.79 19.77
CA ASN E 310 35.64 40.07 20.10
C ASN E 310 34.99 40.52 21.40
N MET E 311 35.59 41.47 22.15
CA MET E 311 34.97 41.87 23.41
C MET E 311 35.25 43.30 23.72
N SER E 312 34.21 44.04 24.13
CA SER E 312 34.41 45.44 24.51
C SER E 312 33.43 45.86 25.59
N THR E 313 33.69 47.01 26.21
CA THR E 313 32.77 47.57 27.19
C THR E 313 32.75 49.09 26.96
N TYR E 314 31.64 49.75 27.30
CA TYR E 314 31.57 51.18 27.05
C TYR E 314 30.70 51.92 27.98
N VAL E 315 30.95 53.23 28.05
CA VAL E 315 30.10 54.18 28.75
C VAL E 315 29.82 55.29 27.75
N ASP E 316 28.57 55.77 27.68
CA ASP E 316 28.25 56.87 26.78
C ASP E 316 27.33 57.81 27.54
N TYR E 317 27.54 59.09 27.38
CA TYR E 317 26.79 60.10 28.12
C TYR E 317 26.24 61.12 27.15
N LYS E 318 24.92 61.11 27.01
CA LYS E 318 24.18 62.05 26.18
C LYS E 318 23.80 63.23 27.08
N ILE E 319 24.38 64.40 26.83
CA ILE E 319 24.09 65.62 27.57
C ILE E 319 23.12 66.37 26.69
N ASN E 320 21.85 66.22 27.00
CA ASN E 320 20.77 66.74 26.19
C ASN E 320 20.54 68.22 26.38
N LEU E 321 20.77 68.99 25.32
CA LEU E 321 20.64 70.46 25.39
C LEU E 321 19.24 70.99 25.03
N LEU E 322 18.29 70.09 24.74
CA LEU E 322 16.93 70.55 24.43
C LEU E 322 16.24 70.99 25.68
N ASP E 323 15.37 71.97 25.55
CA ASP E 323 14.51 72.44 26.65
C ASP E 323 13.12 71.85 26.43
N ASP E 324 12.40 71.63 27.55
CA ASP E 324 11.03 71.11 27.52
C ASP E 324 10.14 72.26 27.07
N ASN E 325 9.39 72.06 25.99
CA ASN E 325 8.44 73.07 25.52
C ASN E 325 7.23 72.34 24.85
N SER E 326 6.23 73.07 24.34
N SER E 326 6.23 73.08 24.34
CA SER E 326 5.05 72.43 23.72
CA SER E 326 5.06 72.49 23.70
C SER E 326 5.43 71.60 22.50
C SER E 326 5.44 71.61 22.51
N PHE E 327 6.48 72.02 21.77
CA PHE E 327 6.93 71.26 20.62
C PHE E 327 7.51 69.90 21.04
N THR E 328 8.51 69.88 21.96
CA THR E 328 9.12 68.61 22.38
C THR E 328 8.08 67.71 23.06
N ARG E 329 7.16 68.31 23.84
CA ARG E 329 6.13 67.50 24.51
C ARG E 329 5.17 66.87 23.50
N ASN E 330 4.59 67.69 22.63
CA ASN E 330 3.62 67.19 21.65
C ASN E 330 4.24 66.28 20.60
N ALA E 331 5.53 66.43 20.33
CA ALA E 331 6.23 65.55 19.37
C ALA E 331 6.83 64.28 20.01
N GLY E 332 6.81 64.19 21.34
CA GLY E 332 7.37 63.04 22.04
C GLY E 332 8.88 62.98 21.94
N ILE E 333 9.54 64.16 21.90
CA ILE E 333 10.99 64.21 21.79
C ILE E 333 11.59 64.27 23.19
N SER E 334 12.54 63.37 23.46
CA SER E 334 13.19 63.31 24.76
C SER E 334 14.14 64.47 24.97
N THR E 335 14.02 65.14 26.12
CA THR E 335 14.90 66.25 26.47
C THR E 335 15.84 65.90 27.62
N ASP E 336 15.80 64.66 28.13
CA ASP E 336 16.60 64.28 29.27
C ASP E 336 17.95 63.73 28.89
N ASP E 337 18.90 63.83 29.84
CA ASP E 337 20.23 63.24 29.61
C ASP E 337 20.09 61.73 29.77
N VAL E 338 21.08 60.98 29.22
CA VAL E 338 21.07 59.53 29.33
C VAL E 338 22.50 59.07 29.52
N VAL E 339 22.71 58.06 30.39
CA VAL E 339 24.01 57.41 30.53
C VAL E 339 23.80 55.94 30.11
N ALA E 340 24.66 55.42 29.22
CA ALA E 340 24.56 54.03 28.81
C ALA E 340 25.81 53.30 29.28
N LEU E 341 25.65 52.07 29.76
CA LEU E 341 26.75 51.21 30.14
C LEU E 341 26.54 49.92 29.38
N GLY E 342 27.55 49.48 28.63
CA GLY E 342 27.41 48.27 27.82
C GLY E 342 28.58 47.33 27.95
N LEU E 343 28.32 46.03 27.80
CA LEU E 343 29.35 45.00 27.81
C LEU E 343 29.00 44.13 26.62
N VAL E 344 29.91 44.05 25.64
CA VAL E 344 29.59 43.46 24.34
C VAL E 344 30.49 42.32 23.95
N TYR E 345 29.89 41.18 23.60
CA TYR E 345 30.65 40.07 23.02
C TYR E 345 30.33 40.13 21.53
N GLN E 346 31.35 40.11 20.66
CA GLN E 346 31.14 40.21 19.23
C GLN E 346 31.72 39.01 18.52
N PHE E 347 31.09 38.65 17.40
CA PHE E 347 31.63 37.57 16.59
C PHE E 347 31.64 37.99 15.10
N GLY F 1 22.69 23.35 0.63
CA GLY F 1 23.09 23.46 2.01
C GLY F 1 24.59 23.52 2.18
N ALA F 2 25.04 24.07 3.31
CA ALA F 2 26.45 24.24 3.65
C ALA F 2 26.76 23.44 4.90
N GLU F 3 27.59 22.39 4.76
CA GLU F 3 27.95 21.56 5.91
C GLU F 3 28.89 22.32 6.81
N ILE F 4 28.40 22.71 8.01
CA ILE F 4 29.21 23.48 8.97
C ILE F 4 29.75 22.65 10.13
N TYR F 5 29.38 21.37 10.21
CA TYR F 5 29.86 20.50 11.26
C TYR F 5 29.74 19.07 10.82
N ASN F 6 30.77 18.27 11.09
CA ASN F 6 30.73 16.85 10.79
C ASN F 6 31.78 16.17 11.65
N LYS F 7 31.38 15.75 12.86
CA LYS F 7 32.30 15.11 13.81
C LYS F 7 31.54 14.12 14.68
N ASP F 8 32.22 13.06 15.11
CA ASP F 8 31.70 12.03 16.02
C ASP F 8 30.25 11.59 15.71
N GLY F 9 30.01 11.23 14.46
CA GLY F 9 28.69 10.77 14.04
C GLY F 9 27.58 11.80 14.00
N ASN F 10 27.89 13.10 13.99
CA ASN F 10 26.85 14.12 13.87
C ASN F 10 27.23 15.08 12.78
N LYS F 11 26.28 15.42 11.91
CA LYS F 11 26.55 16.43 10.88
C LYS F 11 25.45 17.48 10.86
N LEU F 12 25.83 18.71 10.58
CA LEU F 12 24.89 19.80 10.54
C LEU F 12 25.09 20.58 9.24
N ASP F 13 24.00 20.82 8.53
CA ASP F 13 24.01 21.66 7.35
C ASP F 13 23.22 22.91 7.66
N LEU F 14 23.78 24.05 7.30
CA LEU F 14 23.08 25.32 7.40
C LEU F 14 22.60 25.59 5.96
N TYR F 15 21.33 26.00 5.76
CA TYR F 15 20.87 26.27 4.40
C TYR F 15 19.93 27.47 4.40
N GLY F 16 19.70 28.03 3.24
CA GLY F 16 18.75 29.13 3.12
C GLY F 16 18.94 29.93 1.86
N LYS F 17 18.27 31.08 1.82
CA LYS F 17 18.37 31.95 0.67
C LYS F 17 17.96 33.34 1.04
N ILE F 18 18.43 34.31 0.28
CA ILE F 18 18.04 35.70 0.44
C ILE F 18 17.51 36.10 -0.93
N ASP F 19 16.23 36.42 -1.00
CA ASP F 19 15.59 36.72 -2.27
C ASP F 19 15.19 38.19 -2.36
N GLY F 20 15.96 38.98 -3.12
CA GLY F 20 15.62 40.38 -3.38
C GLY F 20 14.54 40.30 -4.43
N LEU F 21 13.29 40.58 -4.06
CA LEU F 21 12.15 40.28 -4.90
C LEU F 21 11.19 41.43 -4.97
N HIS F 22 10.73 41.74 -6.17
CA HIS F 22 9.76 42.83 -6.33
C HIS F 22 8.63 42.35 -7.22
N TYR F 23 7.37 42.66 -6.82
CA TYR F 23 6.21 42.35 -7.65
C TYR F 23 5.67 43.65 -8.25
N PHE F 24 5.15 43.57 -9.49
CA PHE F 24 4.51 44.73 -10.13
C PHE F 24 3.12 44.28 -10.49
N SER F 25 2.10 44.93 -9.90
CA SER F 25 0.72 44.52 -10.15
C SER F 25 -0.21 45.67 -9.91
N ASP F 26 -1.35 45.67 -10.60
CA ASP F 26 -2.43 46.63 -10.30
C ASP F 26 -3.13 46.27 -8.98
N ASP F 27 -2.96 45.03 -8.48
CA ASP F 27 -3.54 44.62 -7.22
C ASP F 27 -2.62 45.17 -6.15
N LYS F 28 -3.11 46.17 -5.42
CA LYS F 28 -2.30 46.83 -4.38
C LYS F 28 -1.96 45.94 -3.20
N SER F 29 -2.68 44.81 -3.04
CA SER F 29 -2.33 43.90 -1.93
C SER F 29 -1.15 42.97 -2.29
N VAL F 30 -0.73 42.96 -3.58
CA VAL F 30 0.33 42.12 -4.12
C VAL F 30 1.54 42.98 -4.58
N ASP F 31 1.24 44.16 -5.13
CA ASP F 31 2.24 45.06 -5.67
C ASP F 31 3.29 45.49 -4.67
N GLY F 32 4.53 45.63 -5.16
CA GLY F 32 5.60 46.21 -4.35
C GLY F 32 6.73 45.28 -3.94
N ASP F 33 7.54 45.78 -3.00
CA ASP F 33 8.66 44.99 -2.51
C ASP F 33 8.18 43.74 -1.79
N GLN F 34 8.80 42.60 -2.12
CA GLN F 34 8.46 41.30 -1.53
C GLN F 34 9.71 40.57 -0.99
N THR F 35 10.80 41.32 -0.75
CA THR F 35 12.06 40.72 -0.30
C THR F 35 11.89 39.90 0.96
N TYR F 36 12.50 38.71 0.96
CA TYR F 36 12.43 37.84 2.12
C TYR F 36 13.65 36.95 2.15
N MET F 37 13.83 36.24 3.25
CA MET F 37 14.89 35.25 3.34
C MET F 37 14.39 34.01 4.05
N ARG F 38 15.10 32.90 3.83
CA ARG F 38 14.82 31.66 4.54
C ARG F 38 16.12 31.19 5.14
N VAL F 39 16.04 30.59 6.32
CA VAL F 39 17.23 30.03 6.96
C VAL F 39 16.78 28.75 7.65
N GLY F 40 17.63 27.74 7.58
CA GLY F 40 17.30 26.47 8.18
C GLY F 40 18.52 25.67 8.56
N VAL F 41 18.26 24.60 9.31
CA VAL F 41 19.32 23.68 9.70
C VAL F 41 18.82 22.27 9.48
N LYS F 42 19.68 21.39 8.95
CA LYS F 42 19.35 19.99 8.77
C LYS F 42 20.44 19.24 9.51
N GLY F 43 20.06 18.44 10.50
CA GLY F 43 21.04 17.69 11.27
C GLY F 43 20.79 16.20 11.15
N GLU F 44 21.87 15.41 11.30
CA GLU F 44 21.74 13.97 11.23
C GLU F 44 22.78 13.35 12.10
N THR F 45 22.40 12.38 12.95
CA THR F 45 23.32 11.68 13.85
C THR F 45 23.27 10.19 13.64
N GLN F 46 24.43 9.54 13.50
CA GLN F 46 24.48 8.09 13.34
C GLN F 46 24.38 7.48 14.74
N ILE F 47 23.26 6.82 15.03
CA ILE F 47 23.06 6.20 16.34
C ILE F 47 23.81 4.85 16.37
N ASN F 48 23.56 4.04 15.37
CA ASN F 48 24.27 2.77 15.20
C ASN F 48 24.37 2.51 13.68
N ASP F 49 25.01 1.40 13.25
CA ASP F 49 25.16 1.15 11.82
C ASP F 49 23.81 0.92 11.09
N GLN F 50 22.68 0.79 11.84
CA GLN F 50 21.34 0.60 11.27
C GLN F 50 20.29 1.65 11.67
N LEU F 51 20.71 2.68 12.38
CA LEU F 51 19.76 3.69 12.85
C LEU F 51 20.37 5.08 12.85
N THR F 52 19.68 6.03 12.24
CA THR F 52 20.14 7.42 12.19
C THR F 52 19.03 8.32 12.74
N GLY F 53 19.40 9.32 13.52
CA GLY F 53 18.41 10.30 13.99
C GLY F 53 18.59 11.57 13.19
N TYR F 54 17.53 12.38 13.05
CA TYR F 54 17.63 13.59 12.27
C TYR F 54 16.67 14.63 12.75
N GLY F 55 16.94 15.86 12.37
CA GLY F 55 16.08 16.98 12.70
C GLY F 55 16.21 18.03 11.62
N GLN F 56 15.14 18.80 11.40
CA GLN F 56 15.22 19.87 10.43
C GLN F 56 14.33 21.01 10.87
N TRP F 57 14.82 22.23 10.71
CA TRP F 57 14.05 23.44 11.03
C TRP F 57 14.22 24.39 9.86
N GLU F 58 13.14 25.02 9.42
CA GLU F 58 13.18 25.97 8.31
C GLU F 58 12.37 27.19 8.72
N TYR F 59 12.99 28.35 8.66
CA TYR F 59 12.37 29.60 9.12
C TYR F 59 12.24 30.57 7.96
N ASN F 60 11.10 31.30 7.89
CA ASN F 60 10.87 32.30 6.85
C ASN F 60 10.93 33.65 7.55
N VAL F 61 11.74 34.57 7.00
CA VAL F 61 11.88 35.89 7.58
C VAL F 61 11.60 36.92 6.51
N GLN F 62 10.48 37.64 6.62
CA GLN F 62 10.17 38.69 5.65
C GLN F 62 11.12 39.85 5.88
N ALA F 63 11.49 40.53 4.81
CA ALA F 63 12.35 41.72 4.91
C ALA F 63 11.81 42.86 4.05
N ASN F 64 10.49 42.82 3.74
CA ASN F 64 9.83 43.82 2.93
C ASN F 64 9.05 44.85 3.72
N ASN F 65 9.05 44.74 5.05
CA ASN F 65 8.37 45.73 5.89
C ASN F 65 9.37 46.36 6.87
N THR F 66 8.89 47.30 7.67
CA THR F 66 9.74 48.07 8.56
C THR F 66 10.18 47.28 9.79
N GLU F 67 11.10 47.89 10.59
CA GLU F 67 11.56 47.26 11.80
C GLU F 67 10.49 47.28 12.90
N SER F 68 9.45 48.13 12.76
CA SER F 68 8.37 48.15 13.74
C SER F 68 7.14 47.32 13.30
N SER F 69 7.22 46.64 12.16
CA SER F 69 6.09 45.83 11.69
C SER F 69 5.98 44.53 12.49
N SER F 70 4.76 43.96 12.55
CA SER F 70 4.50 42.76 13.32
C SER F 70 4.41 41.52 12.45
N ASP F 71 4.65 40.35 13.07
CA ASP F 71 4.41 39.05 12.46
C ASP F 71 5.20 38.87 11.17
N GLN F 72 6.49 39.21 11.19
CA GLN F 72 7.30 39.15 9.98
C GLN F 72 8.11 37.86 9.83
N ALA F 73 8.10 36.98 10.81
CA ALA F 73 8.87 35.73 10.70
C ALA F 73 8.04 34.58 11.23
N TRP F 74 8.25 33.39 10.67
CA TRP F 74 7.51 32.21 11.08
C TRP F 74 8.22 30.92 10.72
N THR F 75 7.90 29.84 11.42
CA THR F 75 8.50 28.55 11.13
C THR F 75 7.70 27.82 10.06
N ARG F 76 8.40 27.42 9.00
CA ARG F 76 7.83 26.61 7.94
C ARG F 76 7.89 25.13 8.32
N LEU F 77 9.06 24.66 8.81
CA LEU F 77 9.25 23.26 9.16
C LEU F 77 9.95 23.13 10.50
N ALA F 78 9.64 22.07 11.25
CA ALA F 78 10.38 21.76 12.47
C ALA F 78 10.00 20.35 12.85
N PHE F 79 10.89 19.40 12.59
CA PHE F 79 10.55 18.01 12.90
C PHE F 79 11.79 17.23 13.30
N ALA F 80 11.56 16.14 14.04
CA ALA F 80 12.63 15.24 14.44
C ALA F 80 12.22 13.85 13.97
N GLY F 81 13.21 13.03 13.63
CA GLY F 81 12.88 11.70 13.14
C GLY F 81 13.95 10.66 13.34
N LEU F 82 13.59 9.43 12.98
CA LEU F 82 14.51 8.31 13.01
C LEU F 82 14.42 7.61 11.66
N LYS F 83 15.57 7.19 11.12
CA LYS F 83 15.60 6.45 9.88
C LYS F 83 16.23 5.10 10.19
N PHE F 84 15.48 4.05 9.88
CA PHE F 84 15.80 2.66 10.17
C PHE F 84 16.37 2.07 8.89
N GLY F 85 17.68 1.89 8.86
CA GLY F 85 18.35 1.38 7.68
C GLY F 85 18.37 2.44 6.59
N ASP F 86 18.38 2.02 5.32
CA ASP F 86 18.40 2.96 4.21
C ASP F 86 17.02 3.26 3.64
N ALA F 87 16.02 2.43 3.96
CA ALA F 87 14.72 2.53 3.33
C ALA F 87 13.55 3.04 4.15
N GLY F 88 13.61 3.08 5.49
CA GLY F 88 12.44 3.52 6.26
C GLY F 88 12.69 4.68 7.20
N SER F 89 11.62 5.46 7.53
CA SER F 89 11.81 6.58 8.45
C SER F 89 10.48 6.98 9.12
N PHE F 90 10.59 7.64 10.28
CA PHE F 90 9.43 8.17 10.98
C PHE F 90 9.84 9.55 11.50
N ASP F 91 9.03 10.56 11.27
CA ASP F 91 9.29 11.88 11.86
C ASP F 91 8.01 12.53 12.35
N TYR F 92 8.13 13.45 13.29
CA TYR F 92 6.97 14.15 13.83
C TYR F 92 7.31 15.63 14.04
N GLY F 93 6.35 16.48 13.75
CA GLY F 93 6.49 17.91 14.01
C GLY F 93 5.71 18.69 12.99
N ARG F 94 6.22 19.86 12.62
CA ARG F 94 5.63 20.66 11.56
C ARG F 94 6.34 20.24 10.27
N ASN F 95 5.60 19.62 9.36
CA ASN F 95 6.22 19.11 8.13
C ASN F 95 5.19 19.12 7.00
N TYR F 96 5.63 18.79 5.78
CA TYR F 96 4.70 18.74 4.66
C TYR F 96 3.71 17.60 4.78
N GLY F 97 2.47 17.88 4.44
CA GLY F 97 1.45 16.84 4.27
C GLY F 97 1.84 16.00 3.06
N VAL F 98 1.53 14.67 3.11
CA VAL F 98 1.96 13.77 2.03
C VAL F 98 1.34 14.06 0.68
N VAL F 99 0.26 14.88 0.62
CA VAL F 99 -0.28 15.26 -0.70
C VAL F 99 0.81 15.98 -1.54
N TYR F 100 1.67 16.77 -0.87
CA TYR F 100 2.74 17.50 -1.52
C TYR F 100 3.83 16.56 -2.10
N ASP F 101 3.85 15.27 -1.68
CA ASP F 101 4.78 14.31 -2.30
C ASP F 101 4.54 14.23 -3.82
N VAL F 102 3.28 14.48 -4.25
CA VAL F 102 2.95 14.47 -5.67
C VAL F 102 2.72 15.90 -6.22
N THR F 103 1.96 16.76 -5.49
CA THR F 103 1.72 18.12 -6.03
C THR F 103 3.00 18.95 -6.12
N SER F 104 4.06 18.58 -5.37
CA SER F 104 5.33 19.31 -5.50
C SER F 104 5.91 19.24 -6.92
N TRP F 105 5.52 18.23 -7.71
CA TRP F 105 6.07 18.07 -9.05
C TRP F 105 5.78 19.24 -9.97
N THR F 106 4.69 19.98 -9.72
CA THR F 106 4.40 21.18 -10.52
C THR F 106 4.79 22.45 -9.76
N ASP F 107 5.37 22.34 -8.54
CA ASP F 107 5.76 23.51 -7.77
C ASP F 107 7.17 23.88 -8.13
N VAL F 108 7.37 24.26 -9.40
CA VAL F 108 8.69 24.53 -9.94
C VAL F 108 8.71 25.85 -10.74
N LEU F 109 7.68 26.70 -10.60
CA LEU F 109 7.67 27.95 -11.39
C LEU F 109 8.80 28.88 -10.89
N PRO F 110 9.19 29.87 -11.70
CA PRO F 110 10.27 30.76 -11.26
C PRO F 110 9.95 31.46 -9.94
N GLU F 111 8.67 31.88 -9.76
CA GLU F 111 8.24 32.56 -8.54
C GLU F 111 6.86 32.08 -8.07
N PHE F 112 5.89 32.03 -8.98
CA PHE F 112 4.50 31.75 -8.59
C PHE F 112 4.24 30.25 -8.39
N GLY F 113 2.96 29.85 -8.32
CA GLY F 113 2.63 28.43 -8.13
C GLY F 113 2.76 27.97 -6.68
N GLY F 114 2.70 26.68 -6.46
CA GLY F 114 2.86 26.11 -5.14
C GLY F 114 1.75 26.40 -4.15
N ASP F 115 2.12 26.52 -2.85
CA ASP F 115 1.12 26.73 -1.81
C ASP F 115 0.58 28.15 -1.70
N THR F 116 0.72 28.93 -2.77
CA THR F 116 0.08 30.24 -2.85
C THR F 116 -1.07 30.16 -3.90
N ASP F 117 -1.30 28.99 -4.55
CA ASP F 117 -2.29 28.89 -5.60
C ASP F 117 -3.37 27.82 -5.36
N THR F 118 -3.30 26.58 -5.95
CA THR F 118 -4.44 25.64 -5.85
C THR F 118 -4.63 25.09 -4.43
N TYR F 119 -3.61 25.20 -3.57
CA TYR F 119 -3.70 24.79 -2.17
C TYR F 119 -2.85 25.79 -1.37
N GLY F 120 -2.92 25.71 -0.04
CA GLY F 120 -2.11 26.57 0.81
C GLY F 120 -1.45 25.83 1.94
N SER F 121 -0.82 26.56 2.86
CA SER F 121 -0.23 25.99 4.07
C SER F 121 -1.28 25.99 5.21
N ASP F 122 -1.09 25.05 6.14
CA ASP F 122 -2.04 24.74 7.22
C ASP F 122 -3.44 24.50 6.63
N ASN F 123 -3.44 23.80 5.47
CA ASN F 123 -4.67 23.53 4.71
C ASN F 123 -4.80 22.02 4.66
N PHE F 124 -5.20 21.43 5.81
CA PHE F 124 -5.25 19.98 5.97
C PHE F 124 -3.85 19.38 5.65
N LEU F 125 -3.77 18.30 4.85
CA LEU F 125 -2.46 17.71 4.56
C LEU F 125 -1.95 18.10 3.17
N GLN F 126 -2.35 19.29 2.67
CA GLN F 126 -1.94 19.69 1.31
C GLN F 126 -0.59 20.37 1.22
N SER F 127 -0.17 21.01 2.32
CA SER F 127 1.15 21.64 2.33
C SER F 127 1.71 21.52 3.76
N ARG F 128 2.50 22.49 4.25
CA ARG F 128 3.05 22.43 5.60
C ARG F 128 1.92 22.39 6.61
N ALA F 129 2.12 21.60 7.68
CA ALA F 129 1.05 21.32 8.62
C ALA F 129 1.61 21.07 10.00
N ASN F 130 0.85 21.44 11.04
CA ASN F 130 1.29 21.18 12.41
C ASN F 130 0.91 19.76 12.83
N GLY F 131 1.79 19.14 13.60
CA GLY F 131 1.48 17.89 14.28
C GLY F 131 1.32 16.68 13.40
N VAL F 132 2.13 16.59 12.33
CA VAL F 132 2.07 15.43 11.46
C VAL F 132 3.10 14.38 11.86
N ALA F 133 2.65 13.12 11.95
CA ALA F 133 3.50 11.96 12.24
C ALA F 133 3.58 11.27 10.90
N THR F 134 4.77 11.12 10.33
CA THR F 134 4.92 10.61 8.98
C THR F 134 5.84 9.43 8.92
N TYR F 135 5.34 8.32 8.42
CA TYR F 135 6.11 7.10 8.20
C TYR F 135 6.35 7.02 6.69
N ARG F 136 7.60 6.74 6.31
CA ARG F 136 7.93 6.60 4.89
C ARG F 136 8.79 5.38 4.63
N ASN F 137 8.69 4.84 3.42
CA ASN F 137 9.64 3.82 2.98
C ASN F 137 9.93 4.01 1.50
N SER F 138 11.14 3.65 1.05
CA SER F 138 11.51 3.86 -0.32
C SER F 138 11.56 2.58 -1.17
N ASP F 139 11.14 1.45 -0.60
CA ASP F 139 11.16 0.18 -1.34
C ASP F 139 9.91 -0.65 -1.05
N PHE F 140 8.79 0.00 -0.74
CA PHE F 140 7.54 -0.69 -0.41
C PHE F 140 7.72 -1.90 0.52
N PHE F 141 8.27 -1.65 1.73
CA PHE F 141 8.45 -2.68 2.75
C PHE F 141 9.43 -3.78 2.38
N GLY F 142 10.40 -3.45 1.55
CA GLY F 142 11.42 -4.39 1.07
C GLY F 142 10.96 -5.24 -0.09
N LEU F 143 9.83 -4.89 -0.71
CA LEU F 143 9.25 -5.68 -1.79
C LEU F 143 9.47 -5.13 -3.18
N VAL F 144 9.57 -3.80 -3.33
CA VAL F 144 9.73 -3.20 -4.67
C VAL F 144 10.68 -2.02 -4.60
N ASP F 145 11.89 -2.14 -5.16
CA ASP F 145 12.85 -1.03 -5.13
C ASP F 145 12.31 0.18 -5.89
N GLY F 146 12.40 1.35 -5.29
CA GLY F 146 11.99 2.59 -5.94
C GLY F 146 10.51 2.93 -5.82
N LEU F 147 9.75 2.05 -5.14
CA LEU F 147 8.33 2.31 -4.93
C LEU F 147 8.22 2.98 -3.57
N ASN F 148 8.03 4.30 -3.58
CA ASN F 148 8.01 5.08 -2.35
C ASN F 148 6.61 5.14 -1.77
N PHE F 149 6.46 4.82 -0.49
CA PHE F 149 5.17 4.84 0.17
C PHE F 149 5.23 5.73 1.41
N ALA F 150 4.16 6.44 1.72
CA ALA F 150 4.09 7.19 2.98
C ALA F 150 2.72 7.04 3.60
N LEU F 151 2.69 7.03 4.93
CA LEU F 151 1.45 6.99 5.73
C LEU F 151 1.63 8.08 6.78
N GLN F 152 0.65 8.98 6.88
CA GLN F 152 0.81 10.13 7.76
C GLN F 152 -0.45 10.35 8.58
N TYR F 153 -0.29 10.71 9.84
CA TYR F 153 -1.42 10.98 10.71
C TYR F 153 -1.27 12.39 11.26
N GLN F 154 -2.40 13.09 11.44
CA GLN F 154 -2.36 14.43 11.99
C GLN F 154 -3.43 14.54 13.07
N GLY F 155 -3.05 14.94 14.28
CA GLY F 155 -4.04 15.15 15.33
C GLY F 155 -4.78 16.45 15.10
N LYS F 156 -5.94 16.58 15.72
CA LYS F 156 -6.74 17.80 15.66
C LYS F 156 -5.91 19.05 16.05
N ASN F 157 -6.08 20.14 15.29
CA ASN F 157 -5.53 21.47 15.58
C ASN F 157 -6.82 22.30 15.53
N GLY F 158 -7.35 22.60 16.71
CA GLY F 158 -8.69 23.14 16.83
C GLY F 158 -8.83 24.63 16.95
N SER F 159 -9.94 25.05 17.56
CA SER F 159 -10.26 26.44 17.76
C SER F 159 -9.41 27.06 18.86
N VAL F 160 -9.43 28.41 18.95
CA VAL F 160 -8.68 29.12 19.97
C VAL F 160 -9.26 28.85 21.37
N SER F 161 -10.59 28.82 21.47
CA SER F 161 -11.26 28.57 22.74
C SER F 161 -12.53 27.73 22.55
N GLY F 162 -13.20 27.34 23.64
CA GLY F 162 -14.42 26.57 23.54
C GLY F 162 -14.20 25.08 23.45
N GLU F 163 -15.27 24.32 23.19
CA GLU F 163 -15.27 22.86 23.13
C GLU F 163 -14.36 22.27 22.07
N GLY F 164 -14.15 23.00 20.97
CA GLY F 164 -13.30 22.50 19.89
C GLY F 164 -11.84 22.89 20.03
N ALA F 165 -11.45 23.46 21.17
CA ALA F 165 -10.08 23.95 21.32
C ALA F 165 -9.01 22.91 21.49
N THR F 166 -7.79 23.27 21.05
CA THR F 166 -6.56 22.59 21.38
C THR F 166 -5.60 23.71 21.88
N ASN F 167 -4.43 23.32 22.44
CA ASN F 167 -3.51 24.32 22.96
C ASN F 167 -3.09 25.37 21.92
N ASN F 168 -2.97 24.90 20.67
CA ASN F 168 -2.42 25.62 19.53
C ASN F 168 -3.53 26.00 18.56
N GLY F 169 -4.59 26.58 19.10
CA GLY F 169 -5.77 26.92 18.32
C GLY F 169 -5.53 27.98 17.25
N ARG F 170 -6.39 27.96 16.25
CA ARG F 170 -6.30 28.90 15.13
C ARG F 170 -7.70 29.09 14.52
N GLY F 171 -7.83 29.97 13.53
CA GLY F 171 -9.12 30.22 12.89
C GLY F 171 -9.53 29.09 11.97
N TRP F 172 -10.83 29.02 11.64
CA TRP F 172 -11.42 27.94 10.82
C TRP F 172 -10.65 27.62 9.54
N SER F 173 -10.07 28.65 8.88
CA SER F 173 -9.37 28.39 7.60
C SER F 173 -8.12 27.51 7.73
N LYS F 174 -7.58 27.41 8.97
CA LYS F 174 -6.37 26.64 9.23
C LYS F 174 -6.58 25.55 10.28
N GLN F 175 -7.84 25.24 10.63
CA GLN F 175 -8.14 24.16 11.59
C GLN F 175 -8.17 22.81 10.88
N ASN F 176 -8.10 21.75 11.66
CA ASN F 176 -8.30 20.40 11.14
C ASN F 176 -8.70 19.51 12.32
N GLY F 177 -9.50 18.51 12.03
CA GLY F 177 -9.74 17.44 12.99
C GLY F 177 -8.67 16.39 12.79
N ASP F 178 -8.83 15.23 13.44
CA ASP F 178 -7.91 14.09 13.24
C ASP F 178 -7.96 13.68 11.78
N GLY F 179 -6.81 13.36 11.21
CA GLY F 179 -6.79 12.98 9.81
C GLY F 179 -5.59 12.14 9.46
N PHE F 180 -5.60 11.65 8.23
CA PHE F 180 -4.50 10.84 7.76
C PHE F 180 -4.32 11.01 6.26
N GLY F 181 -3.17 10.60 5.76
CA GLY F 181 -2.90 10.65 4.34
C GLY F 181 -1.95 9.56 3.92
N THR F 182 -1.94 9.25 2.64
CA THR F 182 -1.03 8.26 2.09
C THR F 182 -0.57 8.70 0.71
N SER F 183 0.64 8.34 0.34
CA SER F 183 1.13 8.66 -0.99
C SER F 183 1.90 7.47 -1.55
N LEU F 184 2.03 7.43 -2.88
CA LEU F 184 2.75 6.34 -3.53
C LEU F 184 3.33 6.92 -4.79
N THR F 185 4.66 6.78 -4.99
CA THR F 185 5.29 7.30 -6.20
C THR F 185 6.27 6.28 -6.73
N TYR F 186 6.46 6.28 -8.04
CA TYR F 186 7.37 5.32 -8.66
C TYR F 186 7.85 5.82 -10.00
N ASP F 187 9.09 5.47 -10.39
CA ASP F 187 9.60 5.81 -11.71
C ASP F 187 9.18 4.71 -12.67
N ILE F 188 8.14 4.96 -13.52
CA ILE F 188 7.59 4.01 -14.48
C ILE F 188 8.46 3.80 -15.75
N TRP F 189 9.47 4.64 -15.96
CA TRP F 189 10.43 4.58 -17.06
C TRP F 189 11.60 5.49 -16.70
N ASP F 190 12.76 5.39 -17.40
CA ASP F 190 13.90 6.28 -17.12
C ASP F 190 13.45 7.78 -17.28
N GLY F 191 13.55 8.53 -16.19
CA GLY F 191 13.18 9.95 -16.19
C GLY F 191 11.69 10.21 -16.05
N ILE F 192 10.84 9.16 -16.01
CA ILE F 192 9.39 9.35 -15.89
C ILE F 192 8.86 8.79 -14.59
N SER F 193 8.13 9.61 -13.81
CA SER F 193 7.58 9.16 -12.54
C SER F 193 6.07 9.34 -12.54
N ALA F 194 5.36 8.48 -11.80
CA ALA F 194 3.91 8.58 -11.60
C ALA F 194 3.63 8.60 -10.10
N GLY F 195 2.60 9.30 -9.69
CA GLY F 195 2.30 9.39 -8.27
C GLY F 195 0.84 9.54 -7.94
N PHE F 196 0.47 9.05 -6.76
CA PHE F 196 -0.87 9.18 -6.22
C PHE F 196 -0.79 9.63 -4.79
N ALA F 197 -1.77 10.43 -4.35
CA ALA F 197 -1.87 10.78 -2.95
C ALA F 197 -3.31 10.91 -2.53
N TYR F 198 -3.58 10.54 -1.30
CA TYR F 198 -4.94 10.64 -0.76
C TYR F 198 -4.87 11.21 0.64
N SER F 199 -5.84 12.06 1.01
CA SER F 199 -5.91 12.51 2.39
C SER F 199 -7.34 12.59 2.85
N HIS F 200 -7.54 12.38 4.15
CA HIS F 200 -8.88 12.39 4.72
C HIS F 200 -8.77 12.95 6.13
N SER F 201 -9.44 14.06 6.40
CA SER F 201 -9.41 14.64 7.74
C SER F 201 -10.82 14.95 8.19
N LYS F 202 -11.07 14.84 9.48
CA LYS F 202 -12.33 15.33 10.02
C LYS F 202 -12.31 16.87 9.94
N ARG F 203 -13.46 17.46 9.61
CA ARG F 203 -13.60 18.90 9.64
C ARG F 203 -14.08 19.31 11.03
N THR F 204 -13.91 20.59 11.40
CA THR F 204 -14.28 21.04 12.74
C THR F 204 -15.65 21.70 12.74
N ASP F 205 -16.25 21.85 13.92
CA ASP F 205 -17.55 22.50 14.02
C ASP F 205 -17.49 23.95 13.52
N GLU F 206 -16.40 24.69 13.79
CA GLU F 206 -16.25 26.05 13.28
C GLU F 206 -16.20 26.06 11.74
N GLN F 207 -15.56 25.06 11.11
CA GLN F 207 -15.52 25.02 9.64
C GLN F 207 -16.94 24.81 9.07
N ASN F 208 -17.80 24.11 9.80
CA ASN F 208 -19.17 23.86 9.35
C ASN F 208 -20.20 24.85 9.86
N SER F 209 -19.77 25.97 10.45
CA SER F 209 -20.74 26.94 10.96
C SER F 209 -20.34 28.38 10.70
N VAL F 210 -19.04 28.73 10.78
CA VAL F 210 -18.60 30.11 10.63
C VAL F 210 -18.58 30.61 9.17
N PRO F 211 -17.83 29.99 8.25
CA PRO F 211 -17.77 30.52 6.88
C PRO F 211 -19.04 30.30 6.07
N ALA F 212 -19.23 31.15 5.07
CA ALA F 212 -20.42 31.07 4.23
C ALA F 212 -20.44 29.81 3.39
N LEU F 213 -19.26 29.37 2.91
CA LEU F 213 -19.22 28.26 1.99
C LEU F 213 -18.60 27.00 2.50
N GLY F 214 -19.14 25.86 2.05
CA GLY F 214 -18.60 24.54 2.31
C GLY F 214 -19.16 23.90 3.55
N ARG F 215 -19.80 22.73 3.41
CA ARG F 215 -20.32 22.00 4.55
C ARG F 215 -20.04 20.52 4.36
N GLY F 216 -19.56 19.86 5.40
CA GLY F 216 -19.29 18.42 5.31
C GLY F 216 -18.50 17.93 6.50
N ASP F 217 -18.69 16.66 6.87
CA ASP F 217 -18.00 16.10 8.02
C ASP F 217 -16.51 15.94 7.80
N ASN F 218 -16.11 15.69 6.54
CA ASN F 218 -14.70 15.39 6.24
C ASN F 218 -14.18 16.14 5.04
N ALA F 219 -12.87 16.39 5.07
CA ALA F 219 -12.14 17.01 4.00
C ALA F 219 -11.31 15.91 3.36
N GLU F 220 -11.40 15.78 2.04
CA GLU F 220 -10.63 14.77 1.34
C GLU F 220 -9.94 15.32 0.13
N THR F 221 -8.79 14.75 -0.22
CA THR F 221 -8.11 15.11 -1.46
C THR F 221 -7.68 13.83 -2.16
N TYR F 222 -7.72 13.86 -3.50
CA TYR F 222 -7.33 12.72 -4.33
C TYR F 222 -6.41 13.31 -5.39
N THR F 223 -5.15 12.87 -5.48
CA THR F 223 -4.22 13.45 -6.45
C THR F 223 -3.56 12.40 -7.32
N GLY F 224 -3.40 12.73 -8.61
CA GLY F 224 -2.60 11.94 -9.52
C GLY F 224 -1.59 12.87 -10.16
N GLY F 225 -0.34 12.42 -10.33
CA GLY F 225 0.70 13.25 -10.93
C GLY F 225 1.61 12.46 -11.85
N LEU F 226 2.25 13.18 -12.76
CA LEU F 226 3.17 12.60 -13.74
CA LEU F 226 3.17 12.62 -13.76
C LEU F 226 4.32 13.58 -13.92
N LYS F 227 5.55 13.08 -14.06
CA LYS F 227 6.69 13.95 -14.25
C LYS F 227 7.69 13.32 -15.23
N TYR F 228 8.23 14.12 -16.15
CA TYR F 228 9.29 13.73 -17.08
C TYR F 228 10.46 14.66 -16.75
N ASP F 229 11.63 14.11 -16.43
CA ASP F 229 12.78 14.93 -16.06
C ASP F 229 14.00 14.27 -16.64
N ALA F 230 14.32 14.62 -17.89
CA ALA F 230 15.45 14.04 -18.61
C ALA F 230 15.78 14.88 -19.86
N ASN F 231 17.00 14.71 -20.43
CA ASN F 231 17.36 15.39 -21.67
C ASN F 231 17.16 16.91 -21.63
N ASN F 232 17.45 17.53 -20.50
CA ASN F 232 17.32 18.98 -20.27
C ASN F 232 15.86 19.47 -20.26
N ILE F 233 14.89 18.56 -20.29
CA ILE F 233 13.48 18.94 -20.30
C ILE F 233 12.81 18.54 -19.00
N TYR F 234 11.89 19.38 -18.52
CA TYR F 234 11.12 19.05 -17.35
C TYR F 234 9.66 19.25 -17.71
N LEU F 235 8.84 18.20 -17.63
CA LEU F 235 7.41 18.30 -17.87
C LEU F 235 6.72 17.70 -16.66
N ALA F 236 5.64 18.33 -16.18
CA ALA F 236 4.93 17.73 -15.05
C ALA F 236 3.52 18.18 -15.06
N SER F 237 2.67 17.33 -14.49
CA SER F 237 1.26 17.66 -14.35
CA SER F 237 1.26 17.68 -14.34
C SER F 237 0.71 17.05 -13.08
N GLN F 238 -0.27 17.71 -12.47
CA GLN F 238 -0.91 17.15 -11.29
C GLN F 238 -2.39 17.47 -11.39
N TYR F 239 -3.23 16.47 -11.10
CA TYR F 239 -4.67 16.68 -11.07
C TYR F 239 -5.14 16.26 -9.71
N THR F 240 -5.81 17.19 -8.97
CA THR F 240 -6.30 16.90 -7.64
C THR F 240 -7.79 17.22 -7.57
N GLN F 241 -8.59 16.29 -7.05
CA GLN F 241 -9.99 16.56 -6.80
C GLN F 241 -10.15 16.62 -5.28
N THR F 242 -10.79 17.68 -4.79
CA THR F 242 -10.92 17.87 -3.36
C THR F 242 -12.37 17.97 -2.95
N TYR F 243 -12.64 17.64 -1.69
CA TYR F 243 -13.98 17.74 -1.13
C TYR F 243 -13.85 18.46 0.20
N ASN F 244 -14.51 19.63 0.34
CA ASN F 244 -14.51 20.41 1.57
C ASN F 244 -13.08 20.76 2.04
N ALA F 245 -12.14 20.88 1.10
CA ALA F 245 -10.72 21.09 1.47
C ALA F 245 -10.02 22.23 0.76
N THR F 246 -10.56 22.72 -0.35
CA THR F 246 -9.93 23.83 -1.09
C THR F 246 -10.59 25.12 -0.64
N ARG F 247 -9.78 26.09 -0.23
CA ARG F 247 -10.34 27.37 0.22
C ARG F 247 -10.95 28.13 -0.96
N ALA F 248 -12.16 28.69 -0.75
CA ALA F 248 -12.84 29.47 -1.78
C ALA F 248 -12.57 30.92 -1.41
N GLY F 249 -11.32 31.34 -1.59
CA GLY F 249 -10.89 32.67 -1.16
C GLY F 249 -11.04 32.80 0.35
N SER F 250 -11.68 33.88 0.81
CA SER F 250 -11.96 34.13 2.23
C SER F 250 -13.37 33.64 2.64
N LEU F 251 -14.17 33.08 1.69
CA LEU F 251 -15.56 32.71 1.95
C LEU F 251 -15.79 31.36 2.59
N GLY F 252 -14.76 30.53 2.68
CA GLY F 252 -14.93 29.20 3.25
C GLY F 252 -14.19 28.20 2.41
N PHE F 253 -14.84 27.06 2.18
CA PHE F 253 -14.26 25.99 1.38
C PHE F 253 -15.19 25.59 0.26
N ALA F 254 -14.63 25.13 -0.86
CA ALA F 254 -15.45 24.63 -1.96
C ALA F 254 -15.93 23.24 -1.61
N ASN F 255 -17.26 22.95 -1.75
CA ASN F 255 -17.75 21.59 -1.51
C ASN F 255 -16.99 20.56 -2.34
N LYS F 256 -16.65 20.95 -3.58
CA LYS F 256 -15.80 20.15 -4.43
C LYS F 256 -14.92 21.12 -5.23
N ALA F 257 -13.68 20.73 -5.51
CA ALA F 257 -12.85 21.49 -6.40
C ALA F 257 -12.03 20.56 -7.27
N GLN F 258 -11.73 21.03 -8.50
CA GLN F 258 -10.88 20.26 -9.40
C GLN F 258 -9.70 21.14 -9.74
N ASN F 259 -8.50 20.74 -9.30
CA ASN F 259 -7.27 21.53 -9.47
C ASN F 259 -6.38 20.88 -10.47
N PHE F 260 -5.86 21.65 -11.39
CA PHE F 260 -5.01 21.10 -12.44
C PHE F 260 -3.84 22.03 -12.65
N GLU F 261 -2.62 21.48 -12.69
CA GLU F 261 -1.43 22.27 -12.96
C GLU F 261 -0.59 21.50 -13.96
N VAL F 262 0.00 22.21 -14.92
CA VAL F 262 0.86 21.58 -15.92
C VAL F 262 1.99 22.56 -16.21
N VAL F 263 3.22 22.05 -16.32
CA VAL F 263 4.38 22.92 -16.54
C VAL F 263 5.36 22.26 -17.49
N ALA F 264 6.02 23.08 -18.31
CA ALA F 264 7.06 22.63 -19.22
C ALA F 264 8.22 23.58 -19.08
N GLN F 265 9.44 23.04 -18.93
CA GLN F 265 10.64 23.85 -18.80
C GLN F 265 11.77 23.21 -19.61
N TYR F 266 12.75 24.04 -19.95
CA TYR F 266 13.92 23.57 -20.65
C TYR F 266 15.14 24.19 -19.99
N GLN F 267 16.18 23.39 -19.77
CA GLN F 267 17.38 23.89 -19.12
C GLN F 267 18.51 24.04 -20.14
N PHE F 268 18.85 25.28 -20.52
CA PHE F 268 19.99 25.51 -21.38
C PHE F 268 21.28 25.30 -20.56
N ASP F 269 22.33 24.76 -21.19
CA ASP F 269 23.59 24.51 -20.50
C ASP F 269 24.20 25.80 -19.93
N PHE F 270 23.97 26.93 -20.61
CA PHE F 270 24.58 28.19 -20.16
C PHE F 270 23.86 28.79 -18.93
N GLY F 271 22.74 28.20 -18.49
CA GLY F 271 22.10 28.61 -17.26
C GLY F 271 20.66 29.05 -17.34
N LEU F 272 20.19 29.41 -18.54
CA LEU F 272 18.81 29.91 -18.67
C LEU F 272 17.79 28.77 -18.66
N ARG F 273 16.69 28.93 -17.88
CA ARG F 273 15.68 27.90 -17.76
C ARG F 273 14.29 28.52 -17.96
N PRO F 274 13.85 28.64 -19.22
CA PRO F 274 12.50 29.18 -19.46
C PRO F 274 11.45 28.18 -18.93
N SER F 275 10.27 28.70 -18.62
CA SER F 275 9.20 27.89 -18.07
C SER F 275 7.86 28.42 -18.54
N VAL F 276 6.95 27.51 -18.89
CA VAL F 276 5.58 27.86 -19.26
CA VAL F 276 5.59 27.85 -19.28
C VAL F 276 4.67 26.93 -18.48
N ALA F 277 3.58 27.49 -17.91
CA ALA F 277 2.70 26.66 -17.10
C ALA F 277 1.26 27.13 -17.19
N TYR F 278 0.34 26.24 -16.82
CA TYR F 278 -1.07 26.61 -16.74
C TYR F 278 -1.60 26.03 -15.44
N LEU F 279 -2.32 26.86 -14.67
CA LEU F 279 -2.87 26.39 -13.39
C LEU F 279 -4.33 26.82 -13.30
N GLN F 280 -5.18 25.93 -12.81
CA GLN F 280 -6.59 26.28 -12.59
C GLN F 280 -7.11 25.54 -11.40
N SER F 281 -8.04 26.16 -10.69
CA SER F 281 -8.75 25.53 -9.58
C SER F 281 -10.19 25.86 -9.83
N LYS F 282 -10.97 24.80 -10.12
CA LYS F 282 -12.36 24.93 -10.50
C LYS F 282 -13.24 24.60 -9.30
N GLY F 283 -13.86 25.60 -8.70
CA GLY F 283 -14.74 25.37 -7.55
C GLY F 283 -16.08 24.87 -8.06
N LYS F 284 -16.63 23.84 -7.40
CA LYS F 284 -17.89 23.23 -7.79
C LYS F 284 -18.87 23.20 -6.64
N ASP F 285 -20.17 23.27 -6.98
CA ASP F 285 -21.23 23.07 -6.02
C ASP F 285 -21.17 24.06 -4.87
N LEU F 286 -20.80 25.33 -5.15
CA LEU F 286 -20.71 26.35 -4.12
C LEU F 286 -22.09 26.87 -3.76
N GLU F 287 -22.27 27.23 -2.50
CA GLU F 287 -23.55 27.75 -1.99
C GLU F 287 -23.74 29.23 -2.36
N ARG F 288 -24.82 29.86 -1.85
CA ARG F 288 -25.13 31.28 -1.98
C ARG F 288 -25.28 31.77 -3.41
N GLY F 289 -25.64 30.89 -4.33
CA GLY F 289 -25.85 31.26 -5.72
C GLY F 289 -24.59 31.32 -6.57
N TYR F 290 -23.43 30.94 -5.99
CA TYR F 290 -22.18 30.96 -6.76
C TYR F 290 -22.11 29.79 -7.75
N GLY F 291 -22.67 28.65 -7.41
CA GLY F 291 -22.62 27.48 -8.29
C GLY F 291 -21.18 27.05 -8.57
N ASP F 292 -20.80 26.96 -9.85
CA ASP F 292 -19.43 26.61 -10.21
C ASP F 292 -18.71 27.91 -10.49
N GLN F 293 -17.50 28.07 -9.90
CA GLN F 293 -16.71 29.28 -10.06
C GLN F 293 -15.25 28.94 -10.19
N ASP F 294 -14.53 29.71 -11.00
CA ASP F 294 -13.08 29.58 -11.04
C ASP F 294 -12.52 30.23 -9.78
N ILE F 295 -11.69 29.50 -9.04
CA ILE F 295 -11.03 30.02 -7.85
C ILE F 295 -9.64 30.56 -8.24
N LEU F 296 -9.01 29.91 -9.25
CA LEU F 296 -7.70 30.31 -9.76
C LEU F 296 -7.66 29.94 -11.24
N LYS F 297 -7.06 30.79 -12.08
CA LYS F 297 -6.91 30.43 -13.51
C LYS F 297 -5.89 31.34 -14.12
N TYR F 298 -4.71 30.80 -14.47
CA TYR F 298 -3.70 31.64 -15.08
C TYR F 298 -2.69 30.87 -15.88
N VAL F 299 -2.06 31.58 -16.82
CA VAL F 299 -0.94 31.07 -17.58
C VAL F 299 0.28 31.73 -16.97
N ASP F 300 1.36 30.95 -16.79
CA ASP F 300 2.57 31.51 -16.22
C ASP F 300 3.69 31.37 -17.23
N VAL F 301 4.41 32.47 -17.46
CA VAL F 301 5.54 32.44 -18.39
C VAL F 301 6.69 33.13 -17.68
N GLY F 302 7.83 32.46 -17.61
CA GLY F 302 8.98 33.09 -16.96
C GLY F 302 10.26 32.39 -17.27
N ALA F 303 11.31 32.80 -16.59
CA ALA F 303 12.61 32.16 -16.76
C ALA F 303 13.45 32.41 -15.56
N THR F 304 14.30 31.44 -15.24
CA THR F 304 15.32 31.64 -14.20
C THR F 304 16.67 31.51 -14.88
N TYR F 305 17.64 32.33 -14.50
CA TYR F 305 19.01 32.20 -14.99
C TYR F 305 19.85 31.78 -13.81
N TYR F 306 20.43 30.57 -13.88
CA TYR F 306 21.27 30.09 -12.81
C TYR F 306 22.72 30.43 -13.11
N PHE F 307 23.31 31.33 -12.31
CA PHE F 307 24.73 31.65 -12.46
C PHE F 307 25.55 30.43 -12.04
N ASN F 308 25.14 29.81 -10.93
CA ASN F 308 25.74 28.60 -10.37
C ASN F 308 24.76 28.06 -9.31
N LYS F 309 25.21 27.10 -8.46
CA LYS F 309 24.29 26.55 -7.46
C LYS F 309 23.95 27.52 -6.33
N ASN F 310 24.64 28.66 -6.24
CA ASN F 310 24.44 29.62 -5.14
C ASN F 310 23.84 30.94 -5.59
N MET F 311 23.64 31.17 -6.90
CA MET F 311 23.11 32.47 -7.33
C MET F 311 22.25 32.33 -8.55
N SER F 312 21.08 33.00 -8.52
CA SER F 312 20.21 32.97 -9.67
C SER F 312 19.40 34.27 -9.75
N THR F 313 18.79 34.51 -10.89
CA THR F 313 17.91 35.66 -11.08
C THR F 313 16.72 35.19 -11.91
N TYR F 314 15.56 35.82 -11.73
CA TYR F 314 14.41 35.37 -12.49
C TYR F 314 13.41 36.43 -12.76
N VAL F 315 12.56 36.13 -13.76
CA VAL F 315 11.38 36.94 -14.07
C VAL F 315 10.22 35.96 -14.18
N ASP F 316 9.06 36.34 -13.65
CA ASP F 316 7.89 35.48 -13.75
C ASP F 316 6.69 36.34 -14.07
N TYR F 317 5.92 35.92 -15.07
CA TYR F 317 4.75 36.69 -15.50
C TYR F 317 3.51 35.84 -15.27
N LYS F 318 2.63 36.26 -14.35
CA LYS F 318 1.37 35.59 -14.08
C LYS F 318 0.35 36.34 -14.94
N ILE F 319 -0.19 35.65 -15.96
CA ILE F 319 -1.19 36.22 -16.87
C ILE F 319 -2.51 35.66 -16.34
N ASN F 320 -3.17 36.49 -15.54
CA ASN F 320 -4.36 36.09 -14.82
C ASN F 320 -5.59 36.05 -15.70
N LEU F 321 -6.17 34.87 -15.87
CA LEU F 321 -7.32 34.69 -16.74
C LEU F 321 -8.66 34.81 -16.02
N LEU F 322 -8.65 35.11 -14.72
CA LEU F 322 -9.89 35.26 -13.99
C LEU F 322 -10.56 36.56 -14.37
N ASP F 323 -11.88 36.54 -14.38
CA ASP F 323 -12.71 37.71 -14.62
C ASP F 323 -13.17 38.27 -13.27
N ASP F 324 -13.36 39.59 -13.21
CA ASP F 324 -13.85 40.24 -11.99
C ASP F 324 -15.35 39.92 -11.93
N ASN F 325 -15.80 39.29 -10.86
CA ASN F 325 -17.23 39.01 -10.68
C ASN F 325 -17.58 39.04 -9.17
N SER F 326 -18.85 38.80 -8.78
CA SER F 326 -19.21 38.86 -7.38
C SER F 326 -18.47 37.85 -6.54
N PHE F 327 -18.14 36.67 -7.10
CA PHE F 327 -17.36 35.68 -6.38
C PHE F 327 -15.93 36.14 -6.10
N THR F 328 -15.16 36.55 -7.11
CA THR F 328 -13.78 37.00 -6.87
C THR F 328 -13.74 38.21 -5.95
N ARG F 329 -14.73 39.12 -6.09
CA ARG F 329 -14.78 40.31 -5.21
C ARG F 329 -15.04 39.91 -3.76
N ASN F 330 -16.13 39.15 -3.52
CA ASN F 330 -16.51 38.77 -2.16
C ASN F 330 -15.51 37.84 -1.50
N ALA F 331 -14.82 37.01 -2.30
CA ALA F 331 -13.84 36.09 -1.76
C ALA F 331 -12.42 36.68 -1.64
N GLY F 332 -12.21 37.90 -2.15
CA GLY F 332 -10.90 38.54 -2.09
C GLY F 332 -9.87 37.87 -2.97
N ILE F 333 -10.32 37.33 -4.11
CA ILE F 333 -9.40 36.64 -5.02
C ILE F 333 -8.84 37.62 -6.05
N SER F 334 -7.52 37.63 -6.21
CA SER F 334 -6.87 38.55 -7.13
C SER F 334 -7.11 38.14 -8.56
N THR F 335 -7.61 39.08 -9.40
CA THR F 335 -7.82 38.83 -10.84
C THR F 335 -6.78 39.56 -11.73
N ASP F 336 -5.81 40.24 -11.11
CA ASP F 336 -4.83 41.00 -11.85
C ASP F 336 -3.60 40.20 -12.21
N ASP F 337 -2.93 40.64 -13.27
CA ASP F 337 -1.66 40.05 -13.67
C ASP F 337 -0.60 40.50 -12.67
N VAL F 338 0.53 39.76 -12.63
CA VAL F 338 1.63 40.13 -11.75
C VAL F 338 2.92 39.84 -12.50
N VAL F 339 3.91 40.72 -12.37
CA VAL F 339 5.26 40.45 -12.87
C VAL F 339 6.18 40.40 -11.64
N ALA F 340 6.99 39.35 -11.49
CA ALA F 340 7.95 39.27 -10.37
C ALA F 340 9.34 39.32 -10.94
N LEU F 341 10.24 40.04 -10.27
CA LEU F 341 11.65 40.09 -10.63
C LEU F 341 12.40 39.73 -9.37
N GLY F 342 13.31 38.75 -9.46
CA GLY F 342 14.04 38.31 -8.27
C GLY F 342 15.51 38.08 -8.51
N LEU F 343 16.29 38.32 -7.46
CA LEU F 343 17.74 38.09 -7.48
C LEU F 343 18.01 37.32 -6.20
N VAL F 344 18.49 36.08 -6.33
CA VAL F 344 18.56 35.17 -5.18
C VAL F 344 19.95 34.65 -4.91
N TYR F 345 20.40 34.84 -3.67
CA TYR F 345 21.64 34.25 -3.20
C TYR F 345 21.18 33.04 -2.35
N GLN F 346 21.75 31.87 -2.60
CA GLN F 346 21.39 30.66 -1.87
C GLN F 346 22.57 30.05 -1.20
N PHE F 347 22.35 29.39 -0.06
CA PHE F 347 23.42 28.68 0.61
C PHE F 347 22.96 27.27 1.03
#